data_7LOA
# 
_entry.id   7LOA 
# 
_audit_conform.dict_name       mmcif_pdbx.dic 
_audit_conform.dict_version    5.380 
_audit_conform.dict_location   http://mmcif.pdb.org/dictionaries/ascii/mmcif_pdbx.dic 
# 
loop_
_database_2.database_id 
_database_2.database_code 
_database_2.pdbx_database_accession 
_database_2.pdbx_DOI 
PDB   7LOA         pdb_00007loa 10.2210/pdb7loa/pdb 
WWPDB D_1000254442 ?            ?                   
# 
_pdbx_database_status.status_code                     REL 
_pdbx_database_status.status_code_sf                  REL 
_pdbx_database_status.status_code_mr                  ? 
_pdbx_database_status.entry_id                        7LOA 
_pdbx_database_status.recvd_initial_deposition_date   2021-02-09 
_pdbx_database_status.SG_entry                        N 
_pdbx_database_status.deposit_site                    RCSB 
_pdbx_database_status.process_site                    RCSB 
_pdbx_database_status.status_code_cs                  ? 
_pdbx_database_status.status_code_nmr_data            ? 
_pdbx_database_status.methods_development_category    ? 
_pdbx_database_status.pdb_format_compatible           Y 
# 
loop_
_audit_author.name 
_audit_author.pdbx_ordinal 
_audit_author.identifier_ORCID 
'Kamenik, A.S.'  1 ? 
'Singh, I.'      2 ? 
'Lak, P.'        3 ? 
'Balius, T.E.'   4 ? 
'Liedl, K.R.'    5 ? 
'Shoichet, B.K.' 6 ? 
# 
_citation.abstract                  ? 
_citation.abstract_id_CAS           ? 
_citation.book_id_ISBN              ? 
_citation.book_publisher            ? 
_citation.book_publisher_city       ? 
_citation.book_title                ? 
_citation.coordinate_linkage        ? 
_citation.country                   US 
_citation.database_id_Medline       ? 
_citation.details                   ? 
_citation.id                        primary 
_citation.journal_abbrev            Proc.Natl.Acad.Sci.USA 
_citation.journal_id_ASTM           PNASA6 
_citation.journal_id_CSD            0040 
_citation.journal_id_ISSN           1091-6490 
_citation.journal_full              ? 
_citation.journal_issue             ? 
_citation.journal_volume            118 
_citation.language                  ? 
_citation.page_first                ? 
_citation.page_last                 ? 
_citation.title                     'Energy penalties enhance flexible receptor docking in a model cavity.' 
_citation.year                      2021 
_citation.database_id_CSD           ? 
_citation.pdbx_database_id_DOI      10.1073/pnas.2106195118 
_citation.pdbx_database_id_PubMed   34475217 
_citation.pdbx_database_id_patent   ? 
_citation.unpublished_flag          ? 
# 
loop_
_citation_author.citation_id 
_citation_author.name 
_citation_author.ordinal 
_citation_author.identifier_ORCID 
primary 'Kamenik, A.S.'  1 0000-0001-8657-0036 
primary 'Singh, I.'      2 ?                   
primary 'Lak, P.'        3 ?                   
primary 'Balius, T.E.'   4 0000-0002-6811-4667 
primary 'Liedl, K.R.'    5 ?                   
primary 'Shoichet, B.K.' 6 0000-0002-6098-7367 
# 
_cell.angle_alpha                  90.000 
_cell.angle_alpha_esd              ? 
_cell.angle_beta                   90.000 
_cell.angle_beta_esd               ? 
_cell.angle_gamma                  120.000 
_cell.angle_gamma_esd              ? 
_cell.entry_id                     7LOA 
_cell.details                      ? 
_cell.formula_units_Z              ? 
_cell.length_a                     60.057 
_cell.length_a_esd                 ? 
_cell.length_b                     60.057 
_cell.length_b_esd                 ? 
_cell.length_c                     96.276 
_cell.length_c_esd                 ? 
_cell.volume                       ? 
_cell.volume_esd                   ? 
_cell.Z_PDB                        6 
_cell.reciprocal_angle_alpha       ? 
_cell.reciprocal_angle_beta        ? 
_cell.reciprocal_angle_gamma       ? 
_cell.reciprocal_angle_alpha_esd   ? 
_cell.reciprocal_angle_beta_esd    ? 
_cell.reciprocal_angle_gamma_esd   ? 
_cell.reciprocal_length_a          ? 
_cell.reciprocal_length_b          ? 
_cell.reciprocal_length_c          ? 
_cell.reciprocal_length_a_esd      ? 
_cell.reciprocal_length_b_esd      ? 
_cell.reciprocal_length_c_esd      ? 
_cell.pdbx_unique_axis             ? 
# 
_symmetry.entry_id                         7LOA 
_symmetry.cell_setting                     ? 
_symmetry.Int_Tables_number                154 
_symmetry.space_group_name_Hall            ? 
_symmetry.space_group_name_H-M             'P 32 2 1' 
_symmetry.pdbx_full_space_group_name_H-M   ? 
# 
loop_
_entity.id 
_entity.type 
_entity.src_method 
_entity.pdbx_description 
_entity.formula_weight 
_entity.pdbx_number_of_molecules 
_entity.pdbx_ec 
_entity.pdbx_mutation 
_entity.pdbx_fragment 
_entity.details 
1 polymer     man Lysozyme                                 19691.541 1   3.2.1.17 ? ? ? 
2 non-polymer syn 1-fluoranyl-3-iodanyl-benzene            221.999   1   ?        ? ? ? 
3 non-polymer syn BETA-MERCAPTOETHANOL                     78.133    3   ?        ? ? ? 
4 non-polymer syn 2-AMINO-2-HYDROXYMETHYL-PROPANE-1,3-DIOL 122.143   1   ?        ? ? ? 
5 water       nat water                                    18.015    122 ?        ? ? ? 
# 
_entity_name_com.entity_id   1 
_entity_name_com.name        'Endolysin,Lysis protein,Muramidase' 
# 
_entity_poly.entity_id                      1 
_entity_poly.type                           'polypeptide(L)' 
_entity_poly.nstd_linkage                   no 
_entity_poly.nstd_monomer                   no 
_entity_poly.pdbx_seq_one_letter_code       
;MNIFEMLRIDEGLRLKIYKDTEGYYTIGIGHLLTKSPSLNAAKSELDKAIGRNCNGVITKDEAEKLFNQDVDAAVRGILR
NAKLKPVYDSLDAVRRCAAINMVFQMGETGVAGFTNSLRMLQQKRWDEAAVNLAKSRWYNQTPNRAKRVITTFRTGTWDA
YKNLLEHHHHHH
;
_entity_poly.pdbx_seq_one_letter_code_can   
;MNIFEMLRIDEGLRLKIYKDTEGYYTIGIGHLLTKSPSLNAAKSELDKAIGRNCNGVITKDEAEKLFNQDVDAAVRGILR
NAKLKPVYDSLDAVRRCAAINMVFQMGETGVAGFTNSLRMLQQKRWDEAAVNLAKSRWYNQTPNRAKRVITTFRTGTWDA
YKNLLEHHHHHH
;
_entity_poly.pdbx_strand_id                 A 
_entity_poly.pdbx_target_identifier         ? 
# 
loop_
_entity_poly_seq.entity_id 
_entity_poly_seq.num 
_entity_poly_seq.mon_id 
_entity_poly_seq.hetero 
1 1   MET n 
1 2   ASN n 
1 3   ILE n 
1 4   PHE n 
1 5   GLU n 
1 6   MET n 
1 7   LEU n 
1 8   ARG n 
1 9   ILE n 
1 10  ASP n 
1 11  GLU n 
1 12  GLY n 
1 13  LEU n 
1 14  ARG n 
1 15  LEU n 
1 16  LYS n 
1 17  ILE n 
1 18  TYR n 
1 19  LYS n 
1 20  ASP n 
1 21  THR n 
1 22  GLU n 
1 23  GLY n 
1 24  TYR n 
1 25  TYR n 
1 26  THR n 
1 27  ILE n 
1 28  GLY n 
1 29  ILE n 
1 30  GLY n 
1 31  HIS n 
1 32  LEU n 
1 33  LEU n 
1 34  THR n 
1 35  LYS n 
1 36  SER n 
1 37  PRO n 
1 38  SER n 
1 39  LEU n 
1 40  ASN n 
1 41  ALA n 
1 42  ALA n 
1 43  LYS n 
1 44  SER n 
1 45  GLU n 
1 46  LEU n 
1 47  ASP n 
1 48  LYS n 
1 49  ALA n 
1 50  ILE n 
1 51  GLY n 
1 52  ARG n 
1 53  ASN n 
1 54  CYS n 
1 55  ASN n 
1 56  GLY n 
1 57  VAL n 
1 58  ILE n 
1 59  THR n 
1 60  LYS n 
1 61  ASP n 
1 62  GLU n 
1 63  ALA n 
1 64  GLU n 
1 65  LYS n 
1 66  LEU n 
1 67  PHE n 
1 68  ASN n 
1 69  GLN n 
1 70  ASP n 
1 71  VAL n 
1 72  ASP n 
1 73  ALA n 
1 74  ALA n 
1 75  VAL n 
1 76  ARG n 
1 77  GLY n 
1 78  ILE n 
1 79  LEU n 
1 80  ARG n 
1 81  ASN n 
1 82  ALA n 
1 83  LYS n 
1 84  LEU n 
1 85  LYS n 
1 86  PRO n 
1 87  VAL n 
1 88  TYR n 
1 89  ASP n 
1 90  SER n 
1 91  LEU n 
1 92  ASP n 
1 93  ALA n 
1 94  VAL n 
1 95  ARG n 
1 96  ARG n 
1 97  CYS n 
1 98  ALA n 
1 99  ALA n 
1 100 ILE n 
1 101 ASN n 
1 102 MET n 
1 103 VAL n 
1 104 PHE n 
1 105 GLN n 
1 106 MET n 
1 107 GLY n 
1 108 GLU n 
1 109 THR n 
1 110 GLY n 
1 111 VAL n 
1 112 ALA n 
1 113 GLY n 
1 114 PHE n 
1 115 THR n 
1 116 ASN n 
1 117 SER n 
1 118 LEU n 
1 119 ARG n 
1 120 MET n 
1 121 LEU n 
1 122 GLN n 
1 123 GLN n 
1 124 LYS n 
1 125 ARG n 
1 126 TRP n 
1 127 ASP n 
1 128 GLU n 
1 129 ALA n 
1 130 ALA n 
1 131 VAL n 
1 132 ASN n 
1 133 LEU n 
1 134 ALA n 
1 135 LYS n 
1 136 SER n 
1 137 ARG n 
1 138 TRP n 
1 139 TYR n 
1 140 ASN n 
1 141 GLN n 
1 142 THR n 
1 143 PRO n 
1 144 ASN n 
1 145 ARG n 
1 146 ALA n 
1 147 LYS n 
1 148 ARG n 
1 149 VAL n 
1 150 ILE n 
1 151 THR n 
1 152 THR n 
1 153 PHE n 
1 154 ARG n 
1 155 THR n 
1 156 GLY n 
1 157 THR n 
1 158 TRP n 
1 159 ASP n 
1 160 ALA n 
1 161 TYR n 
1 162 LYS n 
1 163 ASN n 
1 164 LEU n 
1 165 LEU n 
1 166 GLU n 
1 167 HIS n 
1 168 HIS n 
1 169 HIS n 
1 170 HIS n 
1 171 HIS n 
1 172 HIS n 
# 
_entity_src_gen.entity_id                          1 
_entity_src_gen.pdbx_src_id                        1 
_entity_src_gen.pdbx_alt_source_flag               sample 
_entity_src_gen.pdbx_seq_type                      'Biological sequence' 
_entity_src_gen.pdbx_beg_seq_num                   1 
_entity_src_gen.pdbx_end_seq_num                   172 
_entity_src_gen.gene_src_common_name               'Bacteriophage T4' 
_entity_src_gen.gene_src_genus                     ? 
_entity_src_gen.pdbx_gene_src_gene                 'e, T4Tp126' 
_entity_src_gen.gene_src_species                   ? 
_entity_src_gen.gene_src_strain                    ? 
_entity_src_gen.gene_src_tissue                    ? 
_entity_src_gen.gene_src_tissue_fraction           ? 
_entity_src_gen.gene_src_details                   ? 
_entity_src_gen.pdbx_gene_src_fragment             ? 
_entity_src_gen.pdbx_gene_src_scientific_name      'Enterobacteria phage T4' 
_entity_src_gen.pdbx_gene_src_ncbi_taxonomy_id     10665 
_entity_src_gen.pdbx_gene_src_variant              ? 
_entity_src_gen.pdbx_gene_src_cell_line            ? 
_entity_src_gen.pdbx_gene_src_atcc                 ? 
_entity_src_gen.pdbx_gene_src_organ                ? 
_entity_src_gen.pdbx_gene_src_organelle            ? 
_entity_src_gen.pdbx_gene_src_cell                 ? 
_entity_src_gen.pdbx_gene_src_cellular_location    ? 
_entity_src_gen.host_org_common_name               ? 
_entity_src_gen.pdbx_host_org_scientific_name      
;Escherichia coli 'BL21-Gold(DE3)pLysS AG'
;
_entity_src_gen.pdbx_host_org_ncbi_taxonomy_id     866768 
_entity_src_gen.host_org_genus                     ? 
_entity_src_gen.pdbx_host_org_gene                 ? 
_entity_src_gen.pdbx_host_org_organ                ? 
_entity_src_gen.host_org_species                   ? 
_entity_src_gen.pdbx_host_org_tissue               ? 
_entity_src_gen.pdbx_host_org_tissue_fraction      ? 
_entity_src_gen.pdbx_host_org_strain               ? 
_entity_src_gen.pdbx_host_org_variant              ? 
_entity_src_gen.pdbx_host_org_cell_line            ? 
_entity_src_gen.pdbx_host_org_atcc                 ? 
_entity_src_gen.pdbx_host_org_culture_collection   ? 
_entity_src_gen.pdbx_host_org_cell                 ? 
_entity_src_gen.pdbx_host_org_organelle            ? 
_entity_src_gen.pdbx_host_org_cellular_location    ? 
_entity_src_gen.pdbx_host_org_vector_type          ? 
_entity_src_gen.pdbx_host_org_vector               ? 
_entity_src_gen.host_org_details                   ? 
_entity_src_gen.expression_system_id               ? 
_entity_src_gen.plasmid_name                       ? 
_entity_src_gen.plasmid_details                    ? 
_entity_src_gen.pdbx_description                   ? 
# 
_struct_ref.id                         1 
_struct_ref.db_name                    UNP 
_struct_ref.db_code                    D9IEF7_BPT4 
_struct_ref.pdbx_db_accession          D9IEF7 
_struct_ref.pdbx_db_isoform            ? 
_struct_ref.entity_id                  1 
_struct_ref.pdbx_seq_one_letter_code   
;MNIFEMLRIDEGLRLKIYKDTEGYYTIGIGHLLTKSPSLNAAKSELDKAIGRNCNGVITKDEAEKLFNQDVDAAVRGILR
NAKLKPVYDSLDAVRRCALINMVFQMGETGVAGFTNSLRMLQQKRWDEAAVNLAKSRWYNQTPNRAKRVITTFRTGTWDA
YKNL
;
_struct_ref.pdbx_align_begin           1 
# 
_struct_ref_seq.align_id                      1 
_struct_ref_seq.ref_id                        1 
_struct_ref_seq.pdbx_PDB_id_code              7LOA 
_struct_ref_seq.pdbx_strand_id                A 
_struct_ref_seq.seq_align_beg                 1 
_struct_ref_seq.pdbx_seq_align_beg_ins_code   ? 
_struct_ref_seq.seq_align_end                 164 
_struct_ref_seq.pdbx_seq_align_end_ins_code   ? 
_struct_ref_seq.pdbx_db_accession             D9IEF7 
_struct_ref_seq.db_align_beg                  1 
_struct_ref_seq.pdbx_db_align_beg_ins_code    ? 
_struct_ref_seq.db_align_end                  164 
_struct_ref_seq.pdbx_db_align_end_ins_code    ? 
_struct_ref_seq.pdbx_auth_seq_align_beg       1 
_struct_ref_seq.pdbx_auth_seq_align_end       164 
# 
loop_
_struct_ref_seq_dif.align_id 
_struct_ref_seq_dif.pdbx_pdb_id_code 
_struct_ref_seq_dif.mon_id 
_struct_ref_seq_dif.pdbx_pdb_strand_id 
_struct_ref_seq_dif.seq_num 
_struct_ref_seq_dif.pdbx_pdb_ins_code 
_struct_ref_seq_dif.pdbx_seq_db_name 
_struct_ref_seq_dif.pdbx_seq_db_accession_code 
_struct_ref_seq_dif.db_mon_id 
_struct_ref_seq_dif.pdbx_seq_db_seq_num 
_struct_ref_seq_dif.details 
_struct_ref_seq_dif.pdbx_auth_seq_num 
_struct_ref_seq_dif.pdbx_ordinal 
1 7LOA ALA A 99  ? UNP D9IEF7 LEU 99 'engineered mutation' 99  1 
1 7LOA LEU A 165 ? UNP D9IEF7 ?   ?  'expression tag'      165 2 
1 7LOA GLU A 166 ? UNP D9IEF7 ?   ?  'expression tag'      166 3 
1 7LOA HIS A 167 ? UNP D9IEF7 ?   ?  'expression tag'      167 4 
1 7LOA HIS A 168 ? UNP D9IEF7 ?   ?  'expression tag'      168 5 
1 7LOA HIS A 169 ? UNP D9IEF7 ?   ?  'expression tag'      169 6 
1 7LOA HIS A 170 ? UNP D9IEF7 ?   ?  'expression tag'      170 7 
1 7LOA HIS A 171 ? UNP D9IEF7 ?   ?  'expression tag'      171 8 
1 7LOA HIS A 172 ? UNP D9IEF7 ?   ?  'expression tag'      172 9 
# 
loop_
_chem_comp.id 
_chem_comp.type 
_chem_comp.mon_nstd_flag 
_chem_comp.name 
_chem_comp.pdbx_synonyms 
_chem_comp.formula 
_chem_comp.formula_weight 
ALA 'L-peptide linking' y ALANINE                                  ?             'C3 H7 N O2'     89.093  
ARG 'L-peptide linking' y ARGININE                                 ?             'C6 H15 N4 O2 1' 175.209 
ASN 'L-peptide linking' y ASPARAGINE                               ?             'C4 H8 N2 O3'    132.118 
ASP 'L-peptide linking' y 'ASPARTIC ACID'                          ?             'C4 H7 N O4'     133.103 
BME non-polymer         . BETA-MERCAPTOETHANOL                     ?             'C2 H6 O S'      78.133  
CYS 'L-peptide linking' y CYSTEINE                                 ?             'C3 H7 N O2 S'   121.158 
GLN 'L-peptide linking' y GLUTAMINE                                ?             'C5 H10 N2 O3'   146.144 
GLU 'L-peptide linking' y 'GLUTAMIC ACID'                          ?             'C5 H9 N O4'     147.129 
GLY 'peptide linking'   y GLYCINE                                  ?             'C2 H5 N O2'     75.067  
HIS 'L-peptide linking' y HISTIDINE                                ?             'C6 H10 N3 O2 1' 156.162 
HOH non-polymer         . WATER                                    ?             'H2 O'           18.015  
ILE 'L-peptide linking' y ISOLEUCINE                               ?             'C6 H13 N O2'    131.173 
LEU 'L-peptide linking' y LEUCINE                                  ?             'C6 H13 N O2'    131.173 
LYS 'L-peptide linking' y LYSINE                                   ?             'C6 H15 N2 O2 1' 147.195 
MET 'L-peptide linking' y METHIONINE                               ?             'C5 H11 N O2 S'  149.211 
PHE 'L-peptide linking' y PHENYLALANINE                            ?             'C9 H11 N O2'    165.189 
PRO 'L-peptide linking' y PROLINE                                  ?             'C5 H9 N O2'     115.130 
SER 'L-peptide linking' y SERINE                                   ?             'C3 H7 N O3'     105.093 
THR 'L-peptide linking' y THREONINE                                ?             'C4 H9 N O3'     119.119 
TRP 'L-peptide linking' y TRYPTOPHAN                               ?             'C11 H12 N2 O2'  204.225 
TRS non-polymer         . 2-AMINO-2-HYDROXYMETHYL-PROPANE-1,3-DIOL 'TRIS BUFFER' 'C4 H12 N O3 1'  122.143 
TYR 'L-peptide linking' y TYROSINE                                 ?             'C9 H11 N O3'    181.189 
VAL 'L-peptide linking' y VALINE                                   ?             'C5 H11 N O2'    117.146 
Y7V non-polymer         . 1-fluoranyl-3-iodanyl-benzene            ?             'C6 H4 F I'      221.999 
# 
_exptl.absorpt_coefficient_mu     ? 
_exptl.absorpt_correction_T_max   ? 
_exptl.absorpt_correction_T_min   ? 
_exptl.absorpt_correction_type    ? 
_exptl.absorpt_process_details    ? 
_exptl.entry_id                   7LOA 
_exptl.crystals_number            1 
_exptl.details                    ? 
_exptl.method                     'X-RAY DIFFRACTION' 
_exptl.method_details             ? 
# 
_exptl_crystal.colour                      ? 
_exptl_crystal.density_diffrn              ? 
_exptl_crystal.density_Matthews            2.55 
_exptl_crystal.density_method              ? 
_exptl_crystal.density_percent_sol         51.68 
_exptl_crystal.description                 ? 
_exptl_crystal.F_000                       ? 
_exptl_crystal.id                          1 
_exptl_crystal.preparation                 ? 
_exptl_crystal.size_max                    ? 
_exptl_crystal.size_mid                    ? 
_exptl_crystal.size_min                    ? 
_exptl_crystal.size_rad                    ? 
_exptl_crystal.colour_lustre               ? 
_exptl_crystal.colour_modifier             ? 
_exptl_crystal.colour_primary              ? 
_exptl_crystal.density_meas                ? 
_exptl_crystal.density_meas_esd            ? 
_exptl_crystal.density_meas_gt             ? 
_exptl_crystal.density_meas_lt             ? 
_exptl_crystal.density_meas_temp           ? 
_exptl_crystal.density_meas_temp_esd       ? 
_exptl_crystal.density_meas_temp_gt        ? 
_exptl_crystal.density_meas_temp_lt        ? 
_exptl_crystal.pdbx_crystal_image_url      ? 
_exptl_crystal.pdbx_crystal_image_format   ? 
_exptl_crystal.pdbx_mosaicity              ? 
_exptl_crystal.pdbx_mosaicity_esd          ? 
# 
_exptl_crystal_grow.apparatus       ? 
_exptl_crystal_grow.atmosphere      ? 
_exptl_crystal_grow.crystal_id      1 
_exptl_crystal_grow.details         ? 
_exptl_crystal_grow.method          'VAPOR DIFFUSION, HANGING DROP' 
_exptl_crystal_grow.method_ref      ? 
_exptl_crystal_grow.pH              8.0 
_exptl_crystal_grow.pressure        ? 
_exptl_crystal_grow.pressure_esd    ? 
_exptl_crystal_grow.seeding         ? 
_exptl_crystal_grow.seeding_ref     ? 
_exptl_crystal_grow.temp            294 
_exptl_crystal_grow.temp_details    ? 
_exptl_crystal_grow.temp_esd        ? 
_exptl_crystal_grow.time            ? 
_exptl_crystal_grow.pdbx_details    'Isopropanol, PEG 4000, Tris-Cl pH 8.0, Beta-mercaptoethanol,  2-hyrdoxyethyl disulfide' 
_exptl_crystal_grow.pdbx_pH_range   ? 
# 
_diffrn.ambient_environment              ? 
_diffrn.ambient_temp                     100 
_diffrn.ambient_temp_details             ? 
_diffrn.ambient_temp_esd                 ? 
_diffrn.crystal_id                       1 
_diffrn.crystal_support                  ? 
_diffrn.crystal_treatment                ? 
_diffrn.details                          ? 
_diffrn.id                               1 
_diffrn.ambient_pressure                 ? 
_diffrn.ambient_pressure_esd             ? 
_diffrn.ambient_pressure_gt              ? 
_diffrn.ambient_pressure_lt              ? 
_diffrn.ambient_temp_gt                  ? 
_diffrn.ambient_temp_lt                  ? 
_diffrn.pdbx_serial_crystal_experiment   N 
# 
_diffrn_detector.details                      ? 
_diffrn_detector.detector                     PIXEL 
_diffrn_detector.diffrn_id                    1 
_diffrn_detector.type                         'DECTRIS PILATUS3 S 6M' 
_diffrn_detector.area_resol_mean              ? 
_diffrn_detector.dtime                        ? 
_diffrn_detector.pdbx_frames_total            ? 
_diffrn_detector.pdbx_collection_time_total   ? 
_diffrn_detector.pdbx_collection_date         2020-11-24 
_diffrn_detector.pdbx_frequency               ? 
# 
_diffrn_radiation.collimation                      ? 
_diffrn_radiation.diffrn_id                        1 
_diffrn_radiation.filter_edge                      ? 
_diffrn_radiation.inhomogeneity                    ? 
_diffrn_radiation.monochromator                    M 
_diffrn_radiation.polarisn_norm                    ? 
_diffrn_radiation.polarisn_ratio                   ? 
_diffrn_radiation.probe                            ? 
_diffrn_radiation.type                             ? 
_diffrn_radiation.xray_symbol                      ? 
_diffrn_radiation.wavelength_id                    1 
_diffrn_radiation.pdbx_monochromatic_or_laue_m_l   M 
_diffrn_radiation.pdbx_wavelength_list             ? 
_diffrn_radiation.pdbx_wavelength                  ? 
_diffrn_radiation.pdbx_diffrn_protocol             'SINGLE WAVELENGTH' 
_diffrn_radiation.pdbx_analyzer                    ? 
_diffrn_radiation.pdbx_scattering_type             x-ray 
# 
_diffrn_radiation_wavelength.id           1 
_diffrn_radiation_wavelength.wavelength   0.95386 
_diffrn_radiation_wavelength.wt           1.0 
# 
_diffrn_source.current                     ? 
_diffrn_source.details                     ? 
_diffrn_source.diffrn_id                   1 
_diffrn_source.power                       ? 
_diffrn_source.size                        ? 
_diffrn_source.source                      SYNCHROTRON 
_diffrn_source.target                      ? 
_diffrn_source.type                        'ALS BEAMLINE 8.3.1' 
_diffrn_source.voltage                     ? 
_diffrn_source.take-off_angle              ? 
_diffrn_source.pdbx_wavelength_list        0.95386 
_diffrn_source.pdbx_wavelength             ? 
_diffrn_source.pdbx_synchrotron_beamline   8.3.1 
_diffrn_source.pdbx_synchrotron_site       ALS 
# 
_reflns.B_iso_Wilson_estimate            13.480 
_reflns.entry_id                         7LOA 
_reflns.data_reduction_details           ? 
_reflns.data_reduction_method            ? 
_reflns.d_resolution_high                1.070 
_reflns.d_resolution_low                 52.0110 
_reflns.details                          ? 
_reflns.limit_h_max                      ? 
_reflns.limit_h_min                      ? 
_reflns.limit_k_max                      ? 
_reflns.limit_k_min                      ? 
_reflns.limit_l_max                      ? 
_reflns.limit_l_min                      ? 
_reflns.number_all                       ? 
_reflns.number_obs                       88670 
_reflns.observed_criterion               ? 
_reflns.observed_criterion_F_max         ? 
_reflns.observed_criterion_F_min         ? 
_reflns.observed_criterion_I_max         ? 
_reflns.observed_criterion_I_min         ? 
_reflns.observed_criterion_sigma_F       ? 
_reflns.observed_criterion_sigma_I       ? 
_reflns.percent_possible_obs             99.500 
_reflns.R_free_details                   ? 
_reflns.Rmerge_F_all                     ? 
_reflns.Rmerge_F_obs                     ? 
_reflns.Friedel_coverage                 ? 
_reflns.number_gt                        ? 
_reflns.threshold_expression             ? 
_reflns.pdbx_redundancy                  18.700 
_reflns.pdbx_Rmerge_I_obs                0.053 
_reflns.pdbx_Rmerge_I_all                ? 
_reflns.pdbx_Rsym_value                  ? 
_reflns.pdbx_netI_over_av_sigmaI         ? 
_reflns.pdbx_netI_over_sigmaI            23.400 
_reflns.pdbx_res_netI_over_av_sigmaI_2   ? 
_reflns.pdbx_res_netI_over_sigmaI_2      ? 
_reflns.pdbx_chi_squared                 ? 
_reflns.pdbx_scaling_rejects             ? 
_reflns.pdbx_d_res_high_opt              ? 
_reflns.pdbx_d_res_low_opt               ? 
_reflns.pdbx_d_res_opt_method            ? 
_reflns.phase_calculation_details        ? 
_reflns.pdbx_Rrim_I_all                  0.055 
_reflns.pdbx_Rpim_I_all                  0.013 
_reflns.pdbx_d_opt                       ? 
_reflns.pdbx_number_measured_all         ? 
_reflns.pdbx_diffrn_id                   1 
_reflns.pdbx_ordinal                     1 
_reflns.pdbx_CC_half                     1.000 
_reflns.pdbx_CC_star                     ? 
_reflns.pdbx_R_split                     ? 
# 
loop_
_reflns_shell.d_res_high 
_reflns_shell.d_res_low 
_reflns_shell.meanI_over_sigI_all 
_reflns_shell.meanI_over_sigI_obs 
_reflns_shell.number_measured_all 
_reflns_shell.number_measured_obs 
_reflns_shell.number_possible 
_reflns_shell.number_unique_all 
_reflns_shell.number_unique_obs 
_reflns_shell.percent_possible_all 
_reflns_shell.percent_possible_obs 
_reflns_shell.Rmerge_F_all 
_reflns_shell.Rmerge_F_obs 
_reflns_shell.Rmerge_I_all 
_reflns_shell.Rmerge_I_obs 
_reflns_shell.meanI_over_sigI_gt 
_reflns_shell.meanI_over_uI_all 
_reflns_shell.meanI_over_uI_gt 
_reflns_shell.number_measured_gt 
_reflns_shell.number_unique_gt 
_reflns_shell.percent_possible_gt 
_reflns_shell.Rmerge_F_gt 
_reflns_shell.Rmerge_I_gt 
_reflns_shell.pdbx_redundancy 
_reflns_shell.pdbx_Rsym_value 
_reflns_shell.pdbx_chi_squared 
_reflns_shell.pdbx_netI_over_sigmaI_all 
_reflns_shell.pdbx_netI_over_sigmaI_obs 
_reflns_shell.pdbx_Rrim_I_all 
_reflns_shell.pdbx_Rpim_I_all 
_reflns_shell.pdbx_rejects 
_reflns_shell.pdbx_ordinal 
_reflns_shell.pdbx_diffrn_id 
_reflns_shell.pdbx_CC_half 
_reflns_shell.pdbx_CC_star 
_reflns_shell.pdbx_R_split 
1.070 1.090   ? ? ? ? ? ? 4193 96.500 ? ? ? ? 2.732 ? ? ? ? ? ? ? ? 12.300 ? ? ? ? 2.851 0.793 ? 1 1 0.367 ? ? 
5.860 52.0110 ? ? ? ? ? ? 647  99.900 ? ? ? ? 0.023 ? ? ? ? ? ? ? ? 17.600 ? ? ? ? 0.023 0.005 ? 2 1 1.000 ? ? 
# 
_refine.aniso_B[1][1]                            ? 
_refine.aniso_B[1][2]                            ? 
_refine.aniso_B[1][3]                            ? 
_refine.aniso_B[2][2]                            ? 
_refine.aniso_B[2][3]                            ? 
_refine.aniso_B[3][3]                            ? 
_refine.B_iso_max                                79.530 
_refine.B_iso_mean                               16.6937 
_refine.B_iso_min                                6.340 
_refine.correlation_coeff_Fo_to_Fc               ? 
_refine.correlation_coeff_Fo_to_Fc_free          ? 
_refine.details                                  ? 
_refine.diff_density_max                         ? 
_refine.diff_density_max_esd                     ? 
_refine.diff_density_min                         ? 
_refine.diff_density_min_esd                     ? 
_refine.diff_density_rms                         ? 
_refine.diff_density_rms_esd                     ? 
_refine.entry_id                                 7LOA 
_refine.pdbx_refine_id                           'X-RAY DIFFRACTION' 
_refine.ls_abs_structure_details                 ? 
_refine.ls_abs_structure_Flack                   ? 
_refine.ls_abs_structure_Flack_esd               ? 
_refine.ls_abs_structure_Rogers                  ? 
_refine.ls_abs_structure_Rogers_esd              ? 
_refine.ls_d_res_high                            1.0700 
_refine.ls_d_res_low                             52.01 
_refine.ls_extinction_coef                       ? 
_refine.ls_extinction_coef_esd                   ? 
_refine.ls_extinction_expression                 ? 
_refine.ls_extinction_method                     ? 
_refine.ls_goodness_of_fit_all                   ? 
_refine.ls_goodness_of_fit_all_esd               ? 
_refine.ls_goodness_of_fit_obs                   ? 
_refine.ls_goodness_of_fit_obs_esd               ? 
_refine.ls_hydrogen_treatment                    ? 
_refine.ls_matrix_type                           ? 
_refine.ls_number_constraints                    ? 
_refine.ls_number_parameters                     ? 
_refine.ls_number_reflns_all                     ? 
_refine.ls_number_reflns_obs                     88609 
_refine.ls_number_reflns_R_free                  4481 
_refine.ls_number_reflns_R_work                  84128 
_refine.ls_number_restraints                     ? 
_refine.ls_percent_reflns_obs                    99.4300 
_refine.ls_percent_reflns_R_free                 5.0600 
_refine.ls_R_factor_all                          ? 
_refine.ls_R_factor_obs                          0.2124 
_refine.ls_R_factor_R_free                       0.2186 
_refine.ls_R_factor_R_free_error                 ? 
_refine.ls_R_factor_R_free_error_details         ? 
_refine.ls_R_factor_R_work                       0.2120 
_refine.ls_R_Fsqd_factor_obs                     ? 
_refine.ls_R_I_factor_obs                        ? 
_refine.ls_redundancy_reflns_all                 ? 
_refine.ls_redundancy_reflns_obs                 ? 
_refine.ls_restrained_S_all                      ? 
_refine.ls_restrained_S_obs                      ? 
_refine.ls_shift_over_esd_max                    ? 
_refine.ls_shift_over_esd_mean                   ? 
_refine.ls_structure_factor_coef                 ? 
_refine.ls_weighting_details                     ? 
_refine.ls_weighting_scheme                      ? 
_refine.ls_wR_factor_all                         ? 
_refine.ls_wR_factor_obs                         ? 
_refine.ls_wR_factor_R_free                      ? 
_refine.ls_wR_factor_R_work                      ? 
_refine.occupancy_max                            ? 
_refine.occupancy_min                            ? 
_refine.solvent_model_details                    'FLAT BULK SOLVENT MODEL' 
_refine.solvent_model_param_bsol                 ? 
_refine.solvent_model_param_ksol                 ? 
_refine.pdbx_R_complete                          ? 
_refine.ls_R_factor_gt                           ? 
_refine.ls_goodness_of_fit_gt                    ? 
_refine.ls_goodness_of_fit_ref                   ? 
_refine.ls_shift_over_su_max                     ? 
_refine.ls_shift_over_su_max_lt                  ? 
_refine.ls_shift_over_su_mean                    ? 
_refine.ls_shift_over_su_mean_lt                 ? 
_refine.pdbx_ls_sigma_I                          ? 
_refine.pdbx_ls_sigma_F                          1.330 
_refine.pdbx_ls_sigma_Fsqd                       ? 
_refine.pdbx_data_cutoff_high_absF               ? 
_refine.pdbx_data_cutoff_high_rms_absF           ? 
_refine.pdbx_data_cutoff_low_absF                ? 
_refine.pdbx_isotropic_thermal_model             ? 
_refine.pdbx_ls_cross_valid_method               THROUGHOUT 
_refine.pdbx_method_to_determine_struct          'MOLECULAR REPLACEMENT' 
_refine.pdbx_starting_model                      4W57 
_refine.pdbx_stereochemistry_target_values       ML 
_refine.pdbx_R_Free_selection_details            ? 
_refine.pdbx_stereochem_target_val_spec_case     ? 
_refine.pdbx_overall_ESU_R                       ? 
_refine.pdbx_overall_ESU_R_Free                  ? 
_refine.pdbx_solvent_vdw_probe_radii             1.1100 
_refine.pdbx_solvent_ion_probe_radii             ? 
_refine.pdbx_solvent_shrinkage_radii             0.9000 
_refine.pdbx_real_space_R                        ? 
_refine.pdbx_density_correlation                 ? 
_refine.pdbx_pd_number_of_powder_patterns        ? 
_refine.pdbx_pd_number_of_points                 ? 
_refine.pdbx_pd_meas_number_of_points            ? 
_refine.pdbx_pd_proc_ls_prof_R_factor            ? 
_refine.pdbx_pd_proc_ls_prof_wR_factor           ? 
_refine.pdbx_pd_Marquardt_correlation_coeff      ? 
_refine.pdbx_pd_Fsqrd_R_factor                   ? 
_refine.pdbx_pd_ls_matrix_band_width             ? 
_refine.pdbx_overall_phase_error                 23.1900 
_refine.pdbx_overall_SU_R_free_Cruickshank_DPI   ? 
_refine.pdbx_overall_SU_R_free_Blow_DPI          ? 
_refine.pdbx_overall_SU_R_Blow_DPI               ? 
_refine.pdbx_TLS_residual_ADP_flag               ? 
_refine.pdbx_diffrn_id                           1 
_refine.overall_SU_B                             ? 
_refine.overall_SU_ML                            0.1300 
_refine.overall_SU_R_Cruickshank_DPI             ? 
_refine.overall_SU_R_free                        ? 
_refine.overall_FOM_free_R_set                   ? 
_refine.overall_FOM_work_R_set                   ? 
_refine.pdbx_average_fsc_overall                 ? 
_refine.pdbx_average_fsc_work                    ? 
_refine.pdbx_average_fsc_free                    ? 
# 
_refine_hist.pdbx_refine_id                   'X-RAY DIFFRACTION' 
_refine_hist.cycle_id                         final 
_refine_hist.details                          ? 
_refine_hist.d_res_high                       1.0700 
_refine_hist.d_res_low                        52.01 
_refine_hist.number_atoms_solvent             122 
_refine_hist.number_atoms_total               1447 
_refine_hist.number_reflns_all                ? 
_refine_hist.number_reflns_obs                ? 
_refine_hist.number_reflns_R_free             ? 
_refine_hist.number_reflns_R_work             ? 
_refine_hist.R_factor_all                     ? 
_refine_hist.R_factor_obs                     ? 
_refine_hist.R_factor_R_free                  ? 
_refine_hist.R_factor_R_work                  ? 
_refine_hist.pdbx_number_residues_total       164 
_refine_hist.pdbx_B_iso_mean_ligand           24.88 
_refine_hist.pdbx_B_iso_mean_solvent          23.96 
_refine_hist.pdbx_number_atoms_protein        1297 
_refine_hist.pdbx_number_atoms_nucleic_acid   0 
_refine_hist.pdbx_number_atoms_ligand         28 
_refine_hist.pdbx_number_atoms_lipid          ? 
_refine_hist.pdbx_number_atoms_carb           ? 
_refine_hist.pdbx_pseudo_atom_details         ? 
# 
loop_
_refine_ls_restr.pdbx_refine_id 
_refine_ls_restr.criterion 
_refine_ls_restr.dev_ideal 
_refine_ls_restr.dev_ideal_target 
_refine_ls_restr.number 
_refine_ls_restr.rejects 
_refine_ls_restr.type 
_refine_ls_restr.weight 
_refine_ls_restr.pdbx_restraint_function 
'X-RAY DIFFRACTION' ? 0.005 ? 1403 ? f_bond_d           ? ? 
'X-RAY DIFFRACTION' ? 0.749 ? 1885 ? f_angle_d          ? ? 
'X-RAY DIFFRACTION' ? 0.060 ? 207  ? f_chiral_restr     ? ? 
'X-RAY DIFFRACTION' ? 0.004 ? 240  ? f_plane_restr      ? ? 
'X-RAY DIFFRACTION' ? 2.291 ? 1450 ? f_dihedral_angle_d ? ? 
# 
loop_
_refine_ls_shell.pdbx_refine_id 
_refine_ls_shell.d_res_high 
_refine_ls_shell.d_res_low 
_refine_ls_shell.number_reflns_all 
_refine_ls_shell.number_reflns_obs 
_refine_ls_shell.number_reflns_R_free 
_refine_ls_shell.number_reflns_R_work 
_refine_ls_shell.percent_reflns_obs 
_refine_ls_shell.percent_reflns_R_free 
_refine_ls_shell.R_factor_all 
_refine_ls_shell.R_factor_obs 
_refine_ls_shell.R_factor_R_free 
_refine_ls_shell.R_factor_R_free_error 
_refine_ls_shell.R_factor_R_work 
_refine_ls_shell.redundancy_reflns_all 
_refine_ls_shell.redundancy_reflns_obs 
_refine_ls_shell.wR_factor_all 
_refine_ls_shell.wR_factor_obs 
_refine_ls_shell.wR_factor_R_free 
_refine_ls_shell.wR_factor_R_work 
_refine_ls_shell.pdbx_R_complete 
_refine_ls_shell.pdbx_total_number_of_bins_used 
_refine_ls_shell.pdbx_phase_error 
_refine_ls_shell.pdbx_fsc_work 
_refine_ls_shell.pdbx_fsc_free 
'X-RAY DIFFRACTION' 1.0700 1.0822 . . 136 2687 96.0000  . . . 0.3213 0.0000 0.3388 . . . . . . . . . . . 
'X-RAY DIFFRACTION' 1.0822 1.0949 . . 143 2699 97.0000  . . . 0.3219 0.0000 0.3206 . . . . . . . . . . . 
'X-RAY DIFFRACTION' 1.0949 1.1083 . . 156 2708 98.0000  . . . 0.3047 0.0000 0.2957 . . . . . . . . . . . 
'X-RAY DIFFRACTION' 1.1083 1.1223 . . 170 2721 99.0000  . . . 0.3138 0.0000 0.2810 . . . . . . . . . . . 
'X-RAY DIFFRACTION' 1.1223 1.1371 . . 175 2714 99.0000  . . . 0.2941 0.0000 0.2736 . . . . . . . . . . . 
'X-RAY DIFFRACTION' 1.1371 1.1526 . . 153 2807 99.0000  . . . 0.2649 0.0000 0.2697 . . . . . . . . . . . 
'X-RAY DIFFRACTION' 1.1526 1.1691 . . 146 2752 99.0000  . . . 0.2860 0.0000 0.2553 . . . . . . . . . . . 
'X-RAY DIFFRACTION' 1.1691 1.1866 . . 156 2748 99.0000  . . . 0.2861 0.0000 0.2582 . . . . . . . . . . . 
'X-RAY DIFFRACTION' 1.1866 1.2051 . . 147 2779 99.0000  . . . 0.2786 0.0000 0.2450 . . . . . . . . . . . 
'X-RAY DIFFRACTION' 1.2051 1.2249 . . 109 2837 100.0000 . . . 0.2175 0.0000 0.2424 . . . . . . . . . . . 
'X-RAY DIFFRACTION' 1.2249 1.2460 . . 164 2779 100.0000 . . . 0.2724 0.0000 0.2431 . . . . . . . . . . . 
'X-RAY DIFFRACTION' 1.2460 1.2687 . . 159 2744 99.0000  . . . 0.2314 0.0000 0.2399 . . . . . . . . . . . 
'X-RAY DIFFRACTION' 1.2687 1.2931 . . 128 2822 100.0000 . . . 0.2330 0.0000 0.2263 . . . . . . . . . . . 
'X-RAY DIFFRACTION' 1.2931 1.3194 . . 172 2760 100.0000 . . . 0.2448 0.0000 0.2308 . . . . . . . . . . . 
'X-RAY DIFFRACTION' 1.3194 1.3481 . . 138 2827 100.0000 . . . 0.2586 0.0000 0.2260 . . . . . . . . . . . 
'X-RAY DIFFRACTION' 1.3481 1.3795 . . 160 2786 100.0000 . . . 0.2485 0.0000 0.2266 . . . . . . . . . . . 
'X-RAY DIFFRACTION' 1.3795 1.4140 . . 156 2775 100.0000 . . . 0.2692 0.0000 0.2281 . . . . . . . . . . . 
'X-RAY DIFFRACTION' 1.4140 1.4522 . . 145 2818 100.0000 . . . 0.2434 0.0000 0.2237 . . . . . . . . . . . 
'X-RAY DIFFRACTION' 1.4522 1.4950 . . 138 2836 100.0000 . . . 0.2234 0.0000 0.2199 . . . . . . . . . . . 
'X-RAY DIFFRACTION' 1.4950 1.5432 . . 127 2824 100.0000 . . . 0.2167 0.0000 0.2078 . . . . . . . . . . . 
'X-RAY DIFFRACTION' 1.5432 1.5984 . . 141 2826 100.0000 . . . 0.2098 0.0000 0.2122 . . . . . . . . . . . 
'X-RAY DIFFRACTION' 1.5984 1.6624 . . 154 2813 100.0000 . . . 0.2291 0.0000 0.2171 . . . . . . . . . . . 
'X-RAY DIFFRACTION' 1.6624 1.7381 . . 130 2855 100.0000 . . . 0.2664 0.0000 0.2142 . . . . . . . . . . . 
'X-RAY DIFFRACTION' 1.7381 1.8297 . . 158 2817 100.0000 . . . 0.2197 0.0000 0.2078 . . . . . . . . . . . 
'X-RAY DIFFRACTION' 1.8297 1.9443 . . 142 2863 100.0000 . . . 0.1960 0.0000 0.2080 . . . . . . . . . . . 
'X-RAY DIFFRACTION' 1.9443 2.0945 . . 144 2840 100.0000 . . . 0.1812 0.0000 0.1999 . . . . . . . . . . . 
'X-RAY DIFFRACTION' 2.0945 2.3052 . . 176 2859 100.0000 . . . 0.1984 0.0000 0.1858 . . . . . . . . . . . 
'X-RAY DIFFRACTION' 2.3052 2.6388 . . 152 2860 100.0000 . . . 0.2350 0.0000 0.2093 . . . . . . . . . . . 
'X-RAY DIFFRACTION' 2.6388 3.3245 . . 146 2936 100.0000 . . . 0.2081 0.0000 0.2130 . . . . . . . . . . . 
'X-RAY DIFFRACTION' 3.3245 52.01  . . 160 3036 100.0000 . . . 0.1940 0.0000 0.1937 . . . . . . . . . . . 
# 
_struct.entry_id                     7LOA 
_struct.title                        'T4 lysozyme mutant L99A in complex with 3-fluoroiodobenzene' 
_struct.pdbx_model_details           ? 
_struct.pdbx_formula_weight          ? 
_struct.pdbx_formula_weight_method   ? 
_struct.pdbx_model_type_details      ? 
_struct.pdbx_CASP_flag               N 
# 
_struct_keywords.entry_id        7LOA 
_struct_keywords.text            'mutant, lysozyme, small molecule, L99A, complex, PROTEIN BINDING, HYDROLASE' 
_struct_keywords.pdbx_keywords   'PROTEIN BINDING,HYDROLASE' 
# 
loop_
_struct_asym.id 
_struct_asym.pdbx_blank_PDB_chainid_flag 
_struct_asym.pdbx_modified 
_struct_asym.entity_id 
_struct_asym.details 
A N N 1 ? 
B N N 2 ? 
C N N 3 ? 
D N N 3 ? 
E N N 3 ? 
F N N 4 ? 
G N N 5 ? 
# 
loop_
_struct_conf.conf_type_id 
_struct_conf.id 
_struct_conf.pdbx_PDB_helix_id 
_struct_conf.beg_label_comp_id 
_struct_conf.beg_label_asym_id 
_struct_conf.beg_label_seq_id 
_struct_conf.pdbx_beg_PDB_ins_code 
_struct_conf.end_label_comp_id 
_struct_conf.end_label_asym_id 
_struct_conf.end_label_seq_id 
_struct_conf.pdbx_end_PDB_ins_code 
_struct_conf.beg_auth_comp_id 
_struct_conf.beg_auth_asym_id 
_struct_conf.beg_auth_seq_id 
_struct_conf.end_auth_comp_id 
_struct_conf.end_auth_asym_id 
_struct_conf.end_auth_seq_id 
_struct_conf.pdbx_PDB_helix_class 
_struct_conf.details 
_struct_conf.pdbx_PDB_helix_length 
HELX_P HELX_P1  AA1 ASN A 2   ? GLY A 12  ? ASN A 2   GLY A 12  1 ? 11 
HELX_P HELX_P2  AA2 SER A 38  ? GLY A 51  ? SER A 38  GLY A 51  1 ? 14 
HELX_P HELX_P3  AA3 THR A 59  ? ASN A 81  ? THR A 59  ASN A 81  1 ? 23 
HELX_P HELX_P4  AA4 LYS A 83  ? LEU A 91  ? LYS A 83  LEU A 91  1 ? 9  
HELX_P HELX_P5  AA5 ASP A 92  ? GLY A 107 ? ASP A 92  GLY A 107 1 ? 16 
HELX_P HELX_P6  AA6 GLY A 107 ? ALA A 112 ? GLY A 107 ALA A 112 1 ? 6  
HELX_P HELX_P7  AA7 PHE A 114 ? GLN A 123 ? PHE A 114 GLN A 123 1 ? 10 
HELX_P HELX_P8  AA8 ARG A 125 ? LYS A 135 ? ARG A 125 LYS A 135 1 ? 11 
HELX_P HELX_P9  AA9 SER A 136 ? THR A 142 ? SER A 136 THR A 142 1 ? 7  
HELX_P HELX_P10 AB1 THR A 142 ? GLY A 156 ? THR A 142 GLY A 156 1 ? 15 
HELX_P HELX_P11 AB2 TRP A 158 ? ASN A 163 ? TRP A 158 ASN A 163 1 ? 6  
# 
_struct_conf_type.id          HELX_P 
_struct_conf_type.criteria    ? 
_struct_conf_type.reference   ? 
# 
_struct_sheet.id               AA1 
_struct_sheet.type             ? 
_struct_sheet.number_strands   3 
_struct_sheet.details          ? 
# 
loop_
_struct_sheet_order.sheet_id 
_struct_sheet_order.range_id_1 
_struct_sheet_order.range_id_2 
_struct_sheet_order.offset 
_struct_sheet_order.sense 
AA1 1 2 ? anti-parallel 
AA1 2 3 ? anti-parallel 
# 
loop_
_struct_sheet_range.sheet_id 
_struct_sheet_range.id 
_struct_sheet_range.beg_label_comp_id 
_struct_sheet_range.beg_label_asym_id 
_struct_sheet_range.beg_label_seq_id 
_struct_sheet_range.pdbx_beg_PDB_ins_code 
_struct_sheet_range.end_label_comp_id 
_struct_sheet_range.end_label_asym_id 
_struct_sheet_range.end_label_seq_id 
_struct_sheet_range.pdbx_end_PDB_ins_code 
_struct_sheet_range.beg_auth_comp_id 
_struct_sheet_range.beg_auth_asym_id 
_struct_sheet_range.beg_auth_seq_id 
_struct_sheet_range.end_auth_comp_id 
_struct_sheet_range.end_auth_asym_id 
_struct_sheet_range.end_auth_seq_id 
AA1 1 ARG A 14 ? LYS A 19 ? ARG A 14 LYS A 19 
AA1 2 TYR A 25 ? GLY A 28 ? TYR A 25 GLY A 28 
AA1 3 HIS A 31 ? THR A 34 ? HIS A 31 THR A 34 
# 
loop_
_pdbx_struct_sheet_hbond.sheet_id 
_pdbx_struct_sheet_hbond.range_id_1 
_pdbx_struct_sheet_hbond.range_id_2 
_pdbx_struct_sheet_hbond.range_1_label_atom_id 
_pdbx_struct_sheet_hbond.range_1_label_comp_id 
_pdbx_struct_sheet_hbond.range_1_label_asym_id 
_pdbx_struct_sheet_hbond.range_1_label_seq_id 
_pdbx_struct_sheet_hbond.range_1_PDB_ins_code 
_pdbx_struct_sheet_hbond.range_1_auth_atom_id 
_pdbx_struct_sheet_hbond.range_1_auth_comp_id 
_pdbx_struct_sheet_hbond.range_1_auth_asym_id 
_pdbx_struct_sheet_hbond.range_1_auth_seq_id 
_pdbx_struct_sheet_hbond.range_2_label_atom_id 
_pdbx_struct_sheet_hbond.range_2_label_comp_id 
_pdbx_struct_sheet_hbond.range_2_label_asym_id 
_pdbx_struct_sheet_hbond.range_2_label_seq_id 
_pdbx_struct_sheet_hbond.range_2_PDB_ins_code 
_pdbx_struct_sheet_hbond.range_2_auth_atom_id 
_pdbx_struct_sheet_hbond.range_2_auth_comp_id 
_pdbx_struct_sheet_hbond.range_2_auth_asym_id 
_pdbx_struct_sheet_hbond.range_2_auth_seq_id 
AA1 1 2 N TYR A 18 ? N TYR A 18 O THR A 26 ? O THR A 26 
AA1 2 3 N TYR A 25 ? N TYR A 25 O LEU A 33 ? O LEU A 33 
# 
loop_
_struct_site.id 
_struct_site.pdbx_evidence_code 
_struct_site.pdbx_auth_asym_id 
_struct_site.pdbx_auth_comp_id 
_struct_site.pdbx_auth_seq_id 
_struct_site.pdbx_auth_ins_code 
_struct_site.pdbx_num_residues 
_struct_site.details 
AC1 Software A Y7V 201 ? 7 'binding site for residue Y7V A 201' 
AC2 Software A BME 202 ? 6 'binding site for residue BME A 202' 
AC3 Software A BME 203 ? 6 'binding site for residue BME A 203' 
AC4 Software A BME 204 ? 6 'binding site for residue BME A 204' 
AC5 Software A TRS 205 ? 6 'binding site for residue TRS A 205' 
# 
loop_
_struct_site_gen.id 
_struct_site_gen.site_id 
_struct_site_gen.pdbx_num_res 
_struct_site_gen.label_comp_id 
_struct_site_gen.label_asym_id 
_struct_site_gen.label_seq_id 
_struct_site_gen.pdbx_auth_ins_code 
_struct_site_gen.auth_comp_id 
_struct_site_gen.auth_asym_id 
_struct_site_gen.auth_seq_id 
_struct_site_gen.label_atom_id 
_struct_site_gen.label_alt_id 
_struct_site_gen.symmetry 
_struct_site_gen.details 
1  AC1 7 ILE A 78  ? ILE A 78  . ? 1_555 ? 
2  AC1 7 LEU A 84  ? LEU A 84  . ? 1_555 ? 
3  AC1 7 VAL A 87  ? VAL A 87  . ? 1_555 ? 
4  AC1 7 ALA A 99  ? ALA A 99  . ? 1_555 ? 
5  AC1 7 MET A 102 ? MET A 102 . ? 1_555 ? 
6  AC1 7 VAL A 111 ? VAL A 111 . ? 1_555 ? 
7  AC1 7 LEU A 118 ? LEU A 118 . ? 1_555 ? 
8  AC2 6 GLY A 30  ? GLY A 30  . ? 1_555 ? 
9  AC2 6 LEU A 32  ? LEU A 32  . ? 1_555 ? 
10 AC2 6 ASP A 70  ? ASP A 70  . ? 1_555 ? 
11 AC2 6 PHE A 104 ? PHE A 104 . ? 1_555 ? 
12 AC2 6 TRS F .   ? TRS A 205 . ? 1_555 ? 
13 AC2 6 HOH G .   ? HOH A 348 . ? 1_555 ? 
14 AC3 6 ASN A 68  ? ASN A 68  . ? 1_555 ? 
15 AC3 6 ASP A 72  ? ASP A 72  . ? 1_555 ? 
16 AC3 6 TYR A 88  ? TYR A 88  . ? 4_465 ? 
17 AC3 6 ALA A 93  ? ALA A 93  . ? 4_465 ? 
18 AC3 6 ARG A 96  ? ARG A 96  . ? 4_465 ? 
19 AC3 6 ILE A 100 ? ILE A 100 . ? 4_465 ? 
20 AC4 6 LYS A 19  ? LYS A 19  . ? 1_555 ? 
21 AC4 6 ARG A 125 ? ARG A 125 . ? 6_444 ? 
22 AC4 6 TRP A 126 ? TRP A 126 . ? 6_444 ? 
23 AC4 6 ASP A 127 ? ASP A 127 . ? 6_444 ? 
24 AC4 6 GLU A 128 ? GLU A 128 . ? 6_444 ? 
25 AC4 6 HOH G .   ? HOH A 396 . ? 6_444 ? 
26 AC5 6 GLU A 11  ? GLU A 11  . ? 1_555 ? 
27 AC5 6 GLY A 30  ? GLY A 30  . ? 1_555 ? 
28 AC5 6 PHE A 104 ? PHE A 104 . ? 1_555 ? 
29 AC5 6 GLN A 105 ? GLN A 105 . ? 1_555 ? 
30 AC5 6 BME C .   ? BME A 202 . ? 1_555 ? 
31 AC5 6 HOH G .   ? HOH A 311 . ? 1_555 ? 
# 
_atom_sites.entry_id                    7LOA 
_atom_sites.Cartn_transf_matrix[1][1]   ? 
_atom_sites.Cartn_transf_matrix[1][2]   ? 
_atom_sites.Cartn_transf_matrix[1][3]   ? 
_atom_sites.Cartn_transf_matrix[2][1]   ? 
_atom_sites.Cartn_transf_matrix[2][2]   ? 
_atom_sites.Cartn_transf_matrix[2][3]   ? 
_atom_sites.Cartn_transf_matrix[3][1]   ? 
_atom_sites.Cartn_transf_matrix[3][2]   ? 
_atom_sites.Cartn_transf_matrix[3][3]   ? 
_atom_sites.Cartn_transf_vector[1]      ? 
_atom_sites.Cartn_transf_vector[2]      ? 
_atom_sites.Cartn_transf_vector[3]      ? 
_atom_sites.fract_transf_matrix[1][1]   0.01104567 
_atom_sites.fract_transf_matrix[1][2]   -0.01287729 
_atom_sites.fract_transf_matrix[1][3]   0.00904622 
_atom_sites.fract_transf_matrix[2][1]   0.01371987 
_atom_sites.fract_transf_matrix[2][2]   -0.00937762 
_atom_sites.fract_transf_matrix[2][3]   -0.00966970 
_atom_sites.fract_transf_matrix[3][1]   0.00679226 
_atom_sites.fract_transf_matrix[3][2]   0.00749208 
_atom_sites.fract_transf_matrix[3][3]   0.00237144 
_atom_sites.fract_transf_vector[1]      -0.456480 
_atom_sites.fract_transf_vector[2]      0.318408 
_atom_sites.fract_transf_vector[3]      -0.067857 
_atom_sites.solution_primary            ? 
_atom_sites.solution_secondary          ? 
_atom_sites.solution_hydrogens          ? 
_atom_sites.special_details             ? 
# 
loop_
_atom_type.symbol 
C 
F 
I 
N 
O 
S 
# 
loop_
_atom_site.group_PDB 
_atom_site.id 
_atom_site.type_symbol 
_atom_site.label_atom_id 
_atom_site.label_alt_id 
_atom_site.label_comp_id 
_atom_site.label_asym_id 
_atom_site.label_entity_id 
_atom_site.label_seq_id 
_atom_site.pdbx_PDB_ins_code 
_atom_site.Cartn_x 
_atom_site.Cartn_y 
_atom_site.Cartn_z 
_atom_site.occupancy 
_atom_site.B_iso_or_equiv 
_atom_site.pdbx_formal_charge 
_atom_site.auth_seq_id 
_atom_site.auth_comp_id 
_atom_site.auth_asym_id 
_atom_site.auth_atom_id 
_atom_site.pdbx_PDB_model_num 
ATOM   1    N N   A MET A 1 1   ? -4.940  8.319   -14.414 0.50 16.99 ? 1   MET A N   1 
ATOM   2    N N   B MET A 1 1   ? -4.587  8.950   -14.223 0.50 21.49 ? 1   MET A N   1 
ATOM   3    C CA  A MET A 1 1   ? -4.644  7.716   -13.121 0.50 17.93 ? 1   MET A CA  1 
ATOM   4    C CA  B MET A 1 1   ? -4.522  7.912   -13.204 0.50 19.77 ? 1   MET A CA  1 
ATOM   5    C C   A MET A 1 1   ? -3.231  7.121   -13.081 0.50 15.43 ? 1   MET A C   1 
ATOM   6    C C   B MET A 1 1   ? -3.138  7.289   -13.126 0.50 15.90 ? 1   MET A C   1 
ATOM   7    O O   A MET A 1 1   ? -2.706  6.633   -14.086 0.50 16.13 ? 1   MET A O   1 
ATOM   8    O O   B MET A 1 1   ? -2.556  6.901   -14.145 0.50 14.82 ? 1   MET A O   1 
ATOM   9    C CB  A MET A 1 1   ? -5.706  6.681   -12.745 0.50 19.69 ? 1   MET A CB  1 
ATOM   10   C CB  B MET A 1 1   ? -5.576  6.845   -13.467 0.50 21.67 ? 1   MET A CB  1 
ATOM   11   C CG  A MET A 1 1   ? -5.910  6.548   -11.249 0.50 12.48 ? 1   MET A CG  1 
ATOM   12   C CG  B MET A 1 1   ? -6.963  7.309   -13.111 0.50 21.03 ? 1   MET A CG  1 
ATOM   13   S SD  A MET A 1 1   ? -7.156  7.671   -10.572 0.50 25.81 ? 1   MET A SD  1 
ATOM   14   S SD  B MET A 1 1   ? -7.594  6.516   -11.633 0.50 14.76 ? 1   MET A SD  1 
ATOM   15   C CE  A MET A 1 1   ? -8.432  7.584   -11.826 0.50 22.67 ? 1   MET A CE  1 
ATOM   16   C CE  B MET A 1 1   ? -6.396  6.939   -10.355 0.50 16.97 ? 1   MET A CE  1 
ATOM   17   N N   . ASN A 1 2   ? -2.615  7.209   -11.904 1.00 13.60 ? 2   ASN A N   1 
ATOM   18   C CA  . ASN A 1 2   ? -1.273  6.705   -11.655 1.00 12.64 ? 2   ASN A CA  1 
ATOM   19   C C   . ASN A 1 2   ? -1.244  6.254   -10.199 1.00 11.70 ? 2   ASN A C   1 
ATOM   20   O O   . ASN A 1 2   ? -2.219  6.425   -9.466  1.00 11.70 ? 2   ASN A O   1 
ATOM   21   C CB  . ASN A 1 2   ? -0.224  7.781   -11.970 1.00 13.42 ? 2   ASN A CB  1 
ATOM   22   C CG  . ASN A 1 2   ? -0.411  9.032   -11.143 1.00 12.94 ? 2   ASN A CG  1 
ATOM   23   O OD1 . ASN A 1 2   ? -0.437  8.976   -9.913  1.00 12.82 ? 2   ASN A OD1 1 
ATOM   24   N ND2 . ASN A 1 2   ? -0.562  10.174  -11.813 1.00 14.36 ? 2   ASN A ND2 1 
ATOM   25   N N   . ILE A 1 3   ? -0.109  5.699   -9.774  1.00 10.47 ? 3   ILE A N   1 
ATOM   26   C CA  . ILE A 1 3   ? -0.029  5.122   -8.437  1.00 11.28 ? 3   ILE A CA  1 
ATOM   27   C C   . ILE A 1 3   ? -0.254  6.178   -7.364  1.00 10.53 ? 3   ILE A C   1 
ATOM   28   O O   . ILE A 1 3   ? -0.832  5.891   -6.306  1.00 10.94 ? 3   ILE A O   1 
ATOM   29   C CB  . ILE A 1 3   ? 1.300   4.357   -8.249  1.00 10.71 ? 3   ILE A CB  1 
ATOM   30   C CG1 . ILE A 1 3   ? 1.372   3.716   -6.866  1.00 11.46 ? 3   ILE A CG1 1 
ATOM   31   C CG2 . ILE A 1 3   ? 2.513   5.268   -8.470  1.00 12.93 ? 3   ILE A CG2 1 
ATOM   32   C CD1 . ILE A 1 3   ? 0.245   2.754   -6.548  1.00 11.33 ? 3   ILE A CD1 1 
ATOM   33   N N   . PHE A 1 4   ? 0.215   7.408   -7.598  1.00 11.13 ? 4   PHE A N   1 
ATOM   34   C CA  . PHE A 1 4   ? 0.034   8.451   -6.596  1.00 11.26 ? 4   PHE A CA  1 
ATOM   35   C C   . PHE A 1 4   ? -1.436  8.797   -6.421  1.00 11.51 ? 4   PHE A C   1 
ATOM   36   O O   . PHE A 1 4   ? -1.925  8.898   -5.290  1.00 12.12 ? 4   PHE A O   1 
ATOM   37   C CB  . PHE A 1 4   ? 0.874   9.680   -6.942  1.00 12.41 ? 4   PHE A CB  1 
ATOM   38   C CG  . PHE A 1 4   ? 2.339   9.404   -6.940  1.00 12.55 ? 4   PHE A CG  1 
ATOM   39   C CD1 . PHE A 1 4   ? 3.060   9.469   -5.765  1.00 15.66 ? 4   PHE A CD1 1 
ATOM   40   C CD2 . PHE A 1 4   ? 2.991   9.037   -8.101  1.00 13.44 ? 4   PHE A CD2 1 
ATOM   41   C CE1 . PHE A 1 4   ? 4.419   9.191   -5.750  1.00 18.36 ? 4   PHE A CE1 1 
ATOM   42   C CE2 . PHE A 1 4   ? 4.346   8.758   -8.091  1.00 16.40 ? 4   PHE A CE2 1 
ATOM   43   C CZ  . PHE A 1 4   ? 5.058   8.835   -6.912  1.00 17.42 ? 4   PHE A CZ  1 
ATOM   44   N N   . GLU A 1 5   ? -2.160  8.982   -7.529  1.00 11.39 ? 5   GLU A N   1 
ATOM   45   C CA  . GLU A 1 5   ? -3.583  9.292   -7.421  1.00 12.23 ? 5   GLU A CA  1 
ATOM   46   C C   . GLU A 1 5   ? -4.345  8.135   -6.794  1.00 11.83 ? 5   GLU A C   1 
ATOM   47   O O   . GLU A 1 5   ? -5.254  8.347   -5.981  1.00 11.95 ? 5   GLU A O   1 
ATOM   48   C CB  . GLU A 1 5   ? -4.167  9.637   -8.795  1.00 13.97 ? 5   GLU A CB  1 
ATOM   49   C CG  . GLU A 1 5   ? -3.626  10.918  -9.403  1.00 17.33 ? 5   GLU A CG  1 
ATOM   50   C CD  . GLU A 1 5   ? -4.280  11.272  -10.730 1.00 28.93 ? 5   GLU A CD  1 
ATOM   51   O OE1 . GLU A 1 5   ? -5.191  10.540  -11.178 1.00 30.21 ? 5   GLU A OE1 1 
ATOM   52   O OE2 . GLU A 1 5   ? -3.885  12.298  -11.324 1.00 32.19 ? 5   GLU A OE2 1 
ATOM   53   N N   . MET A 1 6   ? -3.974  6.906   -7.157  1.00 11.66 ? 6   MET A N   1 
ATOM   54   C CA  . MET A 1 6   ? -4.646  5.719   -6.641  1.00 10.75 ? 6   MET A CA  1 
ATOM   55   C C   . MET A 1 6   ? -4.500  5.627   -5.131  1.00 10.47 ? 6   MET A C   1 
ATOM   56   O O   . MET A 1 6   ? -5.489  5.496   -4.398  1.00 10.97 ? 6   MET A O   1 
ATOM   57   C CB  . MET A 1 6   ? -4.038  4.495   -7.310  1.00 11.04 ? 6   MET A CB  1 
ATOM   58   C CG  . MET A 1 6   ? -4.710  3.207   -6.957  1.00 10.70 ? 6   MET A CG  1 
ATOM   59   S SD  . MET A 1 6   ? -3.612  1.838   -7.340  1.00 10.90 ? 6   MET A SD  1 
ATOM   60   C CE  . MET A 1 6   ? -4.765  0.480   -7.553  1.00 12.52 ? 6   MET A CE  1 
ATOM   61   N N   . LEU A 1 7   ? -3.266  5.726   -4.641  1.00 10.55 ? 7   LEU A N   1 
ATOM   62   C CA  . LEU A 1 7   ? -3.054  5.633   -3.204  1.00 11.31 ? 7   LEU A CA  1 
ATOM   63   C C   . LEU A 1 7   ? -3.572  6.863   -2.467  1.00 11.16 ? 7   LEU A C   1 
ATOM   64   O O   . LEU A 1 7   ? -4.000  6.749   -1.316  1.00 12.05 ? 7   LEU A O   1 
ATOM   65   C CB  . LEU A 1 7   ? -1.577  5.390   -2.907  1.00 11.40 ? 7   LEU A CB  1 
ATOM   66   C CG  . LEU A 1 7   ? -1.157  3.924   -3.001  1.00 11.14 ? 7   LEU A CG  1 
ATOM   67   C CD1 . LEU A 1 7   ? 0.355   3.813   -3.041  1.00 11.73 ? 7   LEU A CD1 1 
ATOM   68   C CD2 . LEU A 1 7   ? -1.732  3.129   -1.837  1.00 11.58 ? 7   LEU A CD2 1 
ATOM   69   N N   . ARG A 1 8   ? -3.554  8.037   -3.098  1.00 11.85 ? 8   ARG A N   1 
ATOM   70   C CA  . ARG A 1 8   ? -4.141  9.205   -2.452  1.00 13.14 ? 8   ARG A CA  1 
ATOM   71   C C   . ARG A 1 8   ? -5.633  8.999   -2.215  1.00 13.20 ? 8   ARG A C   1 
ATOM   72   O O   . ARG A 1 8   ? -6.169  9.387   -1.168  1.00 14.17 ? 8   ARG A O   1 
ATOM   73   C CB  . ARG A 1 8   ? -3.888  10.445  -3.309  1.00 14.00 ? 8   ARG A CB  1 
ATOM   74   C CG  . ARG A 1 8   ? -4.617  11.700  -2.864  1.00 16.26 ? 8   ARG A CG  1 
ATOM   75   C CD  . ARG A 1 8   ? -4.187  12.171  -1.482  1.00 17.05 ? 8   ARG A CD  1 
ATOM   76   N NE  . ARG A 1 8   ? -4.905  13.389  -1.113  1.00 20.31 ? 8   ARG A NE  1 
ATOM   77   C CZ  . ARG A 1 8   ? -6.147  13.411  -0.643  1.00 22.42 ? 8   ARG A CZ  1 
ATOM   78   N NH1 . ARG A 1 8   ? -6.820  12.281  -0.485  1.00 22.17 ? 8   ARG A NH1 1 
ATOM   79   N NH2 . ARG A 1 8   ? -6.723  14.567  -0.339  1.00 27.28 ? 8   ARG A NH2 1 
ATOM   80   N N   . ILE A 1 9   ? -6.319  8.375   -3.172  1.00 12.80 ? 9   ILE A N   1 
ATOM   81   C CA  . ILE A 1 9   ? -7.724  8.020   -2.980  1.00 13.87 ? 9   ILE A CA  1 
ATOM   82   C C   . ILE A 1 9   ? -7.877  7.030   -1.835  1.00 12.04 ? 9   ILE A C   1 
ATOM   83   O O   . ILE A 1 9   ? -8.724  7.203   -0.953  1.00 14.29 ? 9   ILE A O   1 
ATOM   84   C CB  . ILE A 1 9   ? -8.324  7.467   -4.286  1.00 13.81 ? 9   ILE A CB  1 
ATOM   85   C CG1 . ILE A 1 9   ? -8.497  8.595   -5.306  1.00 16.07 ? 9   ILE A CG1 1 
ATOM   86   C CG2 . ILE A 1 9   ? -9.640  6.717   -4.018  1.00 15.42 ? 9   ILE A CG2 1 
ATOM   87   C CD1 . ILE A 1 9   ? -8.739  8.094   -6.719  1.00 15.57 ? 9   ILE A CD1 1 
ATOM   88   N N   . ASP A 1 10  ? -7.060  5.975   -1.838  1.00 11.34 ? 10  ASP A N   1 
ATOM   89   C CA  . ASP A 1 10  ? -7.220  4.913   -0.851  1.00 10.86 ? 10  ASP A CA  1 
ATOM   90   C C   . ASP A 1 10  ? -6.816  5.352   0.548   1.00 10.90 ? 10  ASP A C   1 
ATOM   91   O O   . ASP A 1 10  ? -7.396  4.876   1.529   1.00 12.67 ? 10  ASP A O   1 
ATOM   92   C CB  . ASP A 1 10  ? -6.425  3.678   -1.264  1.00 12.01 ? 10  ASP A CB  1 
ATOM   93   C CG  . ASP A 1 10  ? -7.089  2.914   -2.398  1.00 11.37 ? 10  ASP A CG  1 
ATOM   94   O OD1 . ASP A 1 10  ? -8.338  2.993   -2.527  1.00 11.55 ? 10  ASP A OD1 1 
ATOM   95   O OD2 . ASP A 1 10  ? -6.359  2.228   -3.154  1.00 11.88 ? 10  ASP A OD2 1 
ATOM   96   N N   . GLU A 1 11  ? -5.837  6.246   0.666   1.00 11.17 ? 11  GLU A N   1 
ATOM   97   C CA  . GLU A 1 11  ? -5.304  6.610   1.972   1.00 11.49 ? 11  GLU A CA  1 
ATOM   98   C C   . GLU A 1 11  ? -5.834  7.928   2.516   1.00 12.47 ? 11  GLU A C   1 
ATOM   99   O O   . GLU A 1 11  ? -5.765  8.144   3.732   1.00 14.02 ? 11  GLU A O   1 
ATOM   100  C CB  . GLU A 1 11  ? -3.773  6.694   1.930   1.00 12.23 ? 11  GLU A CB  1 
ATOM   101  C CG  . GLU A 1 11  ? -3.088  5.404   1.517   1.00 12.77 ? 11  GLU A CG  1 
ATOM   102  C CD  . GLU A 1 11  ? -3.172  4.301   2.556   1.00 11.99 ? 11  GLU A CD  1 
ATOM   103  O OE1 . GLU A 1 11  ? -3.460  4.581   3.746   1.00 14.01 ? 11  GLU A OE1 1 
ATOM   104  O OE2 . GLU A 1 11  ? -2.954  3.137   2.168   1.00 14.16 ? 11  GLU A OE2 1 
ATOM   105  N N   . GLY A 1 12  ? -6.335  8.813   1.668   1.00 12.45 ? 12  GLY A N   1 
ATOM   106  C CA  . GLY A 1 12  ? -6.749  10.131  2.116   1.00 13.64 ? 12  GLY A CA  1 
ATOM   107  C C   . GLY A 1 12  ? -5.543  11.004  2.443   1.00 13.33 ? 12  GLY A C   1 
ATOM   108  O O   . GLY A 1 12  ? -4.391  10.671  2.155   1.00 14.14 ? 12  GLY A O   1 
ATOM   109  N N   . LEU A 1 13  ? -5.831  12.143  3.072   1.00 13.67 ? 13  LEU A N   1 
ATOM   110  C CA  . LEU A 1 13  ? -4.795  13.072  3.512   1.00 14.03 ? 13  LEU A CA  1 
ATOM   111  C C   . LEU A 1 13  ? -5.208  13.657  4.851   1.00 15.41 ? 13  LEU A C   1 
ATOM   112  O O   . LEU A 1 13  ? -6.266  14.285  4.955   1.00 16.04 ? 13  LEU A O   1 
ATOM   113  C CB  . LEU A 1 13  ? -4.598  14.197  2.493   1.00 17.26 ? 13  LEU A CB  1 
ATOM   114  C CG  . LEU A 1 13  ? -3.699  15.359  2.924   1.00 17.38 ? 13  LEU A CG  1 
ATOM   115  C CD1 . LEU A 1 13  ? -2.278  14.877  3.152   1.00 17.06 ? 13  LEU A CD1 1 
ATOM   116  C CD2 . LEU A 1 13  ? -3.727  16.473  1.890   1.00 20.59 ? 13  LEU A CD2 1 
ATOM   117  N N   . ARG A 1 14  ? -4.375  13.458  5.867   1.00 14.39 ? 14  ARG A N   1 
ATOM   118  C CA  . ARG A 1 14  ? -4.589  14.052  7.181   1.00 15.63 ? 14  ARG A CA  1 
ATOM   119  C C   . ARG A 1 14  ? -3.273  14.643  7.667   1.00 14.36 ? 14  ARG A C   1 
ATOM   120  O O   . ARG A 1 14  ? -2.231  13.985  7.592   1.00 15.35 ? 14  ARG A O   1 
ATOM   121  C CB  . ARG A 1 14  ? -5.117  13.002  8.163   1.00 16.91 ? 14  ARG A CB  1 
ATOM   122  C CG  . ARG A 1 14  ? -6.535  12.555  7.830   1.00 19.54 ? 14  ARG A CG  1 
ATOM   123  C CD  . ARG A 1 14  ? -7.025  11.429  8.728   1.00 24.27 ? 14  ARG A CD  1 
ATOM   124  N NE  . ARG A 1 14  ? -7.678  11.936  9.931   1.00 32.00 ? 14  ARG A NE  1 
ATOM   125  C CZ  . ARG A 1 14  ? -8.240  11.169  10.861  1.00 34.16 ? 14  ARG A CZ  1 
ATOM   126  N NH1 . ARG A 1 14  ? -8.239  9.849   10.728  1.00 28.00 ? 14  ARG A NH1 1 
ATOM   127  N NH2 . ARG A 1 14  ? -8.808  11.721  11.924  1.00 36.38 ? 14  ARG A NH2 1 
ATOM   128  N N   . LEU A 1 15  ? -3.311  15.881  8.161   1.00 13.65 ? 15  LEU A N   1 
ATOM   129  C CA  . LEU A 1 15  ? -2.088  16.592  8.506   1.00 13.93 ? 15  LEU A CA  1 
ATOM   130  C C   . LEU A 1 15  ? -1.706  16.455  9.971   1.00 13.74 ? 15  LEU A C   1 
ATOM   131  O O   . LEU A 1 15  ? -0.648  16.955  10.367  1.00 15.25 ? 15  LEU A O   1 
ATOM   132  C CB  . LEU A 1 15  ? -2.219  18.069  8.129   1.00 16.29 ? 15  LEU A CB  1 
ATOM   133  C CG  . LEU A 1 15  ? -2.463  18.300  6.638   1.00 17.22 ? 15  LEU A CG  1 
ATOM   134  C CD1 . LEU A 1 15  ? -2.487  19.790  6.328   1.00 18.79 ? 15  LEU A CD1 1 
ATOM   135  C CD2 . LEU A 1 15  ? -1.416  17.590  5.788   1.00 18.41 ? 15  LEU A CD2 1 
ATOM   136  N N   . LYS A 1 16  ? -2.526  15.800  10.781  1.00 15.27 ? 16  LYS A N   1 
ATOM   137  C CA  . LYS A 1 16  ? -2.213  15.542  12.177  1.00 13.85 ? 16  LYS A CA  1 
ATOM   138  C C   . LYS A 1 16  ? -2.210  14.039  12.399  1.00 12.48 ? 16  LYS A C   1 
ATOM   139  O O   . LYS A 1 16  ? -2.913  13.298  11.700  1.00 13.87 ? 16  LYS A O   1 
ATOM   140  C CB  . LYS A 1 16  ? -3.230  16.254  13.088  1.00 17.40 ? 16  LYS A CB  1 
ATOM   141  C CG  . LYS A 1 16  ? -3.074  16.056  14.597  1.00 26.64 ? 16  LYS A CG  1 
ATOM   142  C CD  . LYS A 1 16  ? -4.097  15.086  15.147  1.00 30.77 ? 16  LYS A CD  1 
ATOM   143  C CE  . LYS A 1 16  ? -3.725  14.586  16.536  1.00 26.17 ? 16  LYS A CE  1 
ATOM   144  N NZ  . LYS A 1 16  ? -2.682  13.533  16.540  1.00 32.64 ? 16  LYS A NZ  1 
ATOM   145  N N   . ILE A 1 17  ? -1.421  13.585  13.374  1.00 12.99 ? 17  ILE A N   1 
ATOM   146  C CA  . ILE A 1 17  ? -1.329  12.160  13.669  1.00 12.81 ? 17  ILE A CA  1 
ATOM   147  C C   . ILE A 1 17  ? -2.719  11.585  13.859  1.00 12.08 ? 17  ILE A C   1 
ATOM   148  O O   . ILE A 1 17  ? -3.557  12.150  14.573  1.00 14.61 ? 17  ILE A O   1 
ATOM   149  C CB  . ILE A 1 17  ? -0.451  11.925  14.911  1.00 13.94 ? 17  ILE A CB  1 
ATOM   150  C CG1 . ILE A 1 17  ? 1.004   12.270  14.601  1.00 13.90 ? 17  ILE A CG1 1 
ATOM   151  C CG2 . ILE A 1 17  ? -0.576  10.482  15.398  1.00 14.74 ? 17  ILE A CG2 1 
ATOM   152  C CD1 . ILE A 1 17  ? 1.936   12.114  15.791  1.00 15.54 ? 17  ILE A CD1 1 
ATOM   153  N N   . TYR A 1 18  ? -2.973  10.462  13.197  1.00 12.72 ? 18  TYR A N   1 
ATOM   154  C CA  . TYR A 1 18  ? -4.225  9.737   13.308  1.00 13.78 ? 18  TYR A CA  1 
ATOM   155  C C   . TYR A 1 18  ? -3.901  8.265   13.500  1.00 13.59 ? 18  TYR A C   1 
ATOM   156  O O   . TYR A 1 18  ? -2.738  7.858   13.494  1.00 14.09 ? 18  TYR A O   1 
ATOM   157  C CB  . TYR A 1 18  ? -5.125  9.970   12.087  1.00 16.03 ? 18  TYR A CB  1 
ATOM   158  C CG  . TYR A 1 18  ? -4.599  9.491   10.741  1.00 13.86 ? 18  TYR A CG  1 
ATOM   159  C CD1 . TYR A 1 18  ? -3.736  10.275  9.992   1.00 15.24 ? 18  TYR A CD1 1 
ATOM   160  C CD2 . TYR A 1 18  ? -5.007  8.276   10.200  1.00 15.06 ? 18  TYR A CD2 1 
ATOM   161  C CE1 . TYR A 1 18  ? -3.273  9.855   8.748   1.00 13.44 ? 18  TYR A CE1 1 
ATOM   162  C CE2 . TYR A 1 18  ? -4.544  7.849   8.958   1.00 13.72 ? 18  TYR A CE2 1 
ATOM   163  C CZ  . TYR A 1 18  ? -3.683  8.644   8.235   1.00 14.69 ? 18  TYR A CZ  1 
ATOM   164  O OH  . TYR A 1 18  ? -3.225  8.240   6.997   1.00 14.51 ? 18  TYR A OH  1 
ATOM   165  N N   . LYS A 1 19  ? -4.934  7.454   13.668  1.00 15.66 ? 19  LYS A N   1 
ATOM   166  C CA  . LYS A 1 19  ? -4.755  6.015   13.743  1.00 15.66 ? 19  LYS A CA  1 
ATOM   167  C C   . LYS A 1 19  ? -5.287  5.374   12.472  1.00 14.56 ? 19  LYS A C   1 
ATOM   168  O O   . LYS A 1 19  ? -6.359  5.744   11.975  1.00 16.97 ? 19  LYS A O   1 
ATOM   169  C CB  . LYS A 1 19  ? -5.474  5.432   14.955  1.00 17.32 ? 19  LYS A CB  1 
ATOM   170  C CG  . LYS A 1 19  ? -4.790  5.724   16.273  1.00 17.03 ? 19  LYS A CG  1 
ATOM   171  C CD  . LYS A 1 19  ? -5.526  5.051   17.406  1.00 18.05 ? 19  LYS A CD  1 
ATOM   172  C CE  . LYS A 1 19  ? -4.850  5.296   18.737  1.00 18.96 ? 19  LYS A CE  1 
ATOM   173  N NZ  . LYS A 1 19  ? -5.594  4.601   19.827  1.00 21.25 ? 19  LYS A NZ  1 
ATOM   174  N N   . ASP A 1 20  ? -4.523  4.431   11.938  1.00 14.58 ? 20  ASP A N   1 
ATOM   175  C CA  . ASP A 1 20  ? -4.938  3.717   10.739  1.00 14.71 ? 20  ASP A CA  1 
ATOM   176  C C   . ASP A 1 20  ? -6.018  2.698   11.091  1.00 13.97 ? 20  ASP A C   1 
ATOM   177  O O   . ASP A 1 20  ? -6.489  2.617   12.228  1.00 13.78 ? 20  ASP A O   1 
ATOM   178  C CB  . ASP A 1 20  ? -3.725  3.152   10.002  1.00 14.69 ? 20  ASP A CB  1 
ATOM   179  C CG  . ASP A 1 20  ? -3.108  1.928   10.681  1.00 13.35 ? 20  ASP A CG  1 
ATOM   180  O OD1 . ASP A 1 20  ? -3.612  1.447   11.717  1.00 13.67 ? 20  ASP A OD1 1 
ATOM   181  O OD2 . ASP A 1 20  ? -2.074  1.453   10.163  1.00 16.68 ? 20  ASP A OD2 1 
ATOM   182  N N   . THR A 1 21  ? -6.411  1.886   10.109  1.00 13.60 ? 21  THR A N   1 
ATOM   183  C CA  . THR A 1 21  ? -7.483  0.924   10.339  1.00 13.22 ? 21  THR A CA  1 
ATOM   184  C C   . THR A 1 21  ? -7.099  -0.159  11.340  1.00 13.33 ? 21  THR A C   1 
ATOM   185  O O   . THR A 1 21  ? -7.994  -0.829  11.876  1.00 15.75 ? 21  THR A O   1 
ATOM   186  C CB  . THR A 1 21  ? -7.953  0.305   9.015   1.00 16.37 ? 21  THR A CB  1 
ATOM   187  O OG1 . THR A 1 21  ? -6.926  -0.542  8.487   1.00 20.12 ? 21  THR A OG1 1 
ATOM   188  C CG2 . THR A 1 21  ? -8.285  1.379   7.985   1.00 20.26 ? 21  THR A CG2 1 
ATOM   189  N N   . GLU A 1 22  ? -5.805  -0.364  11.591  1.00 14.14 ? 22  GLU A N   1 
ATOM   190  C CA  . GLU A 1 22  ? -5.335  -1.329  12.574  1.00 14.62 ? 22  GLU A CA  1 
ATOM   191  C C   . GLU A 1 22  ? -5.096  -0.697  13.935  1.00 14.77 ? 22  GLU A C   1 
ATOM   192  O O   . GLU A 1 22  ? -4.700  -1.400  14.868  1.00 16.95 ? 22  GLU A O   1 
ATOM   193  C CB  . GLU A 1 22  ? -4.046  -2.006  12.087  1.00 15.19 ? 22  GLU A CB  1 
ATOM   194  C CG  . GLU A 1 22  ? -4.178  -2.693  10.730  1.00 18.75 ? 22  GLU A CG  1 
ATOM   195  C CD  . GLU A 1 22  ? -4.883  -4.039  10.793  1.00 20.01 ? 22  GLU A CD  1 
ATOM   196  O OE1 . GLU A 1 22  ? -5.210  -4.510  11.900  1.00 20.22 ? 22  GLU A OE1 1 
ATOM   197  O OE2 . GLU A 1 22  ? -5.127  -4.621  9.715   1.00 24.88 ? 22  GLU A OE2 1 
ATOM   198  N N   . GLY A 1 23  ? -5.326  0.605   14.072  1.00 14.70 ? 23  GLY A N   1 
ATOM   199  C CA  . GLY A 1 23  ? -5.106  1.299   15.325  1.00 15.24 ? 23  GLY A CA  1 
ATOM   200  C C   . GLY A 1 23  ? -3.723  1.887   15.517  1.00 13.96 ? 23  GLY A C   1 
ATOM   201  O O   . GLY A 1 23  ? -3.400  2.300   16.637  1.00 16.01 ? 23  GLY A O   1 
ATOM   202  N N   . TYR A 1 24  ? -2.902  1.949   14.471  1.00 12.60 ? 24  TYR A N   1 
ATOM   203  C CA  . TYR A 1 24  ? -1.514  2.382   14.587  1.00 13.68 ? 24  TYR A CA  1 
ATOM   204  C C   . TYR A 1 24  ? -1.359  3.841   14.183  1.00 11.98 ? 24  TYR A C   1 
ATOM   205  O O   . TYR A 1 24  ? -1.976  4.297   13.216  1.00 11.71 ? 24  TYR A O   1 
ATOM   206  C CB  . TYR A 1 24  ? -0.612  1.541   13.690  1.00 13.65 ? 24  TYR A CB  1 
ATOM   207  C CG  . TYR A 1 24  ? -0.549  0.082   14.048  1.00 14.81 ? 24  TYR A CG  1 
ATOM   208  C CD1 . TYR A 1 24  ? -0.375  -0.324  15.362  1.00 17.96 ? 24  TYR A CD1 1 
ATOM   209  C CD2 . TYR A 1 24  ? -0.645  -0.891  13.062  1.00 17.38 ? 24  TYR A CD2 1 
ATOM   210  C CE1 . TYR A 1 24  ? -0.307  -1.667  15.686  1.00 21.98 ? 24  TYR A CE1 1 
ATOM   211  C CE2 . TYR A 1 24  ? -0.576  -2.232  13.374  1.00 19.35 ? 24  TYR A CE2 1 
ATOM   212  C CZ  . TYR A 1 24  ? -0.411  -2.613  14.686  1.00 20.94 ? 24  TYR A CZ  1 
ATOM   213  O OH  . TYR A 1 24  ? -0.341  -3.951  15.000  1.00 26.56 ? 24  TYR A OH  1 
ATOM   214  N N   . TYR A 1 25  ? -0.494  4.558   14.903  1.00 12.56 ? 25  TYR A N   1 
ATOM   215  C CA  . TYR A 1 25  ? -0.269  5.974   14.630  1.00 12.49 ? 25  TYR A CA  1 
ATOM   216  C C   . TYR A 1 25  ? 0.328   6.189   13.243  1.00 11.33 ? 25  TYR A C   1 
ATOM   217  O O   . TYR A 1 25  ? 1.319   5.555   12.864  1.00 12.17 ? 25  TYR A O   1 
ATOM   218  C CB  . TYR A 1 25  ? 0.649   6.568   15.690  1.00 12.81 ? 25  TYR A CB  1 
ATOM   219  C CG  . TYR A 1 25  ? 0.005   6.673   17.048  1.00 13.64 ? 25  TYR A CG  1 
ATOM   220  C CD1 . TYR A 1 25  ? -1.157  7.412   17.231  1.00 13.79 ? 25  TYR A CD1 1 
ATOM   221  C CD2 . TYR A 1 25  ? 0.562   6.041   18.152  1.00 15.02 ? 25  TYR A CD2 1 
ATOM   222  C CE1 . TYR A 1 25  ? -1.748  7.517   18.478  1.00 16.47 ? 25  TYR A CE1 1 
ATOM   223  C CE2 . TYR A 1 25  ? -0.023  6.144   19.405  1.00 17.04 ? 25  TYR A CE2 1 
ATOM   224  C CZ  . TYR A 1 25  ? -1.176  6.879   19.554  1.00 17.12 ? 25  TYR A CZ  1 
ATOM   225  O OH  . TYR A 1 25  ? -1.762  6.981   20.799  1.00 22.88 ? 25  TYR A OH  1 
ATOM   226  N N   . THR A 1 26  ? -0.285  7.105   12.505  1.00 11.23 ? 26  THR A N   1 
ATOM   227  C CA  . THR A 1 26  ? -0.046  7.342   11.093  1.00 11.22 ? 26  THR A CA  1 
ATOM   228  C C   . THR A 1 26  ? -0.194  8.840   10.869  1.00 10.85 ? 26  THR A C   1 
ATOM   229  O O   . THR A 1 26  ? -0.771  9.545   11.700  1.00 11.43 ? 26  THR A O   1 
ATOM   230  C CB  . THR A 1 26  ? -1.120  6.553   10.312  1.00 11.49 ? 26  THR A CB  1 
ATOM   231  O OG1 . THR A 1 26  ? -1.053  5.175   10.689  1.00 12.24 ? 26  THR A OG1 1 
ATOM   232  C CG2 . THR A 1 26  ? -0.956  6.638   8.805   1.00 12.26 ? 26  THR A CG2 1 
ATOM   233  N N   . ILE A 1 27  ? 0.305   9.335   9.741   1.00 11.34 ? 27  ILE A N   1 
ATOM   234  C CA  . ILE A 1 27  ? 0.092   10.728  9.371   1.00 11.51 ? 27  ILE A CA  1 
ATOM   235  C C   . ILE A 1 27  ? 0.129   10.849  7.856   1.00 10.64 ? 27  ILE A C   1 
ATOM   236  O O   . ILE A 1 27  ? 0.617   9.963   7.148   1.00 10.91 ? 27  ILE A O   1 
ATOM   237  C CB  . ILE A 1 27  ? 1.137   11.657  10.031  1.00 11.57 ? 27  ILE A CB  1 
ATOM   238  C CG1 . ILE A 1 27  ? 0.657   13.124  10.047  1.00 12.55 ? 27  ILE A CG1 1 
ATOM   239  C CG2 . ILE A 1 27  ? 2.471   11.501  9.330   1.00 13.13 ? 27  ILE A CG2 1 
ATOM   240  C CD1 . ILE A 1 27  ? 1.451   14.014  10.973  1.00 13.88 ? 27  ILE A CD1 1 
ATOM   241  N N   . GLY A 1 28  ? -0.389  11.965  7.362   1.00 11.51 ? 28  GLY A N   1 
ATOM   242  C CA  . GLY A 1 28  ? -0.229  12.294  5.956   1.00 11.39 ? 28  GLY A CA  1 
ATOM   243  C C   . GLY A 1 28  ? -1.112  11.436  5.068   1.00 10.83 ? 28  GLY A C   1 
ATOM   244  O O   . GLY A 1 28  ? -2.313  11.268  5.319   1.00 12.44 ? 28  GLY A O   1 
ATOM   245  N N   . ILE A 1 29  ? -0.509  10.909  4.004   1.00 10.92 ? 29  ILE A N   1 
ATOM   246  C CA  . ILE A 1 29  ? -1.167  10.013  3.066   1.00 10.98 ? 29  ILE A CA  1 
ATOM   247  C C   . ILE A 1 29  ? -0.791  8.586   3.455   1.00 10.62 ? 29  ILE A C   1 
ATOM   248  O O   . ILE A 1 29  ? 0.000   7.919   2.780   1.00 11.18 ? 29  ILE A O   1 
ATOM   249  C CB  . ILE A 1 29  ? -0.777  10.383  1.623   1.00 11.35 ? 29  ILE A CB  1 
ATOM   250  C CG1 . ILE A 1 29  ? -1.071  11.867  1.367   1.00 12.61 ? 29  ILE A CG1 1 
ATOM   251  C CG2 . ILE A 1 29  ? -1.545  9.542   0.619   1.00 11.97 ? 29  ILE A CG2 1 
ATOM   252  C CD1 . ILE A 1 29  ? -0.455  12.425  0.099   1.00 14.05 ? 29  ILE A CD1 1 
ATOM   253  N N   . GLY A 1 30  ? -1.318  8.132   4.587   1.00 11.08 ? 30  GLY A N   1 
ATOM   254  C CA  . GLY A 1 30  ? -1.072  6.776   5.032   1.00 12.00 ? 30  GLY A CA  1 
ATOM   255  C C   . GLY A 1 30  ? 0.352   6.457   5.439   1.00 11.09 ? 30  GLY A C   1 
ATOM   256  O O   . GLY A 1 30  ? 0.779   5.313   5.293   1.00 11.84 ? 30  GLY A O   1 
ATOM   257  N N   . HIS A 1 31  ? 1.094   7.419   5.981   1.00 10.92 ? 31  HIS A N   1 
ATOM   258  C CA  . HIS A 1 31  ? 2.460   7.144   6.416   1.00 11.66 ? 31  HIS A CA  1 
ATOM   259  C C   . HIS A 1 31  ? 2.444   6.561   7.824   1.00 10.99 ? 31  HIS A C   1 
ATOM   260  O O   . HIS A 1 31  ? 2.206   7.283   8.797   1.00 11.01 ? 31  HIS A O   1 
ATOM   261  C CB  . HIS A 1 31  ? 3.298   8.415   6.397   1.00 13.05 ? 31  HIS A CB  1 
ATOM   262  C CG  . HIS A 1 31  ? 4.702   8.179   6.833   1.00 11.78 ? 31  HIS A CG  1 
ATOM   263  N ND1 . HIS A 1 31  ? 5.674   7.731   5.968   1.00 12.65 ? 31  HIS A ND1 1 
ATOM   264  C CD2 . HIS A 1 31  ? 5.284   8.263   8.052   1.00 13.48 ? 31  HIS A CD2 1 
ATOM   265  C CE1 . HIS A 1 31  ? 6.806   7.572   6.631   1.00 13.53 ? 31  HIS A CE1 1 
ATOM   266  N NE2 . HIS A 1 31  ? 6.595   7.885   7.897   1.00 14.89 ? 31  HIS A NE2 1 
ATOM   267  N N   . LEU A 1 32  ? 2.736   5.268   7.950   1.00 11.98 ? 32  LEU A N   1 
ATOM   268  C CA  . LEU A 1 32  ? 2.810   4.648   9.267   1.00 11.72 ? 32  LEU A CA  1 
ATOM   269  C C   . LEU A 1 32  ? 3.960   5.240   10.066  1.00 12.63 ? 32  LEU A C   1 
ATOM   270  O O   . LEU A 1 32  ? 5.093   5.320   9.581   1.00 13.66 ? 32  LEU A O   1 
ATOM   271  C CB  . LEU A 1 32  ? 3.017   3.142   9.113   1.00 13.98 ? 32  LEU A CB  1 
ATOM   272  C CG  . LEU A 1 32  ? 3.303   2.364   10.400  1.00 15.40 ? 32  LEU A CG  1 
ATOM   273  C CD1 . LEU A 1 32  ? 2.098   2.381   11.340  1.00 17.30 ? 32  LEU A CD1 1 
ATOM   274  C CD2 . LEU A 1 32  ? 3.716   0.933   10.085  1.00 20.54 ? 32  LEU A CD2 1 
ATOM   275  N N   . LEU A 1 33  ? 3.675   5.646   11.304  1.00 11.90 ? 33  LEU A N   1 
ATOM   276  C CA  . LEU A 1 33  ? 4.722   6.159   12.177  1.00 12.38 ? 33  LEU A CA  1 
ATOM   277  C C   . LEU A 1 33  ? 5.282   5.085   13.096  1.00 13.66 ? 33  LEU A C   1 
ATOM   278  O O   . LEU A 1 33  ? 6.504   4.934   13.202  1.00 15.64 ? 33  LEU A O   1 
ATOM   279  C CB  . LEU A 1 33  ? 4.199   7.344   12.992  1.00 13.16 ? 33  LEU A CB  1 
ATOM   280  C CG  . LEU A 1 33  ? 3.968   8.607   12.164  1.00 12.83 ? 33  LEU A CG  1 
ATOM   281  C CD1 . LEU A 1 33  ? 3.164   9.626   12.950  1.00 13.49 ? 33  LEU A CD1 1 
ATOM   282  C CD2 . LEU A 1 33  ? 5.298   9.216   11.731  1.00 13.31 ? 33  LEU A CD2 1 
ATOM   283  N N   . THR A 1 34  ? 4.416   4.333   13.766  1.00 14.37 ? 34  THR A N   1 
ATOM   284  C CA  . THR A 1 34  ? 4.884   3.298   14.675  1.00 14.25 ? 34  THR A CA  1 
ATOM   285  C C   . THR A 1 34  ? 3.718   2.388   15.008  1.00 14.88 ? 34  THR A C   1 
ATOM   286  O O   . THR A 1 34  ? 2.560   2.801   14.951  1.00 15.12 ? 34  THR A O   1 
ATOM   287  C CB  . THR A 1 34  ? 5.457   3.897   15.970  1.00 14.69 ? 34  THR A CB  1 
ATOM   288  O OG1 . THR A 1 34  ? 5.937   2.837   16.807  1.00 16.84 ? 34  THR A OG1 1 
ATOM   289  C CG2 . THR A 1 34  ? 4.395   4.690   16.723  1.00 17.19 ? 34  THR A CG2 1 
ATOM   290  N N   . LYS A 1 35  ? 4.039   1.148   15.356  1.00 15.51 ? 35  LYS A N   1 
ATOM   291  C CA  . LYS A 1 35  ? 3.055   0.241   15.925  1.00 18.02 ? 35  LYS A CA  1 
ATOM   292  C C   . LYS A 1 35  ? 3.026   0.309   17.444  1.00 17.87 ? 35  LYS A C   1 
ATOM   293  O O   . LYS A 1 35  ? 2.205   -0.370  18.071  1.00 18.97 ? 35  LYS A O   1 
ATOM   294  C CB  . LYS A 1 35  ? 3.301   -1.190  15.438  1.00 20.44 ? 35  LYS A CB  1 
ATOM   295  C CG  . LYS A 1 35  ? 3.057   -1.339  13.944  1.00 16.97 ? 35  LYS A CG  1 
ATOM   296  C CD  . LYS A 1 35  ? 3.246   -2.767  13.455  1.00 20.78 ? 35  LYS A CD  1 
ATOM   297  C CE  . LYS A 1 35  ? 3.152   -2.819  11.937  1.00 25.04 ? 35  LYS A CE  1 
ATOM   298  N NZ  . LYS A 1 35  ? 3.177   -4.213  11.414  1.00 28.44 ? 35  LYS A NZ  1 
ATOM   299  N N   . SER A 1 36  ? 3.882   1.131   18.040  1.00 17.81 ? 36  SER A N   1 
ATOM   300  C CA  . SER A 1 36  ? 3.891   1.283   19.484  1.00 19.55 ? 36  SER A CA  1 
ATOM   301  C C   . SER A 1 36  ? 2.639   2.029   19.935  1.00 18.04 ? 36  SER A C   1 
ATOM   302  O O   . SER A 1 36  ? 2.175   2.945   19.248  1.00 17.29 ? 36  SER A O   1 
ATOM   303  C CB  . SER A 1 36  ? 5.125   2.072   19.917  1.00 20.01 ? 36  SER A CB  1 
ATOM   304  O OG  . SER A 1 36  ? 4.958   2.606   21.221  1.00 21.02 ? 36  SER A OG  1 
ATOM   305  N N   . PRO A 1 37  ? 2.075   1.672   21.094  1.00 18.36 ? 37  PRO A N   1 
ATOM   306  C CA  . PRO A 1 37  ? 0.944   2.436   21.633  1.00 19.06 ? 37  PRO A CA  1 
ATOM   307  C C   . PRO A 1 37  ? 1.324   3.810   22.164  1.00 18.29 ? 37  PRO A C   1 
ATOM   308  O O   . PRO A 1 37  ? 0.429   4.572   22.550  1.00 21.12 ? 37  PRO A O   1 
ATOM   309  C CB  . PRO A 1 37  ? 0.421   1.533   22.761  1.00 22.59 ? 37  PRO A CB  1 
ATOM   310  C CG  . PRO A 1 37  ? 1.606   0.736   23.174  1.00 23.92 ? 37  PRO A CG  1 
ATOM   311  C CD  . PRO A 1 37  ? 2.384   0.486   21.910  1.00 20.76 ? 37  PRO A CD  1 
ATOM   312  N N   . SER A 1 38  ? 2.605   4.166   22.174  1.00 17.72 ? 38  SER A N   1 
ATOM   313  C CA  . SER A 1 38  ? 3.053   5.435   22.734  1.00 18.34 ? 38  SER A CA  1 
ATOM   314  C C   . SER A 1 38  ? 2.940   6.541   21.689  1.00 15.56 ? 38  SER A C   1 
ATOM   315  O O   . SER A 1 38  ? 3.625   6.505   20.658  1.00 16.04 ? 38  SER A O   1 
ATOM   316  C CB  . SER A 1 38  ? 4.497   5.316   23.214  1.00 20.87 ? 38  SER A CB  1 
ATOM   317  O OG  . SER A 1 38  ? 5.062   6.596   23.433  1.00 19.61 ? 38  SER A OG  1 
ATOM   318  N N   . LEU A 1 39  ? 2.091   7.533   21.966  1.00 16.48 ? 39  LEU A N   1 
ATOM   319  C CA  . LEU A 1 39  ? 2.012   8.705   21.097  1.00 16.44 ? 39  LEU A CA  1 
ATOM   320  C C   . LEU A 1 39  ? 3.337   9.455   21.043  1.00 14.07 ? 39  LEU A C   1 
ATOM   321  O O   . LEU A 1 39  ? 3.705   9.997   19.991  1.00 14.85 ? 39  LEU A O   1 
ATOM   322  C CB  . LEU A 1 39  ? 0.880   9.627   21.559  1.00 17.58 ? 39  LEU A CB  1 
ATOM   323  C CG  . LEU A 1 39  ? 0.703   10.935  20.787  1.00 15.39 ? 39  LEU A CG  1 
ATOM   324  C CD1 . LEU A 1 39  ? 0.406   10.661  19.323  1.00 16.63 ? 39  LEU A CD1 1 
ATOM   325  C CD2 . LEU A 1 39  ? -0.412  11.763  21.409  1.00 19.37 ? 39  LEU A CD2 1 
ATOM   326  N N   . ASN A 1 40  ? 4.074   9.486   22.158  1.00 15.63 ? 40  ASN A N   1 
ATOM   327  C CA  . ASN A 1 40  ? 5.387   10.118  22.144  1.00 15.85 ? 40  ASN A CA  1 
ATOM   328  C C   . ASN A 1 40  ? 6.324   9.411   21.174  1.00 14.59 ? 40  ASN A C   1 
ATOM   329  O O   . ASN A 1 40  ? 7.097   10.062  20.460  1.00 14.63 ? 40  ASN A O   1 
ATOM   330  C CB  . ASN A 1 40  ? 5.984   10.136  23.551  1.00 18.35 ? 40  ASN A CB  1 
ATOM   331  C CG  . ASN A 1 40  ? 5.410   11.238  24.412  1.00 20.70 ? 40  ASN A CG  1 
ATOM   332  O OD1 . ASN A 1 40  ? 4.872   12.223  23.907  1.00 25.76 ? 40  ASN A OD1 1 
ATOM   333  N ND2 . ASN A 1 40  ? 5.529   11.081  25.726  1.00 28.42 ? 40  ASN A ND2 1 
ATOM   334  N N   . ALA A 1 41  ? 6.281   8.077   21.142  1.00 15.62 ? 41  ALA A N   1 
ATOM   335  C CA  . ALA A 1 41  ? 7.104   7.345   20.186  1.00 14.82 ? 41  ALA A CA  1 
ATOM   336  C C   . ALA A 1 41  ? 6.729   7.707   18.757  1.00 13.61 ? 41  ALA A C   1 
ATOM   337  O O   . ALA A 1 41  ? 7.608   7.873   17.902  1.00 13.60 ? 41  ALA A O   1 
ATOM   338  C CB  . ALA A 1 41  ? 6.981   5.838   20.414  1.00 17.46 ? 41  ALA A CB  1 
ATOM   339  N N   . ALA A 1 42  ? 5.430   7.856   18.485  1.00 13.50 ? 42  ALA A N   1 
ATOM   340  C CA  . ALA A 1 42  ? 4.988   8.271   17.159  1.00 12.85 ? 42  ALA A CA  1 
ATOM   341  C C   . ALA A 1 42  ? 5.478   9.672   16.825  1.00 12.05 ? 42  ALA A C   1 
ATOM   342  O O   . ALA A 1 42  ? 5.904   9.933   15.692  1.00 12.87 ? 42  ALA A O   1 
ATOM   343  C CB  . ALA A 1 42  ? 3.463   8.221   17.080  1.00 14.10 ? 42  ALA A CB  1 
ATOM   344  N N   . LYS A 1 43  ? 5.408   10.594  17.791  1.00 12.94 ? 43  LYS A N   1 
ATOM   345  C CA  . LYS A 1 43  ? 5.867   11.961  17.547  1.00 13.11 ? 43  LYS A CA  1 
ATOM   346  C C   . LYS A 1 43  ? 7.362   12.001  17.274  1.00 12.49 ? 43  LYS A C   1 
ATOM   347  O O   . LYS A 1 43  ? 7.828   12.779  16.431  1.00 13.48 ? 43  LYS A O   1 
ATOM   348  C CB  . LYS A 1 43  ? 5.510   12.857  18.734  1.00 13.61 ? 43  LYS A CB  1 
ATOM   349  C CG  . LYS A 1 43  ? 4.033   13.230  18.781  1.00 14.35 ? 43  LYS A CG  1 
ATOM   350  C CD  . LYS A 1 43  ? 3.668   13.903  20.097  1.00 17.95 ? 43  LYS A CD  1 
ATOM   351  C CE  . LYS A 1 43  ? 2.279   14.518  20.025  1.00 18.20 ? 43  LYS A CE  1 
ATOM   352  N NZ  . LYS A 1 43  ? 1.966   15.308  21.248  1.00 22.65 ? 43  LYS A NZ  1 
ATOM   353  N N   . SER A 1 44  ? 8.131   11.158  17.969  1.00 13.11 ? 44  SER A N   1 
ATOM   354  C CA  . SER A 1 44  ? 9.562   11.068  17.689  1.00 14.60 ? 44  SER A CA  1 
ATOM   355  C C   . SER A 1 44  ? 9.813   10.572  16.272  1.00 13.08 ? 44  SER A C   1 
ATOM   356  O O   . SER A 1 44  ? 10.634  11.140  15.541  1.00 14.08 ? 44  SER A O   1 
ATOM   357  C CB  . SER A 1 44  ? 10.259  10.170  18.710  1.00 17.01 ? 44  SER A CB  1 
ATOM   358  O OG  . SER A 1 44  ? 10.243  10.756  20.000  1.00 20.74 ? 44  SER A OG  1 
ATOM   359  N N   . GLU A 1 45  ? 9.100   9.522   15.857  1.00 13.56 ? 45  GLU A N   1 
ATOM   360  C CA  . GLU A 1 45  ? 9.244   9.046   14.485  1.00 13.18 ? 45  GLU A CA  1 
ATOM   361  C C   . GLU A 1 45  ? 8.901   10.140  13.486  1.00 12.76 ? 45  GLU A C   1 
ATOM   362  O O   . GLU A 1 45  ? 9.575   10.292  12.461  1.00 13.22 ? 45  GLU A O   1 
ATOM   363  C CB  . GLU A 1 45  ? 8.370   7.813   14.241  1.00 13.95 ? 45  GLU A CB  1 
ATOM   364  C CG  . GLU A 1 45  ? 8.845   6.577   14.971  1.00 14.39 ? 45  GLU A CG  1 
ATOM   365  C CD  . GLU A 1 45  ? 10.259  6.191   14.560  1.00 13.94 ? 45  GLU A CD  1 
ATOM   366  O OE1 . GLU A 1 45  ? 10.503  5.980   13.352  1.00 15.72 ? 45  GLU A OE1 1 
ATOM   367  O OE2 . GLU A 1 45  ? 11.144  6.126   15.441  1.00 16.93 ? 45  GLU A OE2 1 
ATOM   368  N N   . LEU A 1 46  ? 7.860   10.921  13.771  1.00 12.17 ? 46  LEU A N   1 
ATOM   369  C CA  . LEU A 1 46  ? 7.467   11.985  12.860  1.00 12.43 ? 46  LEU A CA  1 
ATOM   370  C C   . LEU A 1 46  ? 8.567   13.031  12.736  1.00 11.69 ? 46  LEU A C   1 
ATOM   371  O O   . LEU A 1 46  ? 8.924   13.449  11.630  1.00 12.45 ? 46  LEU A O   1 
ATOM   372  C CB  . LEU A 1 46  ? 6.179   12.631  13.357  1.00 12.64 ? 46  LEU A CB  1 
ATOM   373  C CG  . LEU A 1 46  ? 5.674   13.781  12.483  1.00 12.03 ? 46  LEU A CG  1 
ATOM   374  C CD1 . LEU A 1 46  ? 5.405   13.322  11.051  1.00 12.95 ? 46  LEU A CD1 1 
ATOM   375  C CD2 . LEU A 1 46  ? 4.428   14.418  13.076  1.00 13.75 ? 46  LEU A CD2 1 
ATOM   376  N N   . ASP A 1 47  ? 9.107   13.478  13.870  1.00 12.25 ? 47  ASP A N   1 
ATOM   377  C CA  . ASP A 1 47  ? 10.149  14.500  13.828  1.00 12.24 ? 47  ASP A CA  1 
ATOM   378  C C   . ASP A 1 47  ? 11.368  14.015  13.056  1.00 12.94 ? 47  ASP A C   1 
ATOM   379  O O   . ASP A 1 47  ? 11.964  14.771  12.281  1.00 13.64 ? 47  ASP A O   1 
ATOM   380  C CB  . ASP A 1 47  ? 10.533  14.892  15.249  1.00 14.15 ? 47  ASP A CB  1 
ATOM   381  C CG  . ASP A 1 47  ? 9.420   15.624  15.974  1.00 14.96 ? 47  ASP A CG  1 
ATOM   382  O OD1 . ASP A 1 47  ? 8.412   15.994  15.338  1.00 15.92 ? 47  ASP A OD1 1 
ATOM   383  O OD2 . ASP A 1 47  ? 9.563   15.847  17.198  1.00 18.93 ? 47  ASP A OD2 1 
ATOM   384  N N   . LYS A 1 48  ? 11.754  12.757  13.264  1.00 12.67 ? 48  LYS A N   1 
ATOM   385  C CA  . LYS A 1 48  ? 12.856  12.147  12.522  1.00 12.75 ? 48  LYS A CA  1 
ATOM   386  C C   . LYS A 1 48  ? 12.560  12.105  11.024  1.00 11.88 ? 48  LYS A C   1 
ATOM   387  O O   . LYS A 1 48  ? 13.442  12.379  10.197  1.00 12.64 ? 48  LYS A O   1 
ATOM   388  C CB  . LYS A 1 48  ? 13.079  10.737  13.081  1.00 14.24 ? 48  LYS A CB  1 
ATOM   389  C CG  . LYS A 1 48  ? 14.099  9.890   12.347  1.00 15.17 ? 48  LYS A CG  1 
ATOM   390  C CD  . LYS A 1 48  ? 14.526  8.676   13.167  1.00 16.12 ? 48  LYS A CD  1 
ATOM   391  C CE  . LYS A 1 48  ? 13.352  7.787   13.569  1.00 15.75 ? 48  LYS A CE  1 
ATOM   392  N NZ  . LYS A 1 48  ? 12.988  6.802   12.512  1.00 14.16 ? 48  LYS A NZ  1 
ATOM   393  N N   . ALA A 1 49  ? 11.312  11.794  10.658  1.00 12.03 ? 49  ALA A N   1 
ATOM   394  C CA  . ALA A 1 49  ? 10.959  11.674  9.245   1.00 12.50 ? 49  ALA A CA  1 
ATOM   395  C C   . ALA A 1 49  ? 10.954  13.027  8.550   1.00 11.48 ? 49  ALA A C   1 
ATOM   396  O O   . ALA A 1 49  ? 11.332  13.124  7.377   1.00 12.08 ? 49  ALA A O   1 
ATOM   397  C CB  . ALA A 1 49  ? 9.594   11.008  9.101   1.00 13.03 ? 49  ALA A CB  1 
ATOM   398  N N   . ILE A 1 50  ? 10.505  14.072  9.244   1.00 12.23 ? 50  ILE A N   1 
ATOM   399  C CA  . ILE A 1 50  ? 10.358  15.391  8.637   1.00 13.23 ? 50  ILE A CA  1 
ATOM   400  C C   . ILE A 1 50  ? 11.629  16.227  8.783   1.00 13.54 ? 50  ILE A C   1 
ATOM   401  O O   . ILE A 1 50  ? 11.901  17.093  7.943   1.00 14.24 ? 50  ILE A O   1 
ATOM   402  C CB  . ILE A 1 50  ? 9.151   16.115  9.263   1.00 12.85 ? 50  ILE A CB  1 
ATOM   403  C CG1 . ILE A 1 50  ? 7.886   15.274  9.113   1.00 14.51 ? 50  ILE A CG1 1 
ATOM   404  C CG2 . ILE A 1 50  ? 8.953   17.505  8.654   1.00 16.21 ? 50  ILE A CG2 1 
ATOM   405  C CD1 . ILE A 1 50  ? 7.466   15.078  7.678   1.00 17.90 ? 50  ILE A CD1 1 
ATOM   406  N N   . GLY A 1 51  ? 12.407  15.995  9.836   1.00 13.23 ? 51  GLY A N   1 
ATOM   407  C CA  . GLY A 1 51  ? 13.595  16.784  10.088  1.00 14.20 ? 51  GLY A CA  1 
ATOM   408  C C   . GLY A 1 51  ? 13.357  18.054  10.871  1.00 16.49 ? 51  GLY A C   1 
ATOM   409  O O   . GLY A 1 51  ? 14.180  18.976  10.794  1.00 17.84 ? 51  GLY A O   1 
ATOM   410  N N   . ARG A 1 52  ? 12.256  18.143  11.612  1.00 16.12 ? 52  ARG A N   1 
ATOM   411  C CA  . ARG A 1 52  ? 12.012  19.270  12.498  1.00 16.83 ? 52  ARG A CA  1 
ATOM   412  C C   . ARG A 1 52  ? 11.068  18.805  13.592  1.00 15.02 ? 52  ARG A C   1 
ATOM   413  O O   . ARG A 1 52  ? 10.496  17.715  13.525  1.00 15.09 ? 52  ARG A O   1 
ATOM   414  C CB  . ARG A 1 52  ? 11.415  20.461  11.747  1.00 16.58 ? 52  ARG A CB  1 
ATOM   415  C CG  . ARG A 1 52  ? 10.001  20.202  11.258  1.00 16.11 ? 52  ARG A CG  1 
ATOM   416  C CD  . ARG A 1 52  ? 9.404   21.365  10.470  1.00 16.82 ? 52  ARG A CD  1 
ATOM   417  N NE  . ARG A 1 52  ? 8.063   21.024  9.999   1.00 15.48 ? 52  ARG A NE  1 
ATOM   418  C CZ  . ARG A 1 52  ? 6.950   21.148  10.716  1.00 15.54 ? 52  ARG A CZ  1 
ATOM   419  N NH1 . ARG A 1 52  ? 6.993   21.647  11.944  1.00 16.91 ? 52  ARG A NH1 1 
ATOM   420  N NH2 . ARG A 1 52  ? 5.787   20.772  10.197  1.00 16.37 ? 52  ARG A NH2 1 
ATOM   421  N N   . ASN A 1 53  ? 10.918  19.643  14.612  1.00 15.02 ? 53  ASN A N   1 
ATOM   422  C CA  . ASN A 1 53  ? 10.037  19.361  15.736  1.00 15.36 ? 53  ASN A CA  1 
ATOM   423  C C   . ASN A 1 53  ? 8.622   19.704  15.293  1.00 14.49 ? 53  ASN A C   1 
ATOM   424  O O   . ASN A 1 53  ? 8.261   20.869  15.222  1.00 16.26 ? 53  ASN A O   1 
ATOM   425  C CB  . ASN A 1 53  ? 10.461  20.217  16.928  1.00 18.66 ? 53  ASN A CB  1 
ATOM   426  C CG  . ASN A 1 53  ? 9.908   19.713  18.237  1.00 23.28 ? 53  ASN A CG  1 
ATOM   427  O OD1 . ASN A 1 53  ? 8.748   19.338  18.327  1.00 27.03 ? 53  ASN A OD1 1 
ATOM   428  N ND2 . ASN A 1 53  ? 10.742  19.712  19.266  1.00 35.47 ? 53  ASN A ND2 1 
ATOM   429  N N   . CYS A 1 54  ? 7.834   18.678  14.983  1.00 14.27 ? 54  CYS A N   1 
ATOM   430  C CA  . CYS A 1 54  ? 6.485   18.850  14.455  1.00 14.94 ? 54  CYS A CA  1 
ATOM   431  C C   . CYS A 1 54  ? 5.322   18.921  15.422  1.00 15.25 ? 54  CYS A C   1 
ATOM   432  O O   . CYS A 1 54  ? 4.266   19.426  15.060  1.00 16.41 ? 54  CYS A O   1 
ATOM   433  C CB  . CYS A 1 54  ? 6.183   17.721  13.470  1.00 20.00 ? 54  CYS A CB  1 
ATOM   434  S SG  . CYS A 1 54  ? 7.285   17.689  12.054  1.00 20.00 ? 54  CYS A SG  1 
ATOM   435  N N   . ASN A 1 55  ? 5.486   18.390  16.622  1.00 15.95 ? 55  ASN A N   1 
ATOM   436  C CA  . ASN A 1 55  ? 4.380   18.422  17.561  1.00 19.58 ? 55  ASN A CA  1 
ATOM   437  C C   . ASN A 1 55  ? 3.180   17.607  17.028  1.00 18.25 ? 55  ASN A C   1 
ATOM   438  O O   . ASN A 1 55  ? 2.057   17.876  17.416  1.00 20.59 ? 55  ASN A O   1 
ATOM   439  C CB  . ASN A 1 55  ? 3.974   19.892  17.804  1.00 25.81 ? 55  ASN A CB  1 
ATOM   440  C CG  . ASN A 1 55  ? 3.055   20.073  19.001  1.00 25.95 ? 55  ASN A CG  1 
ATOM   441  O OD1 . ASN A 1 55  ? 3.074   19.279  19.938  1.00 28.80 ? 55  ASN A OD1 1 
ATOM   442  N ND2 . ASN A 1 55  ? 2.240   21.129  18.968  1.00 25.87 ? 55  ASN A ND2 1 
ATOM   443  N N   . GLY A 1 56  ? 3.408   16.628  16.143  1.00 15.15 ? 56  GLY A N   1 
ATOM   444  C CA  . GLY A 1 56  ? 2.317   15.823  15.621  1.00 16.10 ? 56  GLY A CA  1 
ATOM   445  C C   . GLY A 1 56  ? 1.556   16.413  14.453  1.00 13.87 ? 56  GLY A C   1 
ATOM   446  O O   . GLY A 1 56  ? 0.513   15.857  14.077  1.00 14.08 ? 56  GLY A O   1 
ATOM   447  N N   . VAL A 1 57  ? 2.041   17.500  13.854  1.00 13.98 ? 57  VAL A N   1 
ATOM   448  C CA  . VAL A 1 57  ? 1.351   18.180  12.765  1.00 14.84 ? 57  VAL A CA  1 
ATOM   449  C C   . VAL A 1 57  ? 2.346   18.471  11.653  1.00 13.40 ? 57  VAL A C   1 
ATOM   450  O O   . VAL A 1 57  ? 3.461   18.930  11.917  1.00 14.07 ? 57  VAL A O   1 
ATOM   451  C CB  . VAL A 1 57  ? 0.703   19.497  13.247  1.00 16.36 ? 57  VAL A CB  1 
ATOM   452  C CG1 . VAL A 1 57  ? 0.020   20.214  12.093  1.00 19.93 ? 57  VAL A CG1 1 
ATOM   453  C CG2 . VAL A 1 57  ? -0.285  19.236  14.372  1.00 19.48 ? 57  VAL A CG2 1 
ATOM   454  N N   . ILE A 1 58  ? 1.932   18.246  10.403  1.00 13.98 ? 58  ILE A N   1 
ATOM   455  C CA  . ILE A 1 58  ? 2.763   18.527  9.238   1.00 13.21 ? 58  ILE A CA  1 
ATOM   456  C C   . ILE A 1 58  ? 1.973   19.366  8.238   1.00 13.95 ? 58  ILE A C   1 
ATOM   457  O O   . ILE A 1 58  ? 0.759   19.541  8.356   1.00 15.35 ? 58  ILE A O   1 
ATOM   458  C CB  . ILE A 1 58  ? 3.318   17.245  8.572   1.00 13.04 ? 58  ILE A CB  1 
ATOM   459  C CG1 . ILE A 1 58  ? 2.187   16.350  8.048   1.00 12.15 ? 58  ILE A CG1 1 
ATOM   460  C CG2 . ILE A 1 58  ? 4.218   16.497  9.546   1.00 14.41 ? 58  ILE A CG2 1 
ATOM   461  C CD1 . ILE A 1 58  ? 2.690   15.131  7.279   1.00 13.45 ? 58  ILE A CD1 1 
ATOM   462  N N   . THR A 1 59  ? 2.684   19.886  7.240   1.00 14.74 ? 59  THR A N   1 
ATOM   463  C CA  . THR A 1 59  ? 2.072   20.601  6.131   1.00 15.43 ? 59  THR A CA  1 
ATOM   464  C C   . THR A 1 59  ? 1.730   19.640  4.993   1.00 14.84 ? 59  THR A C   1 
ATOM   465  O O   . THR A 1 59  ? 2.198   18.499  4.934   1.00 14.30 ? 59  THR A O   1 
ATOM   466  C CB  . THR A 1 59  ? 3.019   21.679  5.604   1.00 16.10 ? 59  THR A CB  1 
ATOM   467  O OG1 . THR A 1 59  ? 4.127   21.054  4.949   1.00 16.88 ? 59  THR A OG1 1 
ATOM   468  C CG2 . THR A 1 59  ? 3.526   22.568  6.736   1.00 20.34 ? 59  THR A CG2 1 
ATOM   469  N N   . LYS A 1 60  ? 0.912   20.129  4.059   1.00 16.41 ? 60  LYS A N   1 
ATOM   470  C CA  . LYS A 1 60  ? 0.577   19.329  2.885   1.00 16.51 ? 60  LYS A CA  1 
ATOM   471  C C   . LYS A 1 60  ? 1.818   18.995  2.067   1.00 15.13 ? 60  LYS A C   1 
ATOM   472  O O   . LYS A 1 60  ? 1.968   17.863  1.591   1.00 14.83 ? 60  LYS A O   1 
ATOM   473  C CB  . LYS A 1 60  ? -0.449  20.065  2.027   1.00 17.26 ? 60  LYS A CB  1 
ATOM   474  C CG  . LYS A 1 60  ? -0.977  19.245  0.859   1.00 20.69 ? 60  LYS A CG  1 
ATOM   475  C CD  . LYS A 1 60  ? -2.262  19.846  0.309   1.00 24.56 ? 60  LYS A CD  1 
ATOM   476  C CE  . LYS A 1 60  ? -2.743  19.106  -0.932  1.00 28.27 ? 60  LYS A CE  1 
ATOM   477  N NZ  . LYS A 1 60  ? -1.948  19.446  -2.147  1.00 29.89 ? 60  LYS A NZ  1 
ATOM   478  N N   . ASP A 1 61  ? 2.717   19.969  1.886   1.00 16.01 ? 61  ASP A N   1 
ATOM   479  C CA  . ASP A 1 61  ? 3.960   19.707  1.165   1.00 14.83 ? 61  ASP A CA  1 
ATOM   480  C C   . ASP A 1 61  ? 4.746   18.577  1.818   1.00 13.43 ? 61  ASP A C   1 
ATOM   481  O O   . ASP A 1 61  ? 5.280   17.700  1.128   1.00 13.87 ? 61  ASP A O   1 
ATOM   482  C CB  . ASP A 1 61  ? 4.825   20.965  1.143   1.00 15.67 ? 61  ASP A CB  1 
ATOM   483  C CG  . ASP A 1 61  ? 4.406   21.957  0.075   1.00 20.80 ? 61  ASP A CG  1 
ATOM   484  O OD1 . ASP A 1 61  ? 3.470   21.666  -0.697  1.00 24.60 ? 61  ASP A OD1 1 
ATOM   485  O OD2 . ASP A 1 61  ? 5.021   23.047  0.023   1.00 24.06 ? 61  ASP A OD2 1 
ATOM   486  N N   . GLU A 1 62  ? 4.844   18.601  3.149   1.00 14.13 ? 62  GLU A N   1 
ATOM   487  C CA  . GLU A 1 62  ? 5.562   17.553  3.858   1.00 13.81 ? 62  GLU A CA  1 
ATOM   488  C C   . GLU A 1 62  ? 4.865   16.212  3.696   1.00 12.44 ? 62  GLU A C   1 
ATOM   489  O O   . GLU A 1 62  ? 5.523   15.190  3.473   1.00 12.70 ? 62  GLU A O   1 
ATOM   490  C CB  . GLU A 1 62  ? 5.702   17.931  5.330   1.00 12.47 ? 62  GLU A CB  1 
ATOM   491  C CG  . GLU A 1 62  ? 6.651   19.111  5.536   1.00 14.23 ? 62  GLU A CG  1 
ATOM   492  C CD  . GLU A 1 62  ? 6.586   19.723  6.925   1.00 13.77 ? 62  GLU A CD  1 
ATOM   493  O OE1 . GLU A 1 62  ? 5.611   19.493  7.664   1.00 14.81 ? 62  GLU A OE1 1 
ATOM   494  O OE2 . GLU A 1 62  ? 7.526   20.464  7.281   1.00 15.33 ? 62  GLU A OE2 1 
ATOM   495  N N   . ALA A 1 63  ? 3.534   16.195  3.803   1.00 12.69 ? 63  ALA A N   1 
ATOM   496  C CA  . ALA A 1 63  ? 2.796   14.956  3.586   1.00 12.15 ? 63  ALA A CA  1 
ATOM   497  C C   . ALA A 1 63  ? 3.051   14.397  2.189   1.00 12.20 ? 63  ALA A C   1 
ATOM   498  O O   . ALA A 1 63  ? 3.248   13.187  2.017   1.00 12.16 ? 63  ALA A O   1 
ATOM   499  C CB  . ALA A 1 63  ? 1.305   15.187  3.818   1.00 13.65 ? 63  ALA A CB  1 
ATOM   500  N N   . GLU A 1 64  ? 3.072   15.262  1.179   1.00 12.37 ? 64  GLU A N   1 
ATOM   501  C CA  . GLU A 1 64  ? 3.296   14.783  -0.178  1.00 12.20 ? 64  GLU A CA  1 
ATOM   502  C C   . GLU A 1 64  ? 4.723   14.297  -0.385  1.00 11.82 ? 64  GLU A C   1 
ATOM   503  O O   . GLU A 1 64  ? 4.950   13.353  -1.150  1.00 12.20 ? 64  GLU A O   1 
ATOM   504  C CB  . GLU A 1 64  ? 2.909   15.865  -1.184  1.00 14.37 ? 64  GLU A CB  1 
ATOM   505  C CG  . GLU A 1 64  ? 1.404   16.051  -1.207  1.00 15.54 ? 64  GLU A CG  1 
ATOM   506  C CD  . GLU A 1 64  ? 0.932   17.297  -1.922  1.00 21.66 ? 64  GLU A CD  1 
ATOM   507  O OE1 . GLU A 1 64  ? 1.757   18.190  -2.202  1.00 21.74 ? 64  GLU A OE1 1 
ATOM   508  O OE2 . GLU A 1 64  ? -0.283  17.374  -2.200  1.00 25.23 ? 64  GLU A OE2 1 
ATOM   509  N N   . LYS A 1 65  ? 5.690   14.926  0.284   1.00 12.67 ? 65  LYS A N   1 
ATOM   510  C CA  . LYS A 1 65  ? 7.072   14.472  0.180   1.00 12.78 ? 65  LYS A CA  1 
ATOM   511  C C   . LYS A 1 65  ? 7.249   13.101  0.819   1.00 12.13 ? 65  LYS A C   1 
ATOM   512  O O   . LYS A 1 65  ? 7.881   12.214  0.236   1.00 12.27 ? 65  LYS A O   1 
ATOM   513  C CB  . LYS A 1 65  ? 8.010   15.489  0.823   1.00 15.05 ? 65  LYS A CB  1 
ATOM   514  C CG  . LYS A 1 65  ? 9.478   15.131  0.700   1.00 18.15 ? 65  LYS A CG  1 
ATOM   515  C CD  . LYS A 1 65  ? 10.335  16.327  1.084   1.00 25.89 ? 65  LYS A CD  1 
ATOM   516  C CE  . LYS A 1 65  ? 11.717  15.917  1.554   1.00 28.24 ? 65  LYS A CE  1 
ATOM   517  N NZ  . LYS A 1 65  ? 12.767  16.269  0.560   1.00 28.96 ? 65  LYS A NZ  1 
ATOM   518  N N   . LEU A 1 66  ? 6.705   12.918  2.027   1.00 11.81 ? 66  LEU A N   1 
ATOM   519  C CA  . LEU A 1 66  ? 6.746   11.608  2.664   1.00 11.78 ? 66  LEU A CA  1 
ATOM   520  C C   . LEU A 1 66  ? 6.096   10.569  1.769   1.00 11.55 ? 66  LEU A C   1 
ATOM   521  O O   . LEU A 1 66  ? 6.599   9.451   1.628   1.00 12.38 ? 66  LEU A O   1 
ATOM   522  C CB  . LEU A 1 66  ? 5.984   11.654  3.988   1.00 15.37 ? 66  LEU A CB  1 
ATOM   523  C CG  . LEU A 1 66  ? 6.645   12.275  5.208   1.00 14.80 ? 66  LEU A CG  1 
ATOM   524  C CD1 . LEU A 1 66  ? 5.683   12.141  6.376   1.00 20.34 ? 66  LEU A CD1 1 
ATOM   525  C CD2 . LEU A 1 66  ? 7.958   11.587  5.515   1.00 22.59 ? 66  LEU A CD2 1 
ATOM   526  N N   . PHE A 1 67  ? 4.972   10.938  1.169   1.00 10.92 ? 67  PHE A N   1 
ATOM   527  C CA  . PHE A 1 67  ? 4.234   10.044  0.284   1.00 11.30 ? 67  PHE A CA  1 
ATOM   528  C C   . PHE A 1 67  ? 5.097   9.593   -0.896  1.00 11.41 ? 67  PHE A C   1 
ATOM   529  O O   . PHE A 1 67  ? 5.149   8.410   -1.227  1.00 11.43 ? 67  PHE A O   1 
ATOM   530  C CB  . PHE A 1 67  ? 2.966   10.751  -0.185  1.00 11.35 ? 67  PHE A CB  1 
ATOM   531  C CG  . PHE A 1 67  ? 2.058   9.915   -1.052  1.00 11.29 ? 67  PHE A CG  1 
ATOM   532  C CD1 . PHE A 1 67  ? 1.746   8.599   -0.729  1.00 11.40 ? 67  PHE A CD1 1 
ATOM   533  C CD2 . PHE A 1 67  ? 1.488   10.468  -2.180  1.00 12.07 ? 67  PHE A CD2 1 
ATOM   534  C CE1 . PHE A 1 67  ? 0.894   7.856   -1.532  1.00 11.55 ? 67  PHE A CE1 1 
ATOM   535  C CE2 . PHE A 1 67  ? 0.640   9.734   -2.983  1.00 12.41 ? 67  PHE A CE2 1 
ATOM   536  C CZ  . PHE A 1 67  ? 0.343   8.427   -2.658  1.00 11.80 ? 67  PHE A CZ  1 
ATOM   537  N N   . ASN A 1 68  ? 5.784   10.537  -1.530  1.00 11.82 ? 68  ASN A N   1 
ATOM   538  C CA  . ASN A 1 68  ? 6.654   10.191  -2.648  1.00 12.07 ? 68  ASN A CA  1 
ATOM   539  C C   . ASN A 1 68  ? 7.721   9.192   -2.201  1.00 12.25 ? 68  ASN A C   1 
ATOM   540  O O   . ASN A 1 68  ? 7.989   8.209   -2.879  1.00 12.02 ? 68  ASN A O   1 
ATOM   541  C CB  . ASN A 1 68  ? 7.310   11.442  -3.226  1.00 13.97 ? 68  ASN A CB  1 
ATOM   542  C CG  . ASN A 1 68  ? 7.885   11.221  -4.612  1.00 14.42 ? 68  ASN A CG  1 
ATOM   543  O OD1 . ASN A 1 68  ? 8.341   10.130  -4.948  1.00 18.28 ? 68  ASN A OD1 1 
ATOM   544  N ND2 . ASN A 1 68  ? 7.868   12.266  -5.421  1.00 16.17 ? 68  ASN A ND2 1 
ATOM   545  N N   . GLN A 1 69  ? 8.327   9.451   -1.049  1.00 12.27 ? 69  GLN A N   1 
ATOM   546  C CA  . GLN A 1 69  ? 9.346   8.564   -0.510  1.00 11.62 ? 69  GLN A CA  1 
ATOM   547  C C   . GLN A 1 69  ? 8.759   7.183   -0.233  1.00 11.53 ? 69  GLN A C   1 
ATOM   548  O O   . GLN A 1 69  ? 9.393   6.175   -0.513  1.00 12.36 ? 69  GLN A O   1 
ATOM   549  C CB  . GLN A 1 69  ? 9.931   9.142   0.783   1.00 11.97 ? 69  GLN A CB  1 
ATOM   550  C CG  . GLN A 1 69  ? 10.724  10.418  0.574   1.00 12.36 ? 69  GLN A CG  1 
ATOM   551  C CD  . GLN A 1 69  ? 11.233  11.027  1.864   1.00 11.75 ? 69  GLN A CD  1 
ATOM   552  O OE1 . GLN A 1 69  ? 10.850  10.624  2.965   1.00 14.40 ? 69  GLN A OE1 1 
ATOM   553  N NE2 . GLN A 1 69  ? 12.101  12.009  1.731   1.00 12.77 ? 69  GLN A NE2 1 
ATOM   554  N N   . ASP A 1 70  ? 7.550   7.136   0.321   1.00 11.32 ? 70  ASP A N   1 
ATOM   555  C CA  . ASP A 1 70  ? 6.949   5.852   0.665   1.00 12.03 ? 70  ASP A CA  1 
ATOM   556  C C   . ASP A 1 70  ? 6.606   5.043   -0.581  1.00 11.39 ? 70  ASP A C   1 
ATOM   557  O O   . ASP A 1 70  ? 6.794   3.822   -0.600  1.00 13.73 ? 70  ASP A O   1 
ATOM   558  C CB  . ASP A 1 70  ? 5.695   6.071   1.508   1.00 12.09 ? 70  ASP A CB  1 
ATOM   559  C CG  . ASP A 1 70  ? 5.991   6.636   2.885   1.00 12.20 ? 70  ASP A CG  1 
ATOM   560  O OD1 . ASP A 1 70  ? 7.151   6.565   3.359   1.00 12.32 ? 70  ASP A OD1 1 
ATOM   561  O OD2 . ASP A 1 70  ? 5.035   7.170   3.496   1.00 12.98 ? 70  ASP A OD2 1 
ATOM   562  N N   . VAL A 1 71  ? 6.075   5.695   -1.621  1.00 11.13 ? 71  VAL A N   1 
ATOM   563  C CA  . VAL A 1 71  ? 5.791   4.987   -2.870  1.00 11.33 ? 71  VAL A CA  1 
ATOM   564  C C   . VAL A 1 71  ? 7.082   4.439   -3.466  1.00 11.17 ? 71  VAL A C   1 
ATOM   565  O O   . VAL A 1 71  ? 7.158   3.271   -3.874  1.00 12.82 ? 71  VAL A O   1 
ATOM   566  C CB  . VAL A 1 71  ? 5.045   5.897   -3.863  1.00 11.79 ? 71  VAL A CB  1 
ATOM   567  C CG1 . VAL A 1 71  ? 4.926   5.215   -5.221  1.00 13.87 ? 71  VAL A CG1 1 
ATOM   568  C CG2 . VAL A 1 71  ? 3.667   6.255   -3.333  1.00 13.53 ? 71  VAL A CG2 1 
ATOM   569  N N   . ASP A 1 72  ? 8.121   5.279   -3.518  1.00 12.72 ? 72  ASP A N   1 
ATOM   570  C CA  . ASP A 1 72  ? 9.395   4.831   -4.071  1.00 12.19 ? 72  ASP A CA  1 
ATOM   571  C C   . ASP A 1 72  ? 9.946   3.652   -3.293  1.00 13.76 ? 72  ASP A C   1 
ATOM   572  O O   . ASP A 1 72  ? 10.462  2.698   -3.883  1.00 13.90 ? 72  ASP A O   1 
ATOM   573  C CB  . ASP A 1 72  ? 10.418  5.960   -4.058  1.00 14.19 ? 72  ASP A CB  1 
ATOM   574  C CG  . ASP A 1 72  ? 10.089  7.045   -5.034  1.00 17.59 ? 72  ASP A CG  1 
ATOM   575  O OD1 . ASP A 1 72  ? 9.320   6.782   -5.983  1.00 19.30 ? 72  ASP A OD1 1 
ATOM   576  O OD2 . ASP A 1 72  ? 10.579  8.175   -4.824  1.00 17.82 ? 72  ASP A OD2 1 
ATOM   577  N N   . ALA A 1 73  ? 9.844   3.702   -1.964  1.00 14.17 ? 73  ALA A N   1 
ATOM   578  C CA  . ALA A 1 73  ? 10.349  2.613   -1.138  1.00 14.60 ? 73  ALA A CA  1 
ATOM   579  C C   . ALA A 1 73  ? 9.610   1.315   -1.425  1.00 15.07 ? 73  ALA A C   1 
ATOM   580  O O   . ALA A 1 73  ? 10.215  0.237   -1.422  1.00 15.62 ? 73  ALA A O   1 
ATOM   581  C CB  . ALA A 1 73  ? 10.236  2.983   0.341   1.00 18.81 ? 73  ALA A CB  1 
ATOM   582  N N   . ALA A 1 74  ? 8.302   1.397   -1.674  1.00 13.43 ? 74  ALA A N   1 
ATOM   583  C CA  . ALA A 1 74  ? 7.544   0.201   -2.024  1.00 14.21 ? 74  ALA A CA  1 
ATOM   584  C C   . ALA A 1 74  ? 8.038   -0.378  -3.344  1.00 12.35 ? 74  ALA A C   1 
ATOM   585  O O   . ALA A 1 74  ? 8.276   -1.587  -3.457  1.00 14.50 ? 74  ALA A O   1 
ATOM   586  C CB  . ALA A 1 74  ? 6.052   0.526   -2.089  1.00 15.46 ? 74  ALA A CB  1 
ATOM   587  N N   . VAL A 1 75  ? 8.220   0.485   -4.349  1.00 12.53 ? 75  VAL A N   1 
ATOM   588  C CA  . VAL A 1 75  ? 8.714   0.039   -5.652  1.00 14.27 ? 75  VAL A CA  1 
ATOM   589  C C   . VAL A 1 75  ? 10.093  -0.596  -5.519  1.00 13.48 ? 75  VAL A C   1 
ATOM   590  O O   . VAL A 1 75  ? 10.342  -1.701  -6.018  1.00 14.43 ? 75  VAL A O   1 
ATOM   591  C CB  . VAL A 1 75  ? 8.726   1.206   -6.655  1.00 12.66 ? 75  VAL A CB  1 
ATOM   592  C CG1 . VAL A 1 75  ? 9.410   0.777   -7.946  1.00 15.02 ? 75  VAL A CG1 1 
ATOM   593  C CG2 . VAL A 1 75  ? 7.315   1.686   -6.926  1.00 13.91 ? 75  VAL A CG2 1 
ATOM   594  N N   . ARG A 1 76  ? 11.020  0.104   -4.863  1.00 15.14 ? 76  ARG A N   1 
ATOM   595  C CA  . ARG A 1 76  ? 12.377  -0.427  -4.771  1.00 17.55 ? 76  ARG A CA  1 
ATOM   596  C C   . ARG A 1 76  ? 12.410  -1.740  -4.000  1.00 18.95 ? 76  ARG A C   1 
ATOM   597  O O   . ARG A 1 76  ? 13.207  -2.631  -4.323  1.00 18.30 ? 76  ARG A O   1 
ATOM   598  C CB  . ARG A 1 76  ? 13.316  0.611   -4.154  1.00 21.82 ? 76  ARG A CB  1 
ATOM   599  C CG  . ARG A 1 76  ? 13.529  1.864   -5.005  1.00 25.15 ? 76  ARG A CG  1 
ATOM   600  C CD  . ARG A 1 76  ? 13.931  1.544   -6.448  1.00 29.67 ? 76  ARG A CD  1 
ATOM   601  N NE  . ARG A 1 76  ? 15.314  1.077   -6.554  1.00 29.24 ? 76  ARG A NE  1 
ATOM   602  C CZ  . ARG A 1 76  ? 16.376  1.874   -6.650  1.00 28.78 ? 76  ARG A CZ  1 
ATOM   603  N NH1 . ARG A 1 76  ? 16.225  3.193   -6.651  1.00 26.54 ? 76  ARG A NH1 1 
ATOM   604  N NH2 . ARG A 1 76  ? 17.592  1.352   -6.741  1.00 24.02 ? 76  ARG A NH2 1 
ATOM   605  N N   . GLY A 1 77  ? 11.544  -1.884  -2.996  1.00 17.89 ? 77  GLY A N   1 
ATOM   606  C CA  . GLY A 1 77  ? 11.461  -3.142  -2.275  1.00 18.04 ? 77  GLY A CA  1 
ATOM   607  C C   . GLY A 1 77  ? 10.987  -4.288  -3.148  1.00 17.24 ? 77  GLY A C   1 
ATOM   608  O O   . GLY A 1 77  ? 11.540  -5.391  -3.091  1.00 19.11 ? 77  GLY A O   1 
ATOM   609  N N   . ILE A 1 78  ? 9.949   -4.051  -3.956  1.00 14.70 ? 78  ILE A N   1 
ATOM   610  C CA  . ILE A 1 78  ? 9.519   -5.045  -4.935  1.00 14.44 ? 78  ILE A CA  1 
ATOM   611  C C   . ILE A 1 78  ? 10.687  -5.450  -5.823  1.00 13.76 ? 78  ILE A C   1 
ATOM   612  O O   . ILE A 1 78  ? 10.953  -6.640  -6.036  1.00 14.81 ? 78  ILE A O   1 
ATOM   613  C CB  . ILE A 1 78  ? 8.349   -4.497  -5.769  1.00 13.93 ? 78  ILE A CB  1 
ATOM   614  C CG1 . ILE A 1 78  ? 7.084   -4.385  -4.913  1.00 14.95 ? 78  ILE A CG1 1 
ATOM   615  C CG2 . ILE A 1 78  ? 8.124   -5.368  -7.003  1.00 13.87 ? 78  ILE A CG2 1 
ATOM   616  C CD1 . ILE A 1 78  ? 5.979   -3.590  -5.568  1.00 15.80 ? 78  ILE A CD1 1 
ATOM   617  N N   . LEU A 1 79  ? 11.414  -4.460  -6.342  1.00 14.00 ? 79  LEU A N   1 
ATOM   618  C CA  . LEU A 1 79  ? 12.475  -4.750  -7.301  1.00 14.31 ? 79  LEU A CA  1 
ATOM   619  C C   . LEU A 1 79  ? 13.656  -5.475  -6.670  1.00 16.32 ? 79  LEU A C   1 
ATOM   620  O O   . LEU A 1 79  ? 14.396  -6.162  -7.384  1.00 18.44 ? 79  LEU A O   1 
ATOM   621  C CB  . LEU A 1 79  ? 12.928  -3.473  -8.003  1.00 15.97 ? 79  LEU A CB  1 
ATOM   622  C CG  . LEU A 1 79  ? 11.873  -2.755  -8.846  1.00 15.78 ? 79  LEU A CG  1 
ATOM   623  C CD1 . LEU A 1 79  ? 12.441  -1.479  -9.456  1.00 18.37 ? 79  LEU A CD1 1 
ATOM   624  C CD2 . LEU A 1 79  ? 11.330  -3.679  -9.931  1.00 19.90 ? 79  LEU A CD2 1 
ATOM   625  N N   . ARG A 1 80  ? 13.842  -5.352  -5.359  1.00 15.29 ? 80  ARG A N   1 
ATOM   626  C CA  . ARG A 1 80  ? 14.911  -6.053  -4.661  1.00 17.25 ? 80  ARG A CA  1 
ATOM   627  C C   . ARG A 1 80  ? 14.502  -7.443  -4.199  1.00 17.94 ? 80  ARG A C   1 
ATOM   628  O O   . ARG A 1 80  ? 15.365  -8.210  -3.751  1.00 20.97 ? 80  ARG A O   1 
ATOM   629  C CB  . ARG A 1 80  ? 15.381  -5.234  -3.451  1.00 20.42 ? 80  ARG A CB  1 
ATOM   630  C CG  . ARG A 1 80  ? 16.192  -4.003  -3.816  1.00 24.08 ? 80  ARG A CG  1 
ATOM   631  C CD  . ARG A 1 80  ? 16.745  -3.311  -2.576  1.00 30.71 ? 80  ARG A CD  1 
ATOM   632  N NE  . ARG A 1 80  ? 15.733  -3.149  -1.535  1.00 39.86 ? 80  ARG A NE  1 
ATOM   633  C CZ  . ARG A 1 80  ? 15.198  -1.982  -1.186  1.00 37.46 ? 80  ARG A CZ  1 
ATOM   634  N NH1 . ARG A 1 80  ? 15.579  -0.868  -1.794  1.00 37.53 ? 80  ARG A NH1 1 
ATOM   635  N NH2 . ARG A 1 80  ? 14.286  -1.930  -0.225  1.00 34.40 ? 80  ARG A NH2 1 
ATOM   636  N N   . ASN A 1 81  ? 13.225  -7.790  -4.306  1.00 16.88 ? 81  ASN A N   1 
ATOM   637  C CA  . ASN A 1 81  ? 12.701  -9.028  -3.751  1.00 17.50 ? 81  ASN A CA  1 
ATOM   638  C C   . ASN A 1 81  ? 12.628  -10.074 -4.856  1.00 17.27 ? 81  ASN A C   1 
ATOM   639  O O   . ASN A 1 81  ? 11.901  -9.895  -5.840  1.00 18.30 ? 81  ASN A O   1 
ATOM   640  C CB  . ASN A 1 81  ? 11.318  -8.770  -3.157  1.00 18.87 ? 81  ASN A CB  1 
ATOM   641  C CG  . ASN A 1 81  ? 10.774  -9.962  -2.408  1.00 20.23 ? 81  ASN A CG  1 
ATOM   642  O OD1 . ASN A 1 81  ? 10.622  -11.048 -2.966  1.00 25.23 ? 81  ASN A OD1 1 
ATOM   643  N ND2 . ASN A 1 81  ? 10.460  -9.763  -1.133  1.00 22.43 ? 81  ASN A ND2 1 
ATOM   644  N N   . ALA A 1 82  ? 13.380  -11.167 -4.689  1.00 20.43 ? 82  ALA A N   1 
ATOM   645  C CA  . ALA A 1 82  ? 13.468  -12.184 -5.732  1.00 22.47 ? 82  ALA A CA  1 
ATOM   646  C C   . ALA A 1 82  ? 12.137  -12.875 -5.997  1.00 21.10 ? 82  ALA A C   1 
ATOM   647  O O   . ALA A 1 82  ? 11.949  -13.429 -7.086  1.00 24.43 ? 82  ALA A O   1 
ATOM   648  C CB  . ALA A 1 82  ? 14.547  -13.212 -5.382  1.00 25.69 ? 82  ALA A CB  1 
ATOM   649  N N   . LYS A 1 83  ? 11.217  -12.865 -5.035  1.00 21.28 ? 83  LYS A N   1 
ATOM   650  C CA  . LYS A 1 83  ? 9.909   -13.456 -5.282  1.00 20.78 ? 83  LYS A CA  1 
ATOM   651  C C   . LYS A 1 83  ? 8.975   -12.477 -5.982  1.00 20.66 ? 83  LYS A C   1 
ATOM   652  O O   . LYS A 1 83  ? 8.193   -12.874 -6.854  1.00 24.39 ? 83  LYS A O   1 
ATOM   653  C CB  . LYS A 1 83  ? 9.289   -13.927 -3.969  1.00 27.16 ? 83  LYS A CB  1 
ATOM   654  C CG  . LYS A 1 83  ? 7.876   -14.450 -4.124  1.00 34.97 ? 83  LYS A CG  1 
ATOM   655  C CD  . LYS A 1 83  ? 7.314   -14.906 -2.795  1.00 35.32 ? 83  LYS A CD  1 
ATOM   656  C CE  . LYS A 1 83  ? 6.228   -15.948 -2.985  1.00 35.18 ? 83  LYS A CE  1 
ATOM   657  N NZ  . LYS A 1 83  ? 6.133   -16.834 -1.793  1.00 38.35 ? 83  LYS A NZ  1 
ATOM   658  N N   . LEU A 1 84  ? 9.063   -11.193 -5.631  1.00 16.06 ? 84  LEU A N   1 
ATOM   659  C CA  . LEU A 1 84  ? 8.100   -10.214 -6.123  1.00 15.53 ? 84  LEU A CA  1 
ATOM   660  C C   . LEU A 1 84  ? 8.480   -9.668  -7.490  1.00 14.62 ? 84  LEU A C   1 
ATOM   661  O O   . LEU A 1 84  ? 7.604   -9.449  -8.335  1.00 15.45 ? 84  LEU A O   1 
ATOM   662  C CB  . LEU A 1 84  ? 7.971   -9.066  -5.126  1.00 16.22 ? 84  LEU A CB  1 
ATOM   663  C CG  . LEU A 1 84  ? 7.481   -9.450  -3.732  1.00 16.77 ? 84  LEU A CG  1 
ATOM   664  C CD1 . LEU A 1 84  ? 7.422   -8.219  -2.835  1.00 19.26 ? 84  LEU A CD1 1 
ATOM   665  C CD2 . LEU A 1 84  ? 6.124   -10.133 -3.817  1.00 20.78 ? 84  LEU A CD2 1 
ATOM   666  N N   . LYS A 1 85  ? 9.769   -9.431  -7.720  1.00 14.82 ? 85  LYS A N   1 
ATOM   667  C CA  . LYS A 1 85  ? 10.193  -8.807  -8.971  1.00 13.69 ? 85  LYS A CA  1 
ATOM   668  C C   . LYS A 1 85  ? 9.725   -9.547  -10.218 1.00 14.36 ? 85  LYS A C   1 
ATOM   669  O O   . LYS A 1 85  ? 9.223   -8.889  -11.143 1.00 13.47 ? 85  LYS A O   1 
ATOM   670  C CB  . LYS A 1 85  ? 11.706  -8.582  -8.985  1.00 14.49 ? 85  LYS A CB  1 
ATOM   671  C CG  . LYS A 1 85  ? 12.168  -7.861  -10.241 1.00 16.04 ? 85  LYS A CG  1 
ATOM   672  C CD  . LYS A 1 85  ? 13.661  -7.589  -10.207 1.00 19.00 ? 85  LYS A CD  1 
ATOM   673  C CE  . LYS A 1 85  ? 14.113  -6.837  -11.446 1.00 22.36 ? 85  LYS A CE  1 
ATOM   674  N NZ  . LYS A 1 85  ? 13.890  -7.640  -12.673 1.00 29.57 ? 85  LYS A NZ  1 
ATOM   675  N N   . PRO A 1 86  ? 9.863   -10.875 -10.327 1.00 14.31 ? 86  PRO A N   1 
ATOM   676  C CA  . PRO A 1 86  ? 9.400   -11.530 -11.563 1.00 15.31 ? 86  PRO A CA  1 
ATOM   677  C C   . PRO A 1 86  ? 7.922   -11.340 -11.823 1.00 15.02 ? 86  PRO A C   1 
ATOM   678  O O   . PRO A 1 86  ? 7.506   -11.193 -12.979 1.00 15.39 ? 86  PRO A O   1 
ATOM   679  C CB  . PRO A 1 86  ? 9.760   -13.008 -11.340 1.00 15.96 ? 86  PRO A CB  1 
ATOM   680  C CG  . PRO A 1 86  ? 10.834  -12.984 -10.310 1.00 20.61 ? 86  PRO A CG  1 
ATOM   681  C CD  . PRO A 1 86  ? 10.508  -11.836 -9.414  1.00 15.43 ? 86  PRO A CD  1 
ATOM   682  N N   . VAL A 1 87  ? 7.101   -11.343 -10.775 1.00 13.57 ? 87  VAL A N   1 
ATOM   683  C CA  . VAL A 1 87  ? 5.671   -11.139 -10.974 1.00 14.17 ? 87  VAL A CA  1 
ATOM   684  C C   . VAL A 1 87  ? 5.398   -9.700  -11.394 1.00 12.90 ? 87  VAL A C   1 
ATOM   685  O O   . VAL A 1 87  ? 4.677   -9.445  -12.363 1.00 13.04 ? 87  VAL A O   1 
ATOM   686  C CB  . VAL A 1 87  ? 4.880   -11.537 -9.717  1.00 14.94 ? 87  VAL A CB  1 
ATOM   687  C CG1 . VAL A 1 87  ? 3.381   -11.423 -9.983  1.00 16.79 ? 87  VAL A CG1 1 
ATOM   688  C CG2 . VAL A 1 87  ? 5.251   -12.948 -9.283  1.00 18.42 ? 87  VAL A CG2 1 
ATOM   689  N N   . TYR A 1 88  ? 5.993   -8.744  -10.681 1.00 13.09 ? 88  TYR A N   1 
ATOM   690  C CA  . TYR A 1 88  ? 5.848   -7.335  -11.019 1.00 12.84 ? 88  TYR A CA  1 
ATOM   691  C C   . TYR A 1 88  ? 6.223   -7.073  -12.472 1.00 12.21 ? 88  TYR A C   1 
ATOM   692  O O   . TYR A 1 88  ? 5.488   -6.401  -13.209 1.00 13.24 ? 88  TYR A O   1 
ATOM   693  C CB  . TYR A 1 88  ? 6.742   -6.528  -10.087 1.00 13.67 ? 88  TYR A CB  1 
ATOM   694  C CG  . TYR A 1 88  ? 6.601   -5.042  -10.208 1.00 13.06 ? 88  TYR A CG  1 
ATOM   695  C CD1 . TYR A 1 88  ? 5.522   -4.383  -9.631  1.00 12.66 ? 88  TYR A CD1 1 
ATOM   696  C CD2 . TYR A 1 88  ? 7.563   -4.291  -10.859 1.00 15.10 ? 88  TYR A CD2 1 
ATOM   697  C CE1 . TYR A 1 88  ? 5.399   -3.016  -9.720  1.00 14.82 ? 88  TYR A CE1 1 
ATOM   698  C CE2 . TYR A 1 88  ? 7.455   -2.932  -10.947 1.00 14.98 ? 88  TYR A CE2 1 
ATOM   699  C CZ  . TYR A 1 88  ? 6.369   -2.296  -10.381 1.00 14.71 ? 88  TYR A CZ  1 
ATOM   700  O OH  . TYR A 1 88  ? 6.247   -0.931  -10.469 1.00 18.00 ? 88  TYR A OH  1 
ATOM   701  N N   . ASP A 1 89  ? 7.366   -7.607  -12.901 1.00 12.59 ? 89  ASP A N   1 
ATOM   702  C CA  . ASP A 1 89  ? 7.830   -7.373  -14.259 1.00 13.43 ? 89  ASP A CA  1 
ATOM   703  C C   . ASP A 1 89  ? 6.929   -8.019  -15.300 1.00 13.51 ? 89  ASP A C   1 
ATOM   704  O O   . ASP A 1 89  ? 6.975   -7.625  -16.471 1.00 15.52 ? 89  ASP A O   1 
ATOM   705  C CB  . ASP A 1 89  ? 9.266   -7.871  -14.414 1.00 15.07 ? 89  ASP A CB  1 
ATOM   706  C CG  . ASP A 1 89  ? 10.280  -6.926  -13.806 1.00 20.94 ? 89  ASP A CG  1 
ATOM   707  O OD1 . ASP A 1 89  ? 9.891   -5.808  -13.407 1.00 24.64 ? 89  ASP A OD1 1 
ATOM   708  O OD2 . ASP A 1 89  ? 11.463  -7.309  -13.727 1.00 28.66 ? 89  ASP A OD2 1 
ATOM   709  N N   . SER A 1 90  ? 6.123   -9.006  -14.912 1.00 12.90 ? 90  SER A N   1 
ATOM   710  C CA  . SER A 1 90  ? 5.209   -9.624  -15.864 1.00 12.80 ? 90  SER A CA  1 
ATOM   711  C C   . SER A 1 90  ? 3.948   -8.806  -16.083 1.00 12.12 ? 90  SER A C   1 
ATOM   712  O O   . SER A 1 90  ? 3.221   -9.077  -17.048 1.00 12.87 ? 90  SER A O   1 
ATOM   713  C CB  . SER A 1 90  ? 4.820   -11.036 -15.407 1.00 12.87 ? 90  SER A CB  1 
ATOM   714  O OG  . SER A 1 90  ? 3.892   -11.010 -14.335 1.00 13.31 ? 90  SER A OG  1 
ATOM   715  N N   . LEU A 1 91  ? 3.674   -7.826  -15.224 1.00 12.01 ? 91  LEU A N   1 
ATOM   716  C CA  . LEU A 1 91  ? 2.427   -7.082  -15.233 1.00 12.47 ? 91  LEU A CA  1 
ATOM   717  C C   . LEU A 1 91  ? 2.503   -5.855  -16.130 1.00 13.09 ? 91  LEU A C   1 
ATOM   718  O O   . LEU A 1 91  ? 3.568   -5.267  -16.328 1.00 14.17 ? 91  LEU A O   1 
ATOM   719  C CB  . LEU A 1 91  ? 2.078   -6.625  -13.818 1.00 11.71 ? 91  LEU A CB  1 
ATOM   720  C CG  . LEU A 1 91  ? 1.803   -7.706  -12.771 1.00 12.90 ? 91  LEU A CG  1 
ATOM   721  C CD1 . LEU A 1 91  ? 1.687   -7.072  -11.394 1.00 14.39 ? 91  LEU A CD1 1 
ATOM   722  C CD2 . LEU A 1 91  ? 0.539   -8.464  -13.093 1.00 14.03 ? 91  LEU A CD2 1 
ATOM   723  N N   . ASP A 1 92  ? 1.347   -5.467  -16.652 1.00 12.27 ? 92  ASP A N   1 
ATOM   724  C CA  . ASP A 1 92  ? 1.174   -4.182  -17.306 1.00 12.96 ? 92  ASP A CA  1 
ATOM   725  C C   . ASP A 1 92  ? 1.181   -3.061  -16.265 1.00 12.66 ? 92  ASP A C   1 
ATOM   726  O O   . ASP A 1 92  ? 1.116   -3.293  -15.050 1.00 12.40 ? 92  ASP A O   1 
ATOM   727  C CB  . ASP A 1 92  ? -0.161  -4.158  -18.042 1.00 14.01 ? 92  ASP A CB  1 
ATOM   728  C CG  . ASP A 1 92  ? -1.315  -4.435  -17.116 1.00 13.54 ? 92  ASP A CG  1 
ATOM   729  O OD1 . ASP A 1 92  ? -1.634  -5.626  -16.902 1.00 13.56 ? 92  ASP A OD1 1 
ATOM   730  O OD2 . ASP A 1 92  ? -1.870  -3.447  -16.573 1.00 14.53 ? 92  ASP A OD2 1 
ATOM   731  N N   . ALA A 1 93  ? 1.205   -1.818  -16.761 1.00 14.54 ? 93  ALA A N   1 
ATOM   732  C CA  . ALA A 1 93  ? 1.425   -0.671  -15.885 1.00 14.11 ? 93  ALA A CA  1 
ATOM   733  C C   . ALA A 1 93  ? 0.290   -0.489  -14.885 1.00 13.33 ? 93  ALA A C   1 
ATOM   734  O O   . ALA A 1 93  ? 0.529   -0.125  -13.728 1.00 14.73 ? 93  ALA A O   1 
ATOM   735  C CB  . ALA A 1 93  ? 1.622   0.598   -16.715 1.00 16.91 ? 93  ALA A CB  1 
ATOM   736  N N   . VAL A 1 94  ? -0.953  -0.706  -15.311 1.00 12.99 ? 94  VAL A N   1 
ATOM   737  C CA  . VAL A 1 94  ? -2.077  -0.520  -14.401 1.00 12.68 ? 94  VAL A CA  1 
ATOM   738  C C   . VAL A 1 94  ? -2.033  -1.555  -13.288 1.00 11.29 ? 94  VAL A C   1 
ATOM   739  O O   . VAL A 1 94  ? -2.192  -1.236  -12.101 1.00 12.17 ? 94  VAL A O   1 
ATOM   740  C CB  . VAL A 1 94  ? -3.412  -0.543  -15.165 1.00 13.10 ? 94  VAL A CB  1 
ATOM   741  C CG1 . VAL A 1 94  ? -4.574  -0.422  -14.192 1.00 15.46 ? 94  VAL A CG1 1 
ATOM   742  C CG2 . VAL A 1 94  ? -3.438  0.579   -16.195 1.00 16.54 ? 94  VAL A CG2 1 
ATOM   743  N N   . ARG A 1 95  ? -1.798  -2.815  -13.650 1.00 10.97 ? 95  ARG A N   1 
ATOM   744  C CA  . ARG A 1 95  ? -1.710  -3.843  -12.625 1.00 11.07 ? 95  ARG A CA  1 
ATOM   745  C C   . ARG A 1 95  ? -0.482  -3.669  -11.737 1.00 10.26 ? 95  ARG A C   1 
ATOM   746  O O   . ARG A 1 95  ? -0.529  -4.030  -10.558 1.00 10.42 ? 95  ARG A O   1 
ATOM   747  C CB  . ARG A 1 95  ? -1.766  -5.223  -13.271 1.00 10.88 ? 95  ARG A CB  1 
ATOM   748  C CG  . ARG A 1 95  ? -3.122  -5.520  -13.912 1.00 11.54 ? 95  ARG A CG  1 
ATOM   749  C CD  . ARG A 1 95  ? -3.194  -6.952  -14.387 1.00 12.16 ? 95  ARG A CD  1 
ATOM   750  N NE  . ARG A 1 95  ? -4.528  -7.351  -14.832 1.00 11.99 ? 95  ARG A NE  1 
ATOM   751  C CZ  . ARG A 1 95  ? -4.969  -7.265  -16.083 1.00 12.15 ? 95  ARG A CZ  1 
ATOM   752  N NH1 . ARG A 1 95  ? -4.199  -6.774  -17.039 1.00 12.97 ? 95  ARG A NH1 1 
ATOM   753  N NH2 . ARG A 1 95  ? -6.193  -7.683  -16.372 1.00 12.85 ? 95  ARG A NH2 1 
ATOM   754  N N   . ARG A 1 96  ? 0.619   -3.127  -12.268 1.00 11.15 ? 96  ARG A N   1 
ATOM   755  C CA  . ARG A 1 96  ? 1.755   -2.813  -11.406 1.00 11.35 ? 96  ARG A CA  1 
ATOM   756  C C   . ARG A 1 96  ? 1.355   -1.834  -10.314 1.00 10.69 ? 96  ARG A C   1 
ATOM   757  O O   . ARG A 1 96  ? 1.856   -1.918  -9.188  1.00 10.85 ? 96  ARG A O   1 
ATOM   758  C CB  . ARG A 1 96  ? 2.921   -2.258  -12.218 1.00 12.41 ? 96  ARG A CB  1 
ATOM   759  C CG  . ARG A 1 96  ? 3.681   -3.316  -12.983 1.00 12.06 ? 96  ARG A CG  1 
ATOM   760  C CD  . ARG A 1 96  ? 4.844   -2.710  -13.759 1.00 13.24 ? 96  ARG A CD  1 
ATOM   761  N NE  . ARG A 1 96  ? 5.561   -3.719  -14.532 1.00 19.67 ? 96  ARG A NE  1 
ATOM   762  C CZ  . ARG A 1 96  ? 6.301   -3.463  -15.607 1.00 21.13 ? 96  ARG A CZ  1 
ATOM   763  N NH1 . ARG A 1 96  ? 6.432   -2.222  -16.054 1.00 23.68 ? 96  ARG A NH1 1 
ATOM   764  N NH2 . ARG A 1 96  ? 6.902   -4.458  -16.247 1.00 22.70 ? 96  ARG A NH2 1 
ATOM   765  N N   . CYS A 1 97  ? 0.460   -0.849  -10.624 1.00 10.33 ? 97  CYS A N   1 
ATOM   766  C CA  . CYS A 1 97  ? -0.028  0.038   -9.574  1.00 10.90 ? 97  CYS A CA  1 
ATOM   767  C C   . CYS A 1 97  ? -0.776  -0.736  -8.493  1.00 10.17 ? 97  CYS A C   1 
ATOM   768  O O   . CYS A 1 97  ? -0.620  -0.457  -7.297  1.00 10.49 ? 97  CYS A O   1 
ATOM   769  C CB  . CYS A 1 97  ? -0.934  1.119   -10.167 1.00 20.00 ? 97  CYS A CB  1 
ATOM   770  S SG  . CYS A 1 97  ? -0.097  2.263   -11.286 1.00 20.00 ? 97  CYS A SG  1 
ATOM   771  N N   . ALA A 1 98  ? -1.583  -1.727  -8.864  1.00 10.31 ? 98  ALA A N   1 
ATOM   772  C CA  . ALA A 1 98  ? -2.262  -2.531  -7.855  1.00 10.42 ? 98  ALA A CA  1 
ATOM   773  C C   . ALA A 1 98  ? -1.262  -3.272  -6.970  1.00 9.61  ? 98  ALA A C   1 
ATOM   774  O O   . ALA A 1 98  ? -1.454  -3.372  -5.749  1.00 10.46 ? 98  ALA A O   1 
ATOM   775  C CB  . ALA A 1 98  ? -3.218  -3.501  -8.539  1.00 10.63 ? 98  ALA A CB  1 
ATOM   776  N N   . ALA A 1 99  ? -0.167  -3.758  -7.562  1.00 9.97  ? 99  ALA A N   1 
ATOM   777  C CA  . ALA A 1 99  ? 0.873   -4.425  -6.786  1.00 10.71 ? 99  ALA A CA  1 
ATOM   778  C C   . ALA A 1 99  ? 1.534   -3.464  -5.807  1.00 10.58 ? 99  ALA A C   1 
ATOM   779  O O   . ALA A 1 99  ? 1.741   -3.796  -4.634  1.00 11.27 ? 99  ALA A O   1 
ATOM   780  C CB  . ALA A 1 99  ? 1.912   -5.023  -7.727  1.00 11.99 ? 99  ALA A CB  1 
ATOM   781  N N   . ILE A 1 100 ? 1.905   -2.274  -6.278  1.00 9.91  ? 100 ILE A N   1 
ATOM   782  C CA  . ILE A 1 100 ? 2.490   -1.287  -5.373  1.00 10.36 ? 100 ILE A CA  1 
ATOM   783  C C   . ILE A 1 100 ? 1.521   -0.952  -4.255  1.00 10.69 ? 100 ILE A C   1 
ATOM   784  O O   . ILE A 1 100 ? 1.922   -0.770  -3.095  1.00 10.91 ? 100 ILE A O   1 
ATOM   785  C CB  . ILE A 1 100 ? 2.898   -0.015  -6.139  1.00 11.00 ? 100 ILE A CB  1 
ATOM   786  C CG1 . ILE A 1 100 ? 3.951   -0.333  -7.194  1.00 11.76 ? 100 ILE A CG1 1 
ATOM   787  C CG2 . ILE A 1 100 ? 3.405   1.054   -5.173  1.00 11.92 ? 100 ILE A CG2 1 
ATOM   788  C CD1 . ILE A 1 100 ? 4.101   0.760   -8.220  1.00 13.21 ? 100 ILE A CD1 1 
ATOM   789  N N   . ASN A 1 101 ? 0.237   -0.825  -4.593  1.00 10.13 ? 101 ASN A N   1 
ATOM   790  C CA  . ASN A 1 101 ? -0.768  -0.483  -3.598  1.00 10.65 ? 101 ASN A CA  1 
ATOM   791  C C   . ASN A 1 101 ? -0.760  -1.492  -2.452  1.00 10.32 ? 101 ASN A C   1 
ATOM   792  O O   . ASN A 1 101 ? -0.736  -1.115  -1.268  1.00 10.45 ? 101 ASN A O   1 
ATOM   793  C CB  . ASN A 1 101 ? -2.128  -0.426  -4.296  1.00 10.50 ? 101 ASN A CB  1 
ATOM   794  C CG  . ASN A 1 101 ? -3.204  0.216   -3.452  1.00 9.36  ? 101 ASN A CG  1 
ATOM   795  O OD1 . ASN A 1 101 ? -3.463  -0.211  -2.328  1.00 10.77 ? 101 ASN A OD1 1 
ATOM   796  N ND2 . ASN A 1 101 ? -3.872  1.220   -4.006  1.00 10.71 ? 101 ASN A ND2 1 
ATOM   797  N N   . MET A 1 102 ? -0.750  -2.789  -2.791  1.00 10.20 ? 102 MET A N   1 
ATOM   798  C CA  . MET A 1 102 ? -0.733  -3.822  -1.759  1.00 10.44 ? 102 MET A CA  1 
ATOM   799  C C   . MET A 1 102 ? 0.532   -3.756  -0.916  1.00 11.55 ? 102 MET A C   1 
ATOM   800  O O   . MET A 1 102 ? 0.475   -3.905  0.311   1.00 11.63 ? 102 MET A O   1 
ATOM   801  C CB  . MET A 1 102 ? -0.883  -5.212  -2.373  1.00 11.02 ? 102 MET A CB  1 
ATOM   802  C CG  . MET A 1 102 ? -2.249  -5.444  -2.973  1.00 12.40 ? 102 MET A CG  1 
ATOM   803  S SD  . MET A 1 102 ? -2.576  -7.131  -3.465  1.00 14.12 ? 102 MET A SD  1 
ATOM   804  C CE  . MET A 1 102 ? -2.680  -7.957  -1.883  1.00 14.01 ? 102 MET A CE  1 
ATOM   805  N N   . VAL A 1 103 ? 1.690   -3.562  -1.554  1.00 11.07 ? 103 VAL A N   1 
ATOM   806  C CA  . VAL A 1 103 ? 2.942   -3.489  -0.800  1.00 12.04 ? 103 VAL A CA  1 
ATOM   807  C C   . VAL A 1 103 ? 2.964   -2.254  0.093   1.00 12.19 ? 103 VAL A C   1 
ATOM   808  O O   . VAL A 1 103 ? 3.446   -2.300  1.235   1.00 12.95 ? 103 VAL A O   1 
ATOM   809  C CB  . VAL A 1 103 ? 4.155   -3.567  -1.749  1.00 12.97 ? 103 VAL A CB  1 
ATOM   810  C CG1 . VAL A 1 103 ? 5.460   -3.291  -1.011  1.00 14.71 ? 103 VAL A CG1 1 
ATOM   811  C CG2 . VAL A 1 103 ? 4.211   -4.928  -2.398  1.00 14.17 ? 103 VAL A CG2 1 
ATOM   812  N N   . PHE A 1 104 ? 2.430   -1.138  -0.398  1.00 11.47 ? 104 PHE A N   1 
ATOM   813  C CA  . PHE A 1 104 ? 2.299   0.056   0.429   1.00 11.26 ? 104 PHE A CA  1 
ATOM   814  C C   . PHE A 1 104 ? 1.461   -0.230  1.671   1.00 12.01 ? 104 PHE A C   1 
ATOM   815  O O   . PHE A 1 104 ? 1.823   0.180   2.782   1.00 13.18 ? 104 PHE A O   1 
ATOM   816  C CB  . PHE A 1 104 ? 1.695   1.164   -0.437  1.00 11.95 ? 104 PHE A CB  1 
ATOM   817  C CG  . PHE A 1 104 ? 1.670   2.533   0.187   1.00 10.95 ? 104 PHE A CG  1 
ATOM   818  C CD1 . PHE A 1 104 ? 0.676   2.887   1.079   1.00 12.33 ? 104 PHE A CD1 1 
ATOM   819  C CD2 . PHE A 1 104 ? 2.596   3.496   -0.193  1.00 11.71 ? 104 PHE A CD2 1 
ATOM   820  C CE1 . PHE A 1 104 ? 0.624   4.163   1.612   1.00 13.03 ? 104 PHE A CE1 1 
ATOM   821  C CE2 . PHE A 1 104 ? 2.542   4.771   0.329   1.00 12.91 ? 104 PHE A CE2 1 
ATOM   822  C CZ  . PHE A 1 104 ? 1.566   5.104   1.243   1.00 14.31 ? 104 PHE A CZ  1 
ATOM   823  N N   . GLN A 1 105 ? 0.358   -0.960  1.509   1.00 11.42 ? 105 GLN A N   1 
ATOM   824  C CA  . GLN A 1 105 ? -0.541  -1.179  2.633   1.00 11.44 ? 105 GLN A CA  1 
ATOM   825  C C   . GLN A 1 105 ? -0.011  -2.220  3.611   1.00 13.07 ? 105 GLN A C   1 
ATOM   826  O O   . GLN A 1 105 ? -0.123  -2.037  4.830   1.00 15.29 ? 105 GLN A O   1 
ATOM   827  C CB  . GLN A 1 105 ? -1.926  -1.593  2.127   1.00 12.65 ? 105 GLN A CB  1 
ATOM   828  C CG  . GLN A 1 105 ? -2.936  -1.763  3.248   1.00 12.99 ? 105 GLN A CG  1 
ATOM   829  C CD  . GLN A 1 105 ? -4.313  -2.187  2.769   1.00 11.81 ? 105 GLN A CD  1 
ATOM   830  O OE1 . GLN A 1 105 ? -4.558  -2.351  1.574   1.00 12.16 ? 105 GLN A OE1 1 
ATOM   831  N NE2 . GLN A 1 105 ? -5.233  -2.355  3.716   1.00 13.81 ? 105 GLN A NE2 1 
ATOM   832  N N   . MET A 1 106 ? 0.551   -3.326  3.117   1.00 13.00 ? 106 MET A N   1 
ATOM   833  C CA  A MET A 1 106 ? 0.896   -4.431  3.997   0.51 14.78 ? 106 MET A CA  1 
ATOM   834  C CA  B MET A 1 106 ? 0.894   -4.455  3.969   0.49 14.75 ? 106 MET A CA  1 
ATOM   835  C C   . MET A 1 106 ? 2.381   -4.755  4.059   1.00 15.53 ? 106 MET A C   1 
ATOM   836  O O   . MET A 1 106 ? 2.770   -5.605  4.867   1.00 16.39 ? 106 MET A O   1 
ATOM   837  C CB  A MET A 1 106 ? 0.083   -5.696  3.662   0.51 18.93 ? 106 MET A CB  1 
ATOM   838  C CB  B MET A 1 106 ? 0.172   -5.719  3.495   0.49 18.79 ? 106 MET A CB  1 
ATOM   839  C CG  A MET A 1 106 ? 0.339   -6.301  2.292   0.51 17.93 ? 106 MET A CG  1 
ATOM   840  C CG  B MET A 1 106 ? -1.300  -5.708  3.783   0.49 17.63 ? 106 MET A CG  1 
ATOM   841  S SD  A MET A 1 106 ? -0.678  -7.765  1.971   0.51 16.73 ? 106 MET A SD  1 
ATOM   842  S SD  B MET A 1 106 ? -2.104  -7.055  2.924   0.49 18.37 ? 106 MET A SD  1 
ATOM   843  C CE  A MET A 1 106 ? -2.259  -7.026  1.586   0.51 15.15 ? 106 MET A CE  1 
ATOM   844  C CE  B MET A 1 106 ? -2.214  -6.349  1.283   0.49 17.56 ? 106 MET A CE  1 
ATOM   845  N N   . GLY A 1 107 ? 3.212   -4.107  3.253   1.00 15.25 ? 107 GLY A N   1 
ATOM   846  C CA  . GLY A 1 107 ? 4.631   -4.381  3.247   1.00 17.31 ? 107 GLY A CA  1 
ATOM   847  C C   . GLY A 1 107 ? 4.958   -5.691  2.560   1.00 18.42 ? 107 GLY A C   1 
ATOM   848  O O   . GLY A 1 107 ? 4.090   -6.498  2.238   1.00 18.15 ? 107 GLY A O   1 
ATOM   849  N N   . GLU A 1 108 ? 6.258   -5.898  2.335   1.00 20.38 ? 108 GLU A N   1 
ATOM   850  C CA  . GLU A 1 108 ? 6.705   -7.148  1.727   1.00 22.11 ? 108 GLU A CA  1 
ATOM   851  C C   . GLU A 1 108 ? 6.348   -8.353  2.593   1.00 24.20 ? 108 GLU A C   1 
ATOM   852  O O   . GLU A 1 108 ? 5.986   -9.412  2.070   1.00 24.85 ? 108 GLU A O   1 
ATOM   853  C CB  . GLU A 1 108 ? 8.210   -7.101  1.481   1.00 25.69 ? 108 GLU A CB  1 
ATOM   854  C CG  . GLU A 1 108 ? 8.639   -6.063  0.468   1.00 25.30 ? 108 GLU A CG  1 
ATOM   855  C CD  . GLU A 1 108 ? 10.143  -6.043  0.268   1.00 28.68 ? 108 GLU A CD  1 
ATOM   856  O OE1 . GLU A 1 108 ? 10.752  -7.131  0.191   1.00 25.16 ? 108 GLU A OE1 1 
ATOM   857  O OE2 . GLU A 1 108 ? 10.718  -4.937  0.200   1.00 36.00 ? 108 GLU A OE2 1 
ATOM   858  N N   C THR A 1 109 ? 6.463   -8.214  3.916   0.29 24.54 ? 109 THR A N   1 
ATOM   859  N N   D THR A 1 109 ? 6.441   -8.211  3.916   0.71 24.44 ? 109 THR A N   1 
ATOM   860  C CA  C THR A 1 109 ? 6.164   -9.336  4.802   0.29 27.81 ? 109 THR A CA  1 
ATOM   861  C CA  D THR A 1 109 ? 6.090   -9.326  4.792   0.71 27.85 ? 109 THR A CA  1 
ATOM   862  C C   C THR A 1 109 ? 4.724   -9.807  4.646   0.29 26.17 ? 109 THR A C   1 
ATOM   863  C C   D THR A 1 109 ? 4.589   -9.591  4.797   0.71 25.76 ? 109 THR A C   1 
ATOM   864  O O   C THR A 1 109 ? 4.441   -11.000 4.807   0.29 26.45 ? 109 THR A O   1 
ATOM   865  O O   D THR A 1 109 ? 4.166   -10.746 4.924   0.71 25.41 ? 109 THR A O   1 
ATOM   866  C CB  C THR A 1 109 ? 6.454   -8.955  6.254   0.29 29.69 ? 109 THR A CB  1 
ATOM   867  C CB  D THR A 1 109 ? 6.610   -9.077  6.208   0.71 29.99 ? 109 THR A CB  1 
ATOM   868  O OG1 C THR A 1 109 ? 5.451   -8.045  6.723   0.29 30.38 ? 109 THR A OG1 1 
ATOM   869  O OG1 D THR A 1 109 ? 5.569   -8.510  7.011   0.71 32.61 ? 109 THR A OG1 1 
ATOM   870  C CG2 C THR A 1 109 ? 7.823   -8.303  6.369   0.29 30.04 ? 109 THR A CG2 1 
ATOM   871  C CG2 D THR A 1 109 ? 7.801   -8.131  6.182   0.71 30.57 ? 109 THR A CG2 1 
ATOM   872  N N   C GLY A 1 110 ? 3.808   -8.898  4.327   0.29 25.56 ? 110 GLY A N   1 
ATOM   873  N N   D GLY A 1 110 ? 3.771   -8.545  4.651   0.71 24.84 ? 110 GLY A N   1 
ATOM   874  C CA  C GLY A 1 110 ? 2.428   -9.272  4.103   0.29 23.29 ? 110 GLY A CA  1 
ATOM   875  C CA  D GLY A 1 110 ? 2.334   -8.745  4.592   0.71 25.36 ? 110 GLY A CA  1 
ATOM   876  C C   C GLY A 1 110 ? 2.170   -9.752  2.690   0.29 22.85 ? 110 GLY A C   1 
ATOM   877  C C   D GLY A 1 110 ? 1.875   -9.452  3.333   0.71 22.11 ? 110 GLY A C   1 
ATOM   878  O O   C GLY A 1 110 ? 1.393   -10.691 2.484   0.29 21.23 ? 110 GLY A O   1 
ATOM   879  O O   D GLY A 1 110 ? 0.836   -10.118 3.339   0.71 25.46 ? 110 GLY A O   1 
ATOM   880  N N   C VAL A 1 111 ? 2.828   -9.127  1.714   0.29 22.50 ? 111 VAL A N   1 
ATOM   881  N N   D VAL A 1 111 ? 2.636   -9.321  2.239   0.71 22.82 ? 111 VAL A N   1 
ATOM   882  C CA  C VAL A 1 111 ? 2.537   -9.402  0.308   0.29 21.21 ? 111 VAL A CA  1 
ATOM   883  C CA  D VAL A 1 111 ? 2.298   -10.005 0.993   0.71 21.34 ? 111 VAL A CA  1 
ATOM   884  C C   C VAL A 1 111 ? 3.235   -10.674 -0.160  0.29 22.81 ? 111 VAL A C   1 
ATOM   885  C C   D VAL A 1 111 ? 2.948   -11.378 0.885   0.71 22.02 ? 111 VAL A C   1 
ATOM   886  O O   C VAL A 1 111 ? 2.600   -11.582 -0.707  0.29 24.02 ? 111 VAL A O   1 
ATOM   887  O O   D VAL A 1 111 ? 2.691   -12.098 -0.090  0.71 19.44 ? 111 VAL A O   1 
ATOM   888  C CB  C VAL A 1 111 ? 2.912   -8.198  -0.574  0.29 20.33 ? 111 VAL A CB  1 
ATOM   889  C CB  D VAL A 1 111 ? 2.611   -9.154  -0.258  0.71 21.59 ? 111 VAL A CB  1 
ATOM   890  C CG1 C VAL A 1 111 ? 2.815   -8.578  -2.039  0.29 24.12 ? 111 VAL A CG1 1 
ATOM   891  C CG1 D VAL A 1 111 ? 1.983   -7.770  -0.142  0.71 22.21 ? 111 VAL A CG1 1 
ATOM   892  C CG2 C VAL A 1 111 ? 2.015   -7.012  -0.267  0.29 17.83 ? 111 VAL A CG2 1 
ATOM   893  C CG2 D VAL A 1 111 ? 4.111   -9.052  -0.481  0.71 23.87 ? 111 VAL A CG2 1 
ATOM   894  N N   C ALA A 1 112 ? 4.555   -10.752 0.041   0.29 22.91 ? 112 ALA A N   1 
ATOM   895  N N   D ALA A 1 112 ? 3.777   -11.767 1.859   0.71 22.44 ? 112 ALA A N   1 
ATOM   896  C CA  C ALA A 1 112 ? 5.331   -11.884 -0.458  0.29 24.76 ? 112 ALA A CA  1 
ATOM   897  C CA  D ALA A 1 112 ? 4.469   -13.051 1.779   0.71 22.42 ? 112 ALA A CA  1 
ATOM   898  C C   C ALA A 1 112 ? 4.780   -13.227 0.003   0.29 24.84 ? 112 ALA A C   1 
ATOM   899  C C   D ALA A 1 112 ? 3.496   -14.220 1.701   0.71 22.16 ? 112 ALA A C   1 
ATOM   900  O O   C ALA A 1 112 ? 5.132   -14.262 -0.574  0.29 26.47 ? 112 ALA A O   1 
ATOM   901  O O   D ALA A 1 112 ? 3.820   -15.254 1.110   0.71 20.66 ? 112 ALA A O   1 
ATOM   902  C CB  C ALA A 1 112 ? 6.801   -11.739 -0.059  0.29 25.00 ? 112 ALA A CB  1 
ATOM   903  C CB  D ALA A 1 112 ? 5.416   -13.216 2.967   0.71 24.40 ? 112 ALA A CB  1 
ATOM   904  N N   C GLY A 1 113 ? 3.922   -13.237 1.026   0.29 22.67 ? 113 GLY A N   1 
ATOM   905  N N   D GLY A 1 113 ? 2.305   -14.079 2.281   0.71 20.42 ? 113 GLY A N   1 
ATOM   906  C CA  C GLY A 1 113 ? 3.225   -14.452 1.405   0.29 22.91 ? 113 GLY A CA  1 
ATOM   907  C CA  D GLY A 1 113 ? 1.311   -15.131 2.231   0.71 21.86 ? 113 GLY A CA  1 
ATOM   908  C C   C GLY A 1 113 ? 2.035   -14.793 0.534   0.29 21.52 ? 113 GLY A C   1 
ATOM   909  C C   D GLY A 1 113 ? 0.525   -15.226 0.946   0.71 17.43 ? 113 GLY A C   1 
ATOM   910  O O   C GLY A 1 113 ? 1.578   -15.940 0.557   0.29 22.78 ? 113 GLY A O   1 
ATOM   911  O O   D GLY A 1 113 ? -0.288  -16.141 0.792   0.71 18.89 ? 113 GLY A O   1 
ATOM   912  N N   C PHE A 1 114 ? 1.528   -13.830 -0.242  0.29 21.62 ? 114 PHE A N   1 
ATOM   913  N N   D PHE A 1 114 ? 0.755   -14.311 0.004   0.71 17.08 ? 114 PHE A N   1 
ATOM   914  C CA  C PHE A 1 114 ? 0.411   -14.061 -1.158  0.29 17.33 ? 114 PHE A CA  1 
ATOM   915  C CA  D PHE A 1 114 ? 0.010   -14.260 -1.245  0.71 15.85 ? 114 PHE A CA  1 
ATOM   916  C C   C PHE A 1 114 ? 0.860   -14.910 -2.342  0.29 16.71 ? 114 PHE A C   1 
ATOM   917  C C   D PHE A 1 114 ? 0.678   -15.048 -2.378  0.71 16.72 ? 114 PHE A C   1 
ATOM   918  O O   C PHE A 1 114 ? 0.554   -14.596 -3.497  0.29 16.77 ? 114 PHE A O   1 
ATOM   919  O O   D PHE A 1 114 ? 0.374   -14.798 -3.551  0.71 15.77 ? 114 PHE A O   1 
ATOM   920  C CB  C PHE A 1 114 ? -0.152  -12.730 -1.665  0.29 16.52 ? 114 PHE A CB  1 
ATOM   921  C CB  D PHE A 1 114 ? -0.255  -12.805 -1.651  0.71 16.38 ? 114 PHE A CB  1 
ATOM   922  C CG  C PHE A 1 114 ? -1.215  -12.134 -0.780  0.29 16.86 ? 114 PHE A CG  1 
ATOM   923  C CG  D PHE A 1 114 ? -1.302  -12.110 -0.801  0.71 16.74 ? 114 PHE A CG  1 
ATOM   924  C CD1 C PHE A 1 114 ? -0.921  -11.731 0.512   0.29 20.05 ? 114 PHE A CD1 1 
ATOM   925  C CD1 D PHE A 1 114 ? -0.971  -11.575 0.436   0.71 20.08 ? 114 PHE A CD1 1 
ATOM   926  C CD2 C PHE A 1 114 ? -2.508  -11.967 -1.249  0.29 16.36 ? 114 PHE A CD2 1 
ATOM   927  C CD2 D PHE A 1 114 ? -2.609  -11.992 -1.243  0.71 16.35 ? 114 PHE A CD2 1 
ATOM   928  C CE1 C PHE A 1 114 ? -1.900  -11.178 1.322   0.29 19.72 ? 114 PHE A CE1 1 
ATOM   929  C CE1 D PHE A 1 114 ? -1.930  -10.939 1.215   0.71 19.74 ? 114 PHE A CE1 1 
ATOM   930  C CE2 C PHE A 1 114 ? -3.491  -11.415 -0.447  0.29 15.62 ? 114 PHE A CE2 1 
ATOM   931  C CE2 D PHE A 1 114 ? -3.574  -11.360 -0.471  0.71 15.50 ? 114 PHE A CE2 1 
ATOM   932  C CZ  C PHE A 1 114 ? -3.186  -11.021 0.840   0.29 17.12 ? 114 PHE A CZ  1 
ATOM   933  C CZ  D PHE A 1 114 ? -3.231  -10.834 0.760   0.71 17.11 ? 114 PHE A CZ  1 
ATOM   934  N N   . THR A 1 115 ? 1.552   -16.011 -2.047  1.00 16.66 ? 115 THR A N   1 
ATOM   935  C CA  . THR A 1 115 ? 2.278   -16.776 -3.062  1.00 17.34 ? 115 THR A CA  1 
ATOM   936  C C   . THR A 1 115 ? 1.365   -17.323 -4.152  1.00 16.20 ? 115 THR A C   1 
ATOM   937  O O   . THR A 1 115 ? 1.685   -17.237 -5.344  1.00 15.96 ? 115 THR A O   1 
ATOM   938  C CB  . THR A 1 115 ? 3.008   -17.929 -2.374  1.00 18.86 ? 115 THR A CB  1 
ATOM   939  O OG1 . THR A 1 115 ? 3.839   -17.411 -1.331  1.00 21.10 ? 115 THR A OG1 1 
ATOM   940  C CG2 . THR A 1 115 ? 3.854   -18.715 -3.373  1.00 23.07 ? 115 THR A CG2 1 
ATOM   941  N N   . ASN A 1 116 ? 0.242   -17.928 -3.767  1.00 15.98 ? 116 ASN A N   1 
ATOM   942  C CA  . ASN A 1 116 ? -0.637  -18.512 -4.772  1.00 14.86 ? 116 ASN A CA  1 
ATOM   943  C C   . ASN A 1 116 ? -1.291  -17.435 -5.629  1.00 13.47 ? 116 ASN A C   1 
ATOM   944  O O   . ASN A 1 116 ? -1.449  -17.617 -6.838  1.00 14.83 ? 116 ASN A O   1 
ATOM   945  C CB  . ASN A 1 116 ? -1.676  -19.417 -4.114  1.00 16.59 ? 116 ASN A CB  1 
ATOM   946  C CG  . ASN A 1 116 ? -1.041  -20.555 -3.344  1.00 15.73 ? 116 ASN A CG  1 
ATOM   947  O OD1 . ASN A 1 116 ? -0.057  -21.151 -3.794  1.00 20.01 ? 116 ASN A OD1 1 
ATOM   948  N ND2 . ASN A 1 116 ? -1.587  -20.855 -2.170  1.00 15.31 ? 116 ASN A ND2 1 
ATOM   949  N N   . SER A 1 117 ? -1.668  -16.304 -5.021  1.00 14.55 ? 117 SER A N   1 
ATOM   950  C CA  . SER A 1 117 ? -2.199  -15.184 -5.798  1.00 14.19 ? 117 SER A CA  1 
ATOM   951  C C   . SER A 1 117 ? -1.169  -14.688 -6.802  1.00 13.35 ? 117 SER A C   1 
ATOM   952  O O   . SER A 1 117 ? -1.496  -14.429 -7.968  1.00 13.75 ? 117 SER A O   1 
ATOM   953  C CB  . SER A 1 117 ? -2.601  -14.030 -4.873  1.00 14.32 ? 117 SER A CB  1 
ATOM   954  O OG  . SER A 1 117 ? -3.347  -14.458 -3.743  1.00 19.66 ? 117 SER A OG  1 
ATOM   955  N N   . LEU A 1 118 ? 0.081   -14.543 -6.353  1.00 14.46 ? 118 LEU A N   1 
ATOM   956  C CA  . LEU A 1 118 ? 1.150   -14.065 -7.221  1.00 14.24 ? 118 LEU A CA  1 
ATOM   957  C C   . LEU A 1 118 ? 1.345   -14.992 -8.410  1.00 13.16 ? 118 LEU A C   1 
ATOM   958  O O   . LEU A 1 118 ? 1.543   -14.531 -9.541  1.00 14.32 ? 118 LEU A O   1 
ATOM   959  C CB  . LEU A 1 118 ? 2.451   -13.966 -6.426  1.00 15.78 ? 118 LEU A CB  1 
ATOM   960  C CG  . LEU A 1 118 ? 2.541   -12.914 -5.322  1.00 19.33 ? 118 LEU A CG  1 
ATOM   961  C CD1 . LEU A 1 118 ? 3.696   -13.200 -4.371  1.00 21.08 ? 118 LEU A CD1 1 
ATOM   962  C CD2 . LEU A 1 118 ? 2.703   -11.560 -5.945  1.00 20.44 ? 118 LEU A CD2 1 
ATOM   963  N N   . ARG A 1 119 ? 1.288   -16.305 -8.174  1.00 14.03 ? 119 ARG A N   1 
ATOM   964  C CA  . ARG A 1 119 ? 1.418   -17.255 -9.271  1.00 15.53 ? 119 ARG A CA  1 
ATOM   965  C C   . ARG A 1 119 ? 0.299   -17.070 -10.285 1.00 13.23 ? 119 ARG A C   1 
ATOM   966  O O   . ARG A 1 119 ? 0.544   -17.039 -11.495 1.00 14.45 ? 119 ARG A O   1 
ATOM   967  C CB  . ARG A 1 119 ? 1.420   -18.684 -8.732  1.00 15.83 ? 119 ARG A CB  1 
ATOM   968  C CG  . ARG A 1 119 ? 1.574   -19.740 -9.818  1.00 18.89 ? 119 ARG A CG  1 
ATOM   969  C CD  . ARG A 1 119 ? 1.556   -21.149 -9.228  1.00 24.58 ? 119 ARG A CD  1 
ATOM   970  N NE  . ARG A 1 119 ? 2.531   -21.310 -8.150  1.00 31.46 ? 119 ARG A NE  1 
ATOM   971  C CZ  . ARG A 1 119 ? 2.220   -21.453 -6.863  1.00 29.22 ? 119 ARG A CZ  1 
ATOM   972  N NH1 . ARG A 1 119 ? 0.951   -21.441 -6.472  1.00 24.49 ? 119 ARG A NH1 1 
ATOM   973  N NH2 . ARG A 1 119 ? 3.185   -21.598 -5.963  1.00 34.33 ? 119 ARG A NH2 1 
ATOM   974  N N   . MET A 1 120 ? -0.944  -16.937 -9.807  1.00 13.61 ? 120 MET A N   1 
ATOM   975  C CA  . MET A 1 120 ? -2.061  -16.732 -10.726 1.00 13.54 ? 120 MET A CA  1 
ATOM   976  C C   . MET A 1 120 ? -1.912  -15.431 -11.501 1.00 12.50 ? 120 MET A C   1 
ATOM   977  O O   . MET A 1 120 ? -2.238  -15.372 -12.690 1.00 13.59 ? 120 MET A O   1 
ATOM   978  C CB  . MET A 1 120 ? -3.384  -16.759 -9.969  1.00 13.21 ? 120 MET A CB  1 
ATOM   979  C CG  . MET A 1 120 ? -3.652  -18.079 -9.274  1.00 13.72 ? 120 MET A CG  1 
ATOM   980  S SD  . MET A 1 120 ? -5.182  -18.013 -8.358  1.00 15.63 ? 120 MET A SD  1 
ATOM   981  C CE  . MET A 1 120 ? -5.035  -19.477 -7.335  1.00 16.53 ? 120 MET A CE  1 
ATOM   982  N N   . LEU A 1 121 ? -1.440  -14.368 -10.839 1.00 12.60 ? 121 LEU A N   1 
ATOM   983  C CA  . LEU A 1 121 ? -1.197  -13.105 -11.538 1.00 12.84 ? 121 LEU A CA  1 
ATOM   984  C C   . LEU A 1 121 ? -0.129  -13.266 -12.611 1.00 12.60 ? 121 LEU A C   1 
ATOM   985  O O   . LEU A 1 121 ? -0.290  -12.780 -13.734 1.00 13.34 ? 121 LEU A O   1 
ATOM   986  C CB  . LEU A 1 121 ? -0.804  -11.999 -10.552 1.00 12.52 ? 121 LEU A CB  1 
ATOM   987  C CG  . LEU A 1 121 ? -1.903  -11.516 -9.609  1.00 12.21 ? 121 LEU A CG  1 
ATOM   988  C CD1 . LEU A 1 121 ? -1.318  -10.592 -8.538  1.00 14.07 ? 121 LEU A CD1 1 
ATOM   989  C CD2 . LEU A 1 121 ? -3.021  -10.817 -10.369 1.00 12.91 ? 121 LEU A CD2 1 
ATOM   990  N N   . GLN A 1 122 ? 0.971   -13.949 -12.285 1.00 13.63 ? 122 GLN A N   1 
ATOM   991  C CA  . GLN A 1 122 ? 2.017   -14.149 -13.283 1.00 14.72 ? 122 GLN A CA  1 
ATOM   992  C C   . GLN A 1 122 ? 1.508   -14.971 -14.459 1.00 15.76 ? 122 GLN A C   1 
ATOM   993  O O   . GLN A 1 122 ? 1.915   -14.742 -15.606 1.00 16.25 ? 122 GLN A O   1 
ATOM   994  C CB  . GLN A 1 122 ? 3.244   -14.813 -12.658 1.00 16.67 ? 122 GLN A CB  1 
ATOM   995  C CG  . GLN A 1 122 ? 4.362   -15.057 -13.668 1.00 24.14 ? 122 GLN A CG  1 
ATOM   996  C CD  . GLN A 1 122 ? 5.743   -15.111 -13.052 1.00 27.08 ? 122 GLN A CD  1 
ATOM   997  O OE1 . GLN A 1 122 ? 5.892   -15.232 -11.839 1.00 30.78 ? 122 GLN A OE1 1 
ATOM   998  N NE2 . GLN A 1 122 ? 6.768   -15.037 -13.896 1.00 31.03 ? 122 GLN A NE2 1 
ATOM   999  N N   . GLN A 1 123 ? 0.611   -15.921 -14.198 1.00 14.85 ? 123 GLN A N   1 
ATOM   1000 C CA  . GLN A 1 123 ? -0.037  -16.714 -15.235 1.00 15.81 ? 123 GLN A CA  1 
ATOM   1001 C C   . GLN A 1 123 ? -1.132  -15.955 -15.966 1.00 14.32 ? 123 GLN A C   1 
ATOM   1002 O O   . GLN A 1 123 ? -1.723  -16.506 -16.904 1.00 15.87 ? 123 GLN A O   1 
ATOM   1003 C CB  . GLN A 1 123 ? -0.648  -17.973 -14.616 1.00 18.09 ? 123 GLN A CB  1 
ATOM   1004 C CG  . GLN A 1 123 ? 0.366   -18.965 -14.103 1.00 19.89 ? 123 GLN A CG  1 
ATOM   1005 C CD  . GLN A 1 123 ? -0.276  -20.054 -13.266 1.00 22.89 ? 123 GLN A CD  1 
ATOM   1006 O OE1 . GLN A 1 123 ? -1.300  -19.831 -12.618 1.00 23.24 ? 123 GLN A OE1 1 
ATOM   1007 N NE2 . GLN A 1 123 ? 0.324   -21.236 -13.274 1.00 32.06 ? 123 GLN A NE2 1 
ATOM   1008 N N   . LYS A 1 124 ? -1.428  -14.725 -15.542 1.00 13.30 ? 124 LYS A N   1 
ATOM   1009 C CA  . LYS A 1 124 ? -2.470  -13.898 -16.145 1.00 13.11 ? 124 LYS A CA  1 
ATOM   1010 C C   . LYS A 1 124 ? -3.844  -14.556 -16.085 1.00 12.32 ? 124 LYS A C   1 
ATOM   1011 O O   . LYS A 1 124 ? -4.688  -14.352 -16.954 1.00 14.77 ? 124 LYS A O   1 
ATOM   1012 C CB  . LYS A 1 124 ? -2.097  -13.417 -17.548 1.00 14.52 ? 124 LYS A CB  1 
ATOM   1013 C CG  . LYS A 1 124 ? -0.758  -12.693 -17.551 1.00 13.94 ? 124 LYS A CG  1 
ATOM   1014 C CD  . LYS A 1 124 ? -0.506  -11.955 -18.857 1.00 15.33 ? 124 LYS A CD  1 
ATOM   1015 C CE  . LYS A 1 124 ? 0.758   -11.122 -18.798 1.00 15.80 ? 124 LYS A CE  1 
ATOM   1016 N NZ  . LYS A 1 124 ? 0.725   -10.102 -17.732 1.00 16.39 ? 124 LYS A NZ  1 
ATOM   1017 N N   . ARG A 1 125 ? -4.077  -15.317 -15.023 1.00 12.64 ? 125 ARG A N   1 
ATOM   1018 C CA  . ARG A 1 125 ? -5.387  -15.902 -14.758 1.00 14.22 ? 125 ARG A CA  1 
ATOM   1019 C C   . ARG A 1 125 ? -6.117  -14.939 -13.833 1.00 13.07 ? 125 ARG A C   1 
ATOM   1020 O O   . ARG A 1 125 ? -6.200  -15.129 -12.621 1.00 13.72 ? 125 ARG A O   1 
ATOM   1021 C CB  . ARG A 1 125 ? -5.223  -17.287 -14.151 1.00 17.36 ? 125 ARG A CB  1 
ATOM   1022 C CG  . ARG A 1 125 ? -4.457  -18.242 -15.060 1.00 16.52 ? 125 ARG A CG  1 
ATOM   1023 C CD  . ARG A 1 125 ? -4.132  -19.547 -14.358 1.00 24.68 ? 125 ARG A CD  1 
ATOM   1024 N NE  . ARG A 1 125 ? -3.395  -20.460 -15.232 1.00 32.21 ? 125 ARG A NE  1 
ATOM   1025 C CZ  . ARG A 1 125 ? -3.715  -21.734 -15.434 1.00 35.21 ? 125 ARG A CZ  1 
ATOM   1026 N NH1 . ARG A 1 125 ? -4.757  -22.269 -14.810 1.00 35.50 ? 125 ARG A NH1 1 
ATOM   1027 N NH2 . ARG A 1 125 ? -2.979  -22.479 -16.250 1.00 32.13 ? 125 ARG A NH2 1 
ATOM   1028 N N   . TRP A 1 126 ? -6.669  -13.885 -14.440 1.00 12.72 ? 126 TRP A N   1 
ATOM   1029 C CA  . TRP A 1 126 ? -7.095  -12.724 -13.663 1.00 11.91 ? 126 TRP A CA  1 
ATOM   1030 C C   . TRP A 1 126 ? -8.298  -13.024 -12.776 1.00 12.76 ? 126 TRP A C   1 
ATOM   1031 O O   . TRP A 1 126 ? -8.337  -12.592 -11.615 1.00 12.69 ? 126 TRP A O   1 
ATOM   1032 C CB  . TRP A 1 126 ? -7.415  -11.558 -14.590 1.00 13.16 ? 126 TRP A CB  1 
ATOM   1033 C CG  . TRP A 1 126 ? -6.324  -11.196 -15.545 1.00 12.32 ? 126 TRP A CG  1 
ATOM   1034 C CD1 . TRP A 1 126 ? -6.432  -11.095 -16.907 1.00 13.33 ? 126 TRP A CD1 1 
ATOM   1035 C CD2 . TRP A 1 126 ? -4.960  -10.854 -15.229 1.00 12.16 ? 126 TRP A CD2 1 
ATOM   1036 N NE1 . TRP A 1 126 ? -5.232  -10.721 -17.450 1.00 13.28 ? 126 TRP A NE1 1 
ATOM   1037 C CE2 . TRP A 1 126 ? -4.314  -10.568 -16.445 1.00 11.93 ? 126 TRP A CE2 1 
ATOM   1038 C CE3 . TRP A 1 126 ? -4.222  -10.770 -14.036 1.00 12.58 ? 126 TRP A CE3 1 
ATOM   1039 C CZ2 . TRP A 1 126 ? -2.973  -10.199 -16.511 1.00 13.14 ? 126 TRP A CZ2 1 
ATOM   1040 C CZ3 . TRP A 1 126 ? -2.880  -10.408 -14.108 1.00 12.49 ? 126 TRP A CZ3 1 
ATOM   1041 C CH2 . TRP A 1 126 ? -2.275  -10.125 -15.336 1.00 13.67 ? 126 TRP A CH2 1 
ATOM   1042 N N   . ASP A 1 127 ? -9.307  -13.725 -13.303 1.00 13.24 ? 127 ASP A N   1 
ATOM   1043 C CA  . ASP A 1 127 ? -10.473 -14.014 -12.473 1.00 12.87 ? 127 ASP A CA  1 
ATOM   1044 C C   . ASP A 1 127 ? -10.109 -14.942 -11.323 1.00 12.48 ? 127 ASP A C   1 
ATOM   1045 O O   . ASP A 1 127 ? -10.596 -14.768 -10.197 1.00 12.86 ? 127 ASP A O   1 
ATOM   1046 C CB  . ASP A 1 127 ? -11.596 -14.649 -13.295 1.00 14.39 ? 127 ASP A CB  1 
ATOM   1047 C CG  . ASP A 1 127 ? -12.327 -13.661 -14.185 1.00 15.41 ? 127 ASP A CG  1 
ATOM   1048 O OD1 . ASP A 1 127 ? -11.868 -12.513 -14.359 1.00 17.38 ? 127 ASP A OD1 1 
ATOM   1049 O OD2 . ASP A 1 127 ? -13.383 -14.057 -14.726 1.00 18.33 ? 127 ASP A OD2 1 
ATOM   1050 N N   . GLU A 1 128 ? -9.268  -15.941 -11.592 1.00 13.25 ? 128 GLU A N   1 
ATOM   1051 C CA  . GLU A 1 128 ? -8.841  -16.836 -10.525 1.00 14.05 ? 128 GLU A CA  1 
ATOM   1052 C C   . GLU A 1 128 ? -8.017  -16.091 -9.492  1.00 12.45 ? 128 GLU A C   1 
ATOM   1053 O O   . GLU A 1 128 ? -8.179  -16.312 -8.288  1.00 13.51 ? 128 GLU A O   1 
ATOM   1054 C CB  . GLU A 1 128 ? -8.058  -18.024 -11.080 1.00 15.46 ? 128 GLU A CB  1 
ATOM   1055 C CG  . GLU A 1 128 ? -8.906  -19.002 -11.858 1.00 18.57 ? 128 GLU A CG  1 
ATOM   1056 C CD  . GLU A 1 128 ? -8.082  -19.878 -12.778 1.00 29.21 ? 128 GLU A CD  1 
ATOM   1057 O OE1 . GLU A 1 128 ? -7.280  -20.686 -12.264 1.00 36.87 ? 128 GLU A OE1 1 
ATOM   1058 O OE2 . GLU A 1 128 ? -8.227  -19.753 -14.013 1.00 36.80 ? 128 GLU A OE2 1 
ATOM   1059 N N   . ALA A 1 129 ? -7.122  -15.215 -9.945  1.00 12.35 ? 129 ALA A N   1 
ATOM   1060 C CA  . ALA A 1 129 ? -6.349  -14.414 -9.007  1.00 11.88 ? 129 ALA A CA  1 
ATOM   1061 C C   . ALA A 1 129 ? -7.257  -13.552 -8.144  1.00 12.47 ? 129 ALA A C   1 
ATOM   1062 O O   . ALA A 1 129 ? -7.046  -13.440 -6.932  1.00 12.57 ? 129 ALA A O   1 
ATOM   1063 C CB  . ALA A 1 129 ? -5.337  -13.559 -9.759  1.00 13.57 ? 129 ALA A CB  1 
ATOM   1064 N N   . ALA A 1 130 ? -8.282  -12.950 -8.746  1.00 11.96 ? 130 ALA A N   1 
ATOM   1065 C CA  . ALA A 1 130 ? -9.190  -12.098 -7.989  1.00 12.77 ? 130 ALA A CA  1 
ATOM   1066 C C   . ALA A 1 130 ? -9.916  -12.889 -6.914  1.00 12.51 ? 130 ALA A C   1 
ATOM   1067 O O   . ALA A 1 130 ? -10.080 -12.412 -5.784  1.00 13.75 ? 130 ALA A O   1 
ATOM   1068 C CB  . ALA A 1 130 ? -10.190 -11.439 -8.934  1.00 13.83 ? 130 ALA A CB  1 
ATOM   1069 N N   . VAL A 1 131 ? -10.380 -14.094 -7.252  1.00 12.88 ? 131 VAL A N   1 
ATOM   1070 C CA  . VAL A 1 131 ? -11.020 -14.956 -6.258  1.00 13.72 ? 131 VAL A CA  1 
ATOM   1071 C C   . VAL A 1 131 ? -10.048 -15.275 -5.128  1.00 12.64 ? 131 VAL A C   1 
ATOM   1072 O O   . VAL A 1 131 ? -10.396 -15.210 -3.943  1.00 15.02 ? 131 VAL A O   1 
ATOM   1073 C CB  . VAL A 1 131 ? -11.568 -16.232 -6.923  1.00 14.15 ? 131 VAL A CB  1 
ATOM   1074 C CG1 . VAL A 1 131 ? -11.945 -17.266 -5.867  1.00 16.77 ? 131 VAL A CG1 1 
ATOM   1075 C CG2 . VAL A 1 131 ? -12.773 -15.902 -7.790  1.00 16.24 ? 131 VAL A CG2 1 
ATOM   1076 N N   . ASN A 1 132 ? -8.812  -15.617 -5.481  1.00 13.01 ? 132 ASN A N   1 
ATOM   1077 C CA  . ASN A 1 132 ? -7.833  -16.014 -4.478  1.00 12.29 ? 132 ASN A CA  1 
ATOM   1078 C C   . ASN A 1 132 ? -7.432  -14.842 -3.586  1.00 12.11 ? 132 ASN A C   1 
ATOM   1079 O O   . ASN A 1 132 ? -7.253  -15.016 -2.375  1.00 12.50 ? 132 ASN A O   1 
ATOM   1080 C CB  . ASN A 1 132 ? -6.613  -16.605 -5.175  1.00 13.10 ? 132 ASN A CB  1 
ATOM   1081 C CG  . ASN A 1 132 ? -5.626  -17.199 -4.203  1.00 14.95 ? 132 ASN A CG  1 
ATOM   1082 O OD1 . ASN A 1 132 ? -4.610  -16.589 -3.871  1.00 16.72 ? 132 ASN A OD1 1 
ATOM   1083 N ND2 . ASN A 1 132 ? -5.919  -18.405 -3.739  1.00 16.89 ? 132 ASN A ND2 1 
ATOM   1084 N N   . LEU A 1 133 ? -7.283  -13.643 -4.166  1.00 12.36 ? 133 LEU A N   1 
ATOM   1085 C CA  . LEU A 1 133 ? -6.888  -12.464 -3.398  1.00 11.81 ? 133 LEU A CA  1 
ATOM   1086 C C   . LEU A 1 133 ? -7.907  -12.122 -2.321  1.00 11.84 ? 133 LEU A C   1 
ATOM   1087 O O   . LEU A 1 133 ? -7.535  -11.602 -1.262  1.00 12.99 ? 133 LEU A O   1 
ATOM   1088 C CB  . LEU A 1 133 ? -6.734  -11.275 -4.345  1.00 11.89 ? 133 LEU A CB  1 
ATOM   1089 C CG  . LEU A 1 133 ? -5.442  -11.240 -5.165  1.00 13.01 ? 133 LEU A CG  1 
ATOM   1090 C CD1 . LEU A 1 133 ? -5.612  -10.332 -6.368  1.00 14.62 ? 133 LEU A CD1 1 
ATOM   1091 C CD2 . LEU A 1 133 ? -4.279  -10.775 -4.311  1.00 14.79 ? 133 LEU A CD2 1 
ATOM   1092 N N   . ALA A 1 134 ? -9.189  -12.403 -2.571  1.00 12.54 ? 134 ALA A N   1 
ATOM   1093 C CA  . ALA A 1 134 ? -10.240 -12.083 -1.615  1.00 12.93 ? 134 ALA A CA  1 
ATOM   1094 C C   . ALA A 1 134 ? -10.287 -13.050 -0.440  1.00 12.41 ? 134 ALA A C   1 
ATOM   1095 O O   . ALA A 1 134 ? -10.932 -12.745 0.567   1.00 14.29 ? 134 ALA A O   1 
ATOM   1096 C CB  . ALA A 1 134 ? -11.597 -12.028 -2.321  1.00 14.25 ? 134 ALA A CB  1 
ATOM   1097 N N   . LYS A 1 135 ? -9.627  -14.199 -0.546  1.00 12.92 ? 135 LYS A N   1 
ATOM   1098 C CA  . LYS A 1 135 ? -9.572  -15.159 0.552   1.00 13.33 ? 135 LYS A CA  1 
ATOM   1099 C C   . LYS A 1 135 ? -8.412  -14.772 1.463   1.00 12.21 ? 135 LYS A C   1 
ATOM   1100 O O   . LYS A 1 135 ? -7.373  -15.424 1.511   1.00 12.56 ? 135 LYS A O   1 
ATOM   1101 C CB  . LYS A 1 135 ? -9.433  -16.571 0.004   1.00 14.43 ? 135 LYS A CB  1 
ATOM   1102 C CG  . LYS A 1 135 ? -10.609 -16.987 -0.867  1.00 14.71 ? 135 LYS A CG  1 
ATOM   1103 C CD  . LYS A 1 135 ? -10.371 -18.327 -1.558  1.00 15.86 ? 135 LYS A CD  1 
ATOM   1104 C CE  . LYS A 1 135 ? -11.573 -18.755 -2.390  1.00 18.34 ? 135 LYS A CE  1 
ATOM   1105 N NZ  . LYS A 1 135 ? -11.272 -19.959 -3.212  1.00 18.73 ? 135 LYS A NZ  1 
ATOM   1106 N N   . SER A 1 136 ? -8.589  -13.652 2.161   1.00 12.31 ? 136 SER A N   1 
ATOM   1107 C CA  . SER A 1 136 ? -7.471  -13.069 2.886   1.00 12.07 ? 136 SER A CA  1 
ATOM   1108 C C   . SER A 1 136 ? -7.990  -12.222 4.035   1.00 12.18 ? 136 SER A C   1 
ATOM   1109 O O   . SER A 1 136 ? -9.069  -11.633 3.953   1.00 12.11 ? 136 SER A O   1 
ATOM   1110 C CB  . SER A 1 136 ? -6.630  -12.186 1.959   1.00 11.39 ? 136 SER A CB  1 
ATOM   1111 O OG  . SER A 1 136 ? -7.393  -11.111 1.428   1.00 11.68 ? 136 SER A OG  1 
ATOM   1112 N N   . ARG A 1 137 ? -7.184  -12.133 5.095   1.00 11.56 ? 137 ARG A N   1 
ATOM   1113 C CA  . ARG A 1 137 ? -7.475  -11.163 6.144   1.00 12.29 ? 137 ARG A CA  1 
ATOM   1114 C C   . ARG A 1 137 ? -7.584  -9.761  5.562   1.00 11.98 ? 137 ARG A C   1 
ATOM   1115 O O   . ARG A 1 137 ? -8.464  -8.984  5.951   1.00 13.09 ? 137 ARG A O   1 
ATOM   1116 C CB  . ARG A 1 137 ? -6.403  -11.194 7.237   1.00 12.87 ? 137 ARG A CB  1 
ATOM   1117 C CG  . ARG A 1 137 ? -6.673  -10.177 8.342   1.00 14.49 ? 137 ARG A CG  1 
ATOM   1118 C CD  . ARG A 1 137 ? -5.644  -10.174 9.463   1.00 15.42 ? 137 ARG A CD  1 
ATOM   1119 N NE  . ARG A 1 137 ? -6.069  -9.285  10.543  1.00 17.82 ? 137 ARG A NE  1 
ATOM   1120 C CZ  . ARG A 1 137 ? -5.850  -7.974  10.569  1.00 17.84 ? 137 ARG A CZ  1 
ATOM   1121 N NH1 . ARG A 1 137 ? -5.201  -7.385  9.572   1.00 18.30 ? 137 ARG A NH1 1 
ATOM   1122 N NH2 . ARG A 1 137 ? -6.290  -7.253  11.594  1.00 17.40 ? 137 ARG A NH2 1 
ATOM   1123 N N   . TRP A 1 138 ? -6.698  -9.436  4.613   1.00 11.60 ? 138 TRP A N   1 
ATOM   1124 C CA  . TRP A 1 138 ? -6.696  -8.127  3.963   1.00 11.79 ? 138 TRP A CA  1 
ATOM   1125 C C   . TRP A 1 138 ? -8.079  -7.771  3.440   1.00 12.30 ? 138 TRP A C   1 
ATOM   1126 O O   . TRP A 1 138 ? -8.621  -6.702  3.745   1.00 12.74 ? 138 TRP A O   1 
ATOM   1127 C CB  . TRP A 1 138 ? -5.694  -8.183  2.814   1.00 12.91 ? 138 TRP A CB  1 
ATOM   1128 C CG  . TRP A 1 138 ? -5.714  -7.031  1.860   1.00 11.61 ? 138 TRP A CG  1 
ATOM   1129 C CD1 . TRP A 1 138 ? -5.486  -5.718  2.155   1.00 12.13 ? 138 TRP A CD1 1 
ATOM   1130 C CD2 . TRP A 1 138 ? -5.895  -7.097  0.437   1.00 11.92 ? 138 TRP A CD2 1 
ATOM   1131 N NE1 . TRP A 1 138 ? -5.542  -4.960  1.008   1.00 12.31 ? 138 TRP A NE1 1 
ATOM   1132 C CE2 . TRP A 1 138 ? -5.781  -5.785  -0.060  1.00 10.71 ? 138 TRP A CE2 1 
ATOM   1133 C CE3 . TRP A 1 138 ? -6.142  -8.138  -0.459  1.00 12.38 ? 138 TRP A CE3 1 
ATOM   1134 C CZ2 . TRP A 1 138 ? -5.900  -5.491  -1.415  1.00 11.38 ? 138 TRP A CZ2 1 
ATOM   1135 C CZ3 . TRP A 1 138 ? -6.268  -7.848  -1.796  1.00 12.88 ? 138 TRP A CZ3 1 
ATOM   1136 C CH2 . TRP A 1 138 ? -6.158  -6.536  -2.265  1.00 12.29 ? 138 TRP A CH2 1 
ATOM   1137 N N   . TYR A 1 139 ? -8.669  -8.667  2.652   1.00 12.08 ? 139 TYR A N   1 
ATOM   1138 C CA  . TYR A 1 139 ? -9.980  -8.400  2.078   1.00 12.38 ? 139 TYR A CA  1 
ATOM   1139 C C   . TYR A 1 139 ? -11.036 -8.278  3.165   1.00 12.71 ? 139 TYR A C   1 
ATOM   1140 O O   . TYR A 1 139 ? -11.890 -7.387  3.120   1.00 15.38 ? 139 TYR A O   1 
ATOM   1141 C CB  . TYR A 1 139 ? -10.324 -9.532  1.114   1.00 13.84 ? 139 TYR A CB  1 
ATOM   1142 C CG  . TYR A 1 139 ? -11.690 -9.475  0.472   1.00 15.23 ? 139 TYR A CG  1 
ATOM   1143 C CD1 . TYR A 1 139 ? -11.895 -8.793  -0.722  1.00 16.81 ? 139 TYR A CD1 1 
ATOM   1144 C CD2 . TYR A 1 139 ? -12.768 -10.149 1.037   1.00 20.17 ? 139 TYR A CD2 1 
ATOM   1145 C CE1 . TYR A 1 139 ? -13.145 -8.763  -1.319  1.00 20.07 ? 139 TYR A CE1 1 
ATOM   1146 C CE2 . TYR A 1 139 ? -14.017 -10.125 0.448   1.00 24.79 ? 139 TYR A CE2 1 
ATOM   1147 C CZ  . TYR A 1 139 ? -14.199 -9.434  -0.730  1.00 22.62 ? 139 TYR A CZ  1 
ATOM   1148 O OH  . TYR A 1 139 ? -15.445 -9.407  -1.316  1.00 30.12 ? 139 TYR A OH  1 
ATOM   1149 N N   . ASN A 1 140 ? -10.985 -9.152  4.165   1.00 12.12 ? 140 ASN A N   1 
ATOM   1150 C CA  . ASN A 1 140 ? -12.009 -9.109  5.199   1.00 12.75 ? 140 ASN A CA  1 
ATOM   1151 C C   . ASN A 1 140 ? -11.919 -7.845  6.043   1.00 12.71 ? 140 ASN A C   1 
ATOM   1152 O O   . ASN A 1 140 ? -12.954 -7.308  6.468   1.00 14.45 ? 140 ASN A O   1 
ATOM   1153 C CB  . ASN A 1 140 ? -11.921 -10.356 6.064   1.00 15.34 ? 140 ASN A CB  1 
ATOM   1154 C CG  . ASN A 1 140 ? -12.495 -11.565 5.371   1.00 12.84 ? 140 ASN A CG  1 
ATOM   1155 O OD1 . ASN A 1 140 ? -11.765 -12.389 4.815   1.00 16.37 ? 140 ASN A OD1 1 
ATOM   1156 N ND2 . ASN A 1 140 ? -13.809 -11.670 5.374   1.00 15.12 ? 140 ASN A ND2 1 
ATOM   1157 N N   . GLN A 1 141 ? -10.713 -7.351  6.291   1.00 11.90 ? 141 GLN A N   1 
ATOM   1158 C CA  . GLN A 1 141 ? -10.566 -6.203  7.172   1.00 12.30 ? 141 GLN A CA  1 
ATOM   1159 C C   . GLN A 1 141 ? -10.734 -4.869  6.456   1.00 12.48 ? 141 GLN A C   1 
ATOM   1160 O O   . GLN A 1 141 ? -11.240 -3.916  7.062   1.00 13.78 ? 141 GLN A O   1 
ATOM   1161 C CB  . GLN A 1 141 ? -9.228  -6.262  7.910   1.00 14.06 ? 141 GLN A CB  1 
ATOM   1162 C CG  . GLN A 1 141 ? -9.027  -7.519  8.771   1.00 15.53 ? 141 GLN A CG  1 
ATOM   1163 C CD  . GLN A 1 141 ? -10.103 -7.730  9.828   1.00 13.10 ? 141 GLN A CD  1 
ATOM   1164 O OE1 . GLN A 1 141 ? -10.644 -8.833  9.969   1.00 17.81 ? 141 GLN A OE1 1 
ATOM   1165 N NE2 . GLN A 1 141 ? -10.419 -6.677  10.578  1.00 17.32 ? 141 GLN A NE2 1 
ATOM   1166 N N   . THR A 1 142 ? -10.316 -4.759  5.193   1.00 12.08 ? 142 THR A N   1 
ATOM   1167 C CA  . THR A 1 142 ? -10.525 -3.550  4.392   1.00 11.49 ? 142 THR A CA  1 
ATOM   1168 C C   . THR A 1 142 ? -11.161 -3.947  3.065   1.00 11.16 ? 142 THR A C   1 
ATOM   1169 O O   . THR A 1 142 ? -10.510 -3.922  2.010   1.00 11.14 ? 142 THR A O   1 
ATOM   1170 C CB  . THR A 1 142 ? -9.224  -2.764  4.179   1.00 11.49 ? 142 THR A CB  1 
ATOM   1171 O OG1 . THR A 1 142 ? -8.201  -3.613  3.638   1.00 12.56 ? 142 THR A OG1 1 
ATOM   1172 C CG2 . THR A 1 142 ? -8.716  -2.168  5.487   1.00 13.34 ? 142 THR A CG2 1 
ATOM   1173 N N   . PRO A 1 143 ? -12.441 -4.336  3.086   1.00 11.70 ? 143 PRO A N   1 
ATOM   1174 C CA  . PRO A 1 143 ? -13.038 -4.912  1.871   1.00 11.43 ? 143 PRO A CA  1 
ATOM   1175 C C   . PRO A 1 143 ? -13.236 -3.918  0.751   1.00 11.62 ? 143 PRO A C   1 
ATOM   1176 O O   . PRO A 1 143 ? -13.092 -4.295  -0.416  1.00 11.80 ? 143 PRO A O   1 
ATOM   1177 C CB  . PRO A 1 143 ? -14.371 -5.481  2.364   1.00 12.31 ? 143 PRO A CB  1 
ATOM   1178 C CG  . PRO A 1 143 ? -14.679 -4.688  3.597   1.00 12.48 ? 143 PRO A CG  1 
ATOM   1179 C CD  . PRO A 1 143 ? -13.353 -4.410  4.241   1.00 12.11 ? 143 PRO A CD  1 
ATOM   1180 N N   . ASN A 1 144 ? -13.595 -2.673  1.044   1.00 11.85 ? 144 ASN A N   1 
ATOM   1181 C CA  . ASN A 1 144 ? -13.828 -1.752  -0.061  1.00 12.68 ? 144 ASN A CA  1 
ATOM   1182 C C   . ASN A 1 144 ? -12.530 -1.416  -0.775  1.00 11.50 ? 144 ASN A C   1 
ATOM   1183 O O   . ASN A 1 144 ? -12.478 -1.382  -2.010  1.00 12.39 ? 144 ASN A O   1 
ATOM   1184 C CB  . ASN A 1 144 ? -14.547 -0.501  0.415   1.00 14.24 ? 144 ASN A CB  1 
ATOM   1185 C CG  . ASN A 1 144 ? -16.033 -0.734  0.575   1.00 17.90 ? 144 ASN A CG  1 
ATOM   1186 O OD1 . ASN A 1 144 ? -16.593 -1.656  -0.024  1.00 21.00 ? 144 ASN A OD1 1 
ATOM   1187 N ND2 . ASN A 1 144 ? -16.677 0.084   1.394   1.00 26.22 ? 144 ASN A ND2 1 
ATOM   1188 N N   . ARG A 1 145 ? -11.467 -1.188  -0.016  1.00 11.80 ? 145 ARG A N   1 
ATOM   1189 C CA  . ARG A 1 145 ? -10.181 -0.925  -0.644  1.00 11.82 ? 145 ARG A CA  1 
ATOM   1190 C C   . ARG A 1 145 ? -9.663  -2.169  -1.362  1.00 11.42 ? 145 ARG A C   1 
ATOM   1191 O O   . ARG A 1 145 ? -9.176  -2.080  -2.497  1.00 12.10 ? 145 ARG A O   1 
ATOM   1192 C CB  . ARG A 1 145 ? -9.207  -0.413  0.405   1.00 15.52 ? 145 ARG A CB  1 
ATOM   1193 C CG  . ARG A 1 145 ? -8.011  0.298   -0.193  1.00 18.60 ? 145 ARG A CG  1 
ATOM   1194 C CD  . ARG A 1 145 ? -6.816  -0.520  0.115   1.00 19.57 ? 145 ARG A CD  1 
ATOM   1195 N NE  . ARG A 1 145 ? -5.523  0.059   -0.232  1.00 13.68 ? 145 ARG A NE  1 
ATOM   1196 C CZ  . ARG A 1 145 ? -4.814  0.863   0.549   1.00 13.78 ? 145 ARG A CZ  1 
ATOM   1197 N NH1 . ARG A 1 145 ? -5.295  1.279   1.713   1.00 17.38 ? 145 ARG A NH1 1 
ATOM   1198 N NH2 . ARG A 1 145 ? -3.612  1.247   0.157   1.00 12.06 ? 145 ARG A NH2 1 
ATOM   1199 N N   . ALA A 1 146 ? -9.792  -3.340  -0.735  1.00 11.70 ? 146 ALA A N   1 
ATOM   1200 C CA  . ALA A 1 146 ? -9.349  -4.566  -1.389  1.00 12.44 ? 146 ALA A CA  1 
ATOM   1201 C C   . ALA A 1 146 ? -10.136 -4.820  -2.665  1.00 11.76 ? 146 ALA A C   1 
ATOM   1202 O O   . ALA A 1 146 ? -9.559  -5.225  -3.685  1.00 12.11 ? 146 ALA A O   1 
ATOM   1203 C CB  . ALA A 1 146 ? -9.457  -5.760  -0.439  1.00 13.55 ? 146 ALA A CB  1 
ATOM   1204 N N   . LYS A 1 147 ? -11.446 -4.564  -2.641  1.00 11.84 ? 147 LYS A N   1 
ATOM   1205 C CA  . LYS A 1 147 ? -12.244 -4.721  -3.852  1.00 12.50 ? 147 LYS A CA  1 
ATOM   1206 C C   . LYS A 1 147 ? -11.746 -3.817  -4.972  1.00 10.85 ? 147 LYS A C   1 
ATOM   1207 O O   . LYS A 1 147 ? -11.707 -4.236  -6.134  1.00 11.61 ? 147 LYS A O   1 
ATOM   1208 C CB  . LYS A 1 147 ? -13.724 -4.471  -3.565  1.00 12.76 ? 147 LYS A CB  1 
ATOM   1209 C CG  . LYS A 1 147 ? -14.426 -5.620  -2.864  1.00 14.57 ? 147 LYS A CG  1 
ATOM   1210 C CD  . LYS A 1 147 ? -15.813 -5.215  -2.389  1.00 17.53 ? 147 LYS A CD  1 
ATOM   1211 C CE  . LYS A 1 147 ? -16.446 -6.322  -1.562  1.00 21.11 ? 147 LYS A CE  1 
ATOM   1212 N NZ  . LYS A 1 147 ? -17.830 -6.003  -1.117  1.00 22.53 ? 147 LYS A NZ  1 
ATOM   1213 N N   . ARG A 1 148 ? -11.349 -2.582  -4.654  1.00 11.26 ? 148 ARG A N   1 
ATOM   1214 C CA  . ARG A 1 148 ? -10.842 -1.706  -5.705  1.00 11.06 ? 148 ARG A CA  1 
ATOM   1215 C C   . ARG A 1 148 ? -9.544  -2.240  -6.280  1.00 10.15 ? 148 ARG A C   1 
ATOM   1216 O O   . ARG A 1 148 ? -9.352  -2.253  -7.504  1.00 11.16 ? 148 ARG A O   1 
ATOM   1217 C CB  . ARG A 1 148 ? -10.629 -0.292  -5.177  1.00 10.70 ? 148 ARG A CB  1 
ATOM   1218 C CG  . ARG A 1 148 ? -11.907 0.461   -4.906  1.00 11.88 ? 148 ARG A CG  1 
ATOM   1219 C CD  . ARG A 1 148 ? -11.643 1.949   -4.687  1.00 11.60 ? 148 ARG A CD  1 
ATOM   1220 N NE  . ARG A 1 148 ? -10.934 2.223   -3.441  1.00 12.08 ? 148 ARG A NE  1 
ATOM   1221 C CZ  . ARG A 1 148 ? -11.514 2.326   -2.247  1.00 12.68 ? 148 ARG A CZ  1 
ATOM   1222 N NH1 . ARG A 1 148 ? -12.826 2.169   -2.101  1.00 13.48 ? 148 ARG A NH1 1 
ATOM   1223 N NH2 . ARG A 1 148 ? -10.773 2.586   -1.181  1.00 14.35 ? 148 ARG A NH2 1 
ATOM   1224 N N   . VAL A 1 149 ? -8.634  -2.666  -5.405  1.00 10.28 ? 149 VAL A N   1 
ATOM   1225 C CA  . VAL A 1 149 ? -7.358  -3.205  -5.858  1.00 11.47 ? 149 VAL A CA  1 
ATOM   1226 C C   . VAL A 1 149 ? -7.575  -4.479  -6.665  1.00 10.85 ? 149 VAL A C   1 
ATOM   1227 O O   . VAL A 1 149 ? -6.970  -4.672  -7.730  1.00 11.23 ? 149 VAL A O   1 
ATOM   1228 C CB  . VAL A 1 149 ? -6.427  -3.419  -4.651  1.00 10.75 ? 149 VAL A CB  1 
ATOM   1229 C CG1 . VAL A 1 149 ? -5.141  -4.104  -5.083  1.00 13.07 ? 149 VAL A CG1 1 
ATOM   1230 C CG2 . VAL A 1 149 ? -6.126  -2.075  -3.978  1.00 11.97 ? 149 VAL A CG2 1 
ATOM   1231 N N   . ILE A 1 150 ? -8.445  -5.366  -6.178  1.00 10.82 ? 150 ILE A N   1 
ATOM   1232 C CA  . ILE A 1 150 ? -8.718  -6.619  -6.876  1.00 11.43 ? 150 ILE A CA  1 
ATOM   1233 C C   . ILE A 1 150 ? -9.339  -6.361  -8.242  1.00 11.17 ? 150 ILE A C   1 
ATOM   1234 O O   . ILE A 1 150 ? -8.983  -7.013  -9.232  1.00 11.79 ? 150 ILE A O   1 
ATOM   1235 C CB  . ILE A 1 150 ? -9.584  -7.540  -5.999  1.00 12.19 ? 150 ILE A CB  1 
ATOM   1236 C CG1 . ILE A 1 150 ? -8.773  -8.026  -4.798  1.00 13.04 ? 150 ILE A CG1 1 
ATOM   1237 C CG2 . ILE A 1 150 ? -10.089 -8.717  -6.812  1.00 13.89 ? 150 ILE A CG2 1 
ATOM   1238 C CD1 . ILE A 1 150 ? -9.575  -8.819  -3.785  1.00 13.78 ? 150 ILE A CD1 1 
ATOM   1239 N N   . THR A 1 151 ? -10.285 -5.420  -8.322  1.00 11.78 ? 151 THR A N   1 
ATOM   1240 C CA  . THR A 1 151 ? -10.869 -5.076  -9.616  1.00 12.23 ? 151 THR A CA  1 
ATOM   1241 C C   . THR A 1 151 ? -9.803  -4.579  -10.579 1.00 12.72 ? 151 THR A C   1 
ATOM   1242 O O   . THR A 1 151 ? -9.855  -4.867  -11.784 1.00 12.70 ? 151 THR A O   1 
ATOM   1243 C CB  . THR A 1 151 ? -11.962 -4.023  -9.432  1.00 13.72 ? 151 THR A CB  1 
ATOM   1244 O OG1 . THR A 1 151 ? -13.088 -4.609  -8.769  1.00 15.84 ? 151 THR A OG1 1 
ATOM   1245 C CG2 . THR A 1 151 ? -12.414 -3.430  -10.768 1.00 15.28 ? 151 THR A CG2 1 
ATOM   1246 N N   . THR A 1 152 ? -8.818  -3.840  -10.059 1.00 11.31 ? 152 THR A N   1 
ATOM   1247 C CA  . THR A 1 152 ? -7.713  -3.365  -10.885 1.00 11.79 ? 152 THR A CA  1 
ATOM   1248 C C   . THR A 1 152 ? -6.889  -4.534  -11.417 1.00 11.54 ? 152 THR A C   1 
ATOM   1249 O O   . THR A 1 152 ? -6.547  -4.569  -12.606 1.00 12.12 ? 152 THR A O   1 
ATOM   1250 C CB  . THR A 1 152 ? -6.867  -2.360  -10.093 1.00 10.82 ? 152 THR A CB  1 
ATOM   1251 O OG1 . THR A 1 152 ? -7.723  -1.341  -9.551  1.00 11.71 ? 152 THR A OG1 1 
ATOM   1252 C CG2 . THR A 1 152 ? -5.837  -1.696  -10.983 1.00 12.63 ? 152 THR A CG2 1 
ATOM   1253 N N   . PHE A 1 153 ? -6.599  -5.524  -10.569 1.00 11.46 ? 153 PHE A N   1 
ATOM   1254 C CA  . PHE A 1 153 ? -5.933  -6.735  -11.053 1.00 12.59 ? 153 PHE A CA  1 
ATOM   1255 C C   . PHE A 1 153 ? -6.829  -7.529  -12.006 1.00 12.75 ? 153 PHE A C   1 
ATOM   1256 O O   . PHE A 1 153 ? -6.338  -8.141  -12.967 1.00 13.97 ? 153 PHE A O   1 
ATOM   1257 C CB  . PHE A 1 153 ? -5.568  -7.630  -9.871  1.00 12.35 ? 153 PHE A CB  1 
ATOM   1258 C CG  . PHE A 1 153 ? -4.268  -7.296  -9.189  1.00 12.39 ? 153 PHE A CG  1 
ATOM   1259 C CD1 . PHE A 1 153 ? -3.088  -7.149  -9.901  1.00 12.80 ? 153 PHE A CD1 1 
ATOM   1260 C CD2 . PHE A 1 153 ? -4.238  -7.165  -7.812  1.00 12.40 ? 153 PHE A CD2 1 
ATOM   1261 C CE1 . PHE A 1 153 ? -1.901  -6.879  -9.244  1.00 13.72 ? 153 PHE A CE1 1 
ATOM   1262 C CE2 . PHE A 1 153 ? -3.062  -6.895  -7.148  1.00 13.94 ? 153 PHE A CE2 1 
ATOM   1263 C CZ  . PHE A 1 153 ? -1.890  -6.746  -7.866  1.00 13.37 ? 153 PHE A CZ  1 
ATOM   1264 N N   . ARG A 1 154 ? -8.131  -7.582  -11.739 1.00 12.56 ? 154 ARG A N   1 
ATOM   1265 C CA  . ARG A 1 154 ? -8.993  -8.410  -12.576 1.00 14.05 ? 154 ARG A CA  1 
ATOM   1266 C C   . ARG A 1 154 ? -9.101  -7.844  -13.985 1.00 12.75 ? 154 ARG A C   1 
ATOM   1267 O O   . ARG A 1 154 ? -9.046  -8.595  -14.974 1.00 14.03 ? 154 ARG A O   1 
ATOM   1268 C CB  . ARG A 1 154 ? -10.378 -8.552  -11.946 1.00 13.82 ? 154 ARG A CB  1 
ATOM   1269 C CG  . ARG A 1 154 ? -11.261 -9.543  -12.680 1.00 16.48 ? 154 ARG A CG  1 
ATOM   1270 C CD  . ARG A 1 154 ? -12.621 -9.724  -12.025 1.00 17.97 ? 154 ARG A CD  1 
ATOM   1271 N NE  . ARG A 1 154 ? -13.315 -8.467  -11.750 1.00 22.50 ? 154 ARG A NE  1 
ATOM   1272 C CZ  . ARG A 1 154 ? -14.073 -7.812  -12.625 1.00 22.43 ? 154 ARG A CZ  1 
ATOM   1273 N NH1 . ARG A 1 154 ? -14.235 -8.277  -13.857 1.00 25.64 ? 154 ARG A NH1 1 
ATOM   1274 N NH2 . ARG A 1 154 ? -14.661 -6.677  -12.270 1.00 28.93 ? 154 ARG A NH2 1 
ATOM   1275 N N   . THR A 1 155 ? -9.230  -6.518  -14.097 1.00 14.18 ? 155 THR A N   1 
ATOM   1276 C CA  . THR A 1 155 ? -9.558  -5.877  -15.362 1.00 15.35 ? 155 THR A CA  1 
ATOM   1277 C C   . THR A 1 155 ? -8.390  -5.175  -16.033 1.00 14.52 ? 155 THR A C   1 
ATOM   1278 O O   . THR A 1 155 ? -8.447  -4.956  -17.248 1.00 15.53 ? 155 THR A O   1 
ATOM   1279 C CB  . THR A 1 155 ? -10.673 -4.842  -15.163 1.00 13.89 ? 155 THR A CB  1 
ATOM   1280 O OG1 . THR A 1 155 ? -10.166 -3.754  -14.376 1.00 13.82 ? 155 THR A OG1 1 
ATOM   1281 C CG2 . THR A 1 155 ? -11.886 -5.463  -14.470 1.00 16.30 ? 155 THR A CG2 1 
ATOM   1282 N N   . GLY A 1 156 ? -7.349  -4.803  -15.292 1.00 14.60 ? 156 GLY A N   1 
ATOM   1283 C CA  . GLY A 1 156 ? -6.310  -3.988  -15.886 1.00 14.92 ? 156 GLY A CA  1 
ATOM   1284 C C   . GLY A 1 156 ? -6.758  -2.593  -16.260 1.00 13.88 ? 156 GLY A C   1 
ATOM   1285 O O   . GLY A 1 156 ? -6.114  -1.945  -17.095 1.00 13.97 ? 156 GLY A O   1 
ATOM   1286 N N   . THR A 1 157 ? -7.857  -2.121  -15.674 1.00 13.78 ? 157 THR A N   1 
ATOM   1287 C CA  . THR A 1 157 ? -8.393  -0.789  -15.899 1.00 13.56 ? 157 THR A CA  1 
ATOM   1288 C C   . THR A 1 157 ? -8.452  -0.040  -14.578 1.00 11.32 ? 157 THR A C   1 
ATOM   1289 O O   . THR A 1 157 ? -8.343  -0.620  -13.493 1.00 12.33 ? 157 THR A O   1 
ATOM   1290 C CB  . THR A 1 157 ? -9.815  -0.829  -16.476 1.00 13.87 ? 157 THR A CB  1 
ATOM   1291 O OG1 . THR A 1 157 ? -10.747 -1.159  -15.436 1.00 14.40 ? 157 THR A OG1 1 
ATOM   1292 C CG2 . THR A 1 157 ? -9.924  -1.825  -17.615 1.00 16.86 ? 157 THR A CG2 1 
ATOM   1293 N N   . TRP A 1 158 ? -8.700  1.262   -14.694 1.00 12.39 ? 158 TRP A N   1 
ATOM   1294 C CA  . TRP A 1 158 ? -8.935  2.125   -13.551 1.00 12.75 ? 158 TRP A CA  1 
ATOM   1295 C C   . TRP A 1 158 ? -10.408 2.214   -13.160 1.00 13.03 ? 158 TRP A C   1 
ATOM   1296 O O   . TRP A 1 158 ? -10.783 3.123   -12.407 1.00 13.46 ? 158 TRP A O   1 
ATOM   1297 C CB  . TRP A 1 158 ? -8.385  3.517   -13.845 1.00 14.94 ? 158 TRP A CB  1 
ATOM   1298 C CG  . TRP A 1 158 ? -6.899  3.568   -13.912 1.00 12.47 ? 158 TRP A CG  1 
ATOM   1299 C CD1 . TRP A 1 158 ? -6.126  3.842   -15.006 1.00 14.34 ? 158 TRP A CD1 1 
ATOM   1300 C CD2 . TRP A 1 158 ? -6.002  3.357   -12.827 1.00 12.06 ? 158 TRP A CD2 1 
ATOM   1301 N NE1 . TRP A 1 158 ? -4.796  3.810   -14.664 1.00 14.18 ? 158 TRP A NE1 1 
ATOM   1302 C CE2 . TRP A 1 158 ? -4.695  3.515   -13.328 1.00 12.84 ? 158 TRP A CE2 1 
ATOM   1303 C CE3 . TRP A 1 158 ? -6.177  3.054   -11.476 1.00 12.03 ? 158 TRP A CE3 1 
ATOM   1304 C CZ2 . TRP A 1 158 ? -3.571  3.384   -12.522 1.00 13.79 ? 158 TRP A CZ2 1 
ATOM   1305 C CZ3 . TRP A 1 158 ? -5.063  2.920   -10.680 1.00 14.06 ? 158 TRP A CZ3 1 
ATOM   1306 C CH2 . TRP A 1 158 ? -3.774  3.092   -11.201 1.00 13.30 ? 158 TRP A CH2 1 
ATOM   1307 N N   . ASP A 1 159 ? -11.249 1.283   -13.628 1.00 13.31 ? 159 ASP A N   1 
ATOM   1308 C CA  . ASP A 1 159 ? -12.694 1.439   -13.459 1.00 13.73 ? 159 ASP A CA  1 
ATOM   1309 C C   . ASP A 1 159 ? -13.102 1.581   -11.994 1.00 14.22 ? 159 ASP A C   1 
ATOM   1310 O O   . ASP A 1 159 ? -14.043 2.319   -11.679 1.00 15.58 ? 159 ASP A O   1 
ATOM   1311 C CB  . ASP A 1 159 ? -13.446 0.282   -14.112 1.00 17.82 ? 159 ASP A CB  1 
ATOM   1312 C CG  . ASP A 1 159 ? -13.438 0.355   -15.627 1.00 17.85 ? 159 ASP A CG  1 
ATOM   1313 O OD1 . ASP A 1 159 ? -12.972 1.367   -16.185 1.00 22.68 ? 159 ASP A OD1 1 
ATOM   1314 O OD2 . ASP A 1 159 ? -13.912 -0.611  -16.260 1.00 24.19 ? 159 ASP A OD2 1 
ATOM   1315 N N   . ALA A 1 160 ? -12.418 0.883   -11.081 1.00 13.60 ? 160 ALA A N   1 
ATOM   1316 C CA  . ALA A 1 160 ? -12.815 0.952   -9.676  1.00 13.90 ? 160 ALA A CA  1 
ATOM   1317 C C   . ALA A 1 160 ? -12.524 2.310   -9.056  1.00 15.15 ? 160 ALA A C   1 
ATOM   1318 O O   . ALA A 1 160 ? -13.158 2.672   -8.057  1.00 19.17 ? 160 ALA A O   1 
ATOM   1319 C CB  . ALA A 1 160 ? -12.138 -0.151  -8.858  1.00 15.82 ? 160 ALA A CB  1 
ATOM   1320 N N   . TYR A 1 161 ? -11.585 3.061   -9.617  1.00 13.47 ? 161 TYR A N   1 
ATOM   1321 C CA  . TYR A 1 161 ? -11.216 4.367   -9.086  1.00 14.42 ? 161 TYR A CA  1 
ATOM   1322 C C   . TYR A 1 161 ? -11.919 5.506   -9.801  1.00 18.59 ? 161 TYR A C   1 
ATOM   1323 O O   . TYR A 1 161 ? -12.081 6.583   -9.219  1.00 27.25 ? 161 TYR A O   1 
ATOM   1324 C CB  . TYR A 1 161 ? -9.692  4.544   -9.127  1.00 14.11 ? 161 TYR A CB  1 
ATOM   1325 C CG  . TYR A 1 161 ? -9.026  3.643   -8.120  1.00 12.34 ? 161 TYR A CG  1 
ATOM   1326 C CD1 . TYR A 1 161 ? -8.736  2.323   -8.431  1.00 12.36 ? 161 TYR A CD1 1 
ATOM   1327 C CD2 . TYR A 1 161 ? -8.737  4.097   -6.836  1.00 11.65 ? 161 TYR A CD2 1 
ATOM   1328 C CE1 . TYR A 1 161 ? -8.171  1.481   -7.503  1.00 11.03 ? 161 TYR A CE1 1 
ATOM   1329 C CE2 . TYR A 1 161 ? -8.164  3.263   -5.892  1.00 11.52 ? 161 TYR A CE2 1 
ATOM   1330 C CZ  . TYR A 1 161 ? -7.884  1.953   -6.237  1.00 10.90 ? 161 TYR A CZ  1 
ATOM   1331 O OH  . TYR A 1 161 ? -7.318  1.098   -5.324  1.00 11.65 ? 161 TYR A OH  1 
ATOM   1332 N N   . LYS A 1 162 ? -12.422 5.250   -10.999 1.00 19.66 ? 162 LYS A N   1 
ATOM   1333 C CA  . LYS A 1 162 ? -13.200 6.249   -11.707 1.00 22.58 ? 162 LYS A CA  1 
ATOM   1334 C C   . LYS A 1 162 ? -14.611 6.180   -11.135 1.00 25.44 ? 162 LYS A C   1 
ATOM   1335 O O   . LYS A 1 162 ? -15.264 7.196   -10.945 1.00 29.52 ? 162 LYS A O   1 
ATOM   1336 C CB  . LYS A 1 162 ? -13.242 5.940   -13.199 1.00 26.77 ? 162 LYS A CB  1 
ATOM   1337 C CG  . LYS A 1 162 ? -11.957 6.264   -13.936 1.00 25.94 ? 162 LYS A CG  1 
ATOM   1338 C CD  . LYS A 1 162 ? -11.969 5.664   -15.333 1.00 30.14 ? 162 LYS A CD  1 
ATOM   1339 C CE  . LYS A 1 162 ? -11.658 6.707   -16.392 1.00 32.73 ? 162 LYS A CE  1 
ATOM   1340 N NZ  . LYS A 1 162 ? -12.543 6.566   -17.584 1.00 36.77 ? 162 LYS A NZ  1 
ATOM   1341 N N   . ASN A 1 163 ? -15.069 4.964   -10.852 1.00 25.84 ? 163 ASN A N   1 
ATOM   1342 C CA  . ASN A 1 163 ? -16.396 4.748   -10.298 1.00 28.72 ? 163 ASN A CA  1 
ATOM   1343 C C   . ASN A 1 163 ? -16.555 5.365   -8.913  1.00 32.98 ? 163 ASN A C   1 
ATOM   1344 O O   . ASN A 1 163 ? -17.613 5.899   -8.581  1.00 35.59 ? 163 ASN A O   1 
ATOM   1345 C CB  . ASN A 1 163 ? -16.726 3.254   -10.247 1.00 30.03 ? 163 ASN A CB  1 
ATOM   1346 C CG  . ASN A 1 163 ? -17.141 2.704   -11.597 1.00 33.34 ? 163 ASN A CG  1 
ATOM   1347 O OD1 . ASN A 1 163 ? -17.448 3.458   -12.516 1.00 39.53 ? 163 ASN A OD1 1 
ATOM   1348 N ND2 . ASN A 1 163 ? -17.155 1.388   -11.719 1.00 34.58 ? 163 ASN A ND2 1 
HETATM 1349 C C02 . Y7V B 2 .   ? 4.467   -7.573  -6.014  1.00 21.96 ? 201 Y7V A C02 1 
HETATM 1350 C C03 . Y7V B 2 .   ? 4.557   -8.048  -7.315  1.00 6.34  ? 201 Y7V A C03 1 
HETATM 1351 C C04 . Y7V B 2 .   ? 3.401   -8.510  -7.924  1.00 23.22 ? 201 Y7V A C04 1 
HETATM 1352 C C05 . Y7V B 2 .   ? 2.185   -8.521  -7.247  1.00 23.02 ? 201 Y7V A C05 1 
HETATM 1353 C C06 . Y7V B 2 .   ? 2.120   -8.058  -5.943  1.00 21.30 ? 201 Y7V A C06 1 
HETATM 1354 C C08 . Y7V B 2 .   ? 3.261   -7.584  -5.330  1.00 21.48 ? 201 Y7V A C08 1 
HETATM 1355 F F01 . Y7V B 2 .   ? 5.578   -7.101  -5.383  1.00 41.12 ? 201 Y7V A F01 1 
HETATM 1356 I I07 . Y7V B 2 .   ? 0.303   -8.061  -4.883  1.00 79.53 ? 201 Y7V A I07 1 
HETATM 1357 C C1  . BME C 3 .   ? 3.969   3.603   5.695   1.00 18.58 ? 202 BME A C1  1 
HETATM 1358 C C2  . BME C 3 .   ? 4.125   4.013   4.238   1.00 21.26 ? 202 BME A C2  1 
HETATM 1359 O O1  . BME C 3 .   ? 2.794   2.858   5.800   1.00 29.00 ? 202 BME A O1  1 
HETATM 1360 S S2  . BME C 3 .   ? 4.012   2.522   3.214   1.00 38.85 ? 202 BME A S2  1 
HETATM 1361 C C1  . BME D 3 .   ? 11.771  8.835   -7.386  1.00 16.45 ? 203 BME A C1  1 
HETATM 1362 C C2  . BME D 3 .   ? 10.713  9.234   -8.416  1.00 29.07 ? 203 BME A C2  1 
HETATM 1363 O O1  . BME D 3 .   ? 11.551  9.662   -6.275  1.00 30.37 ? 203 BME A O1  1 
HETATM 1364 S S2  . BME D 3 .   ? 9.022   9.069   -7.774  1.00 27.43 ? 203 BME A S2  1 
HETATM 1365 C C1  . BME E 3 .   ? -9.431  7.556   15.137  1.00 31.11 ? 204 BME A C1  1 
HETATM 1366 C C2  . BME E 3 .   ? -8.947  6.345   14.353  1.00 31.25 ? 204 BME A C2  1 
HETATM 1367 O O1  . BME E 3 .   ? -10.710 7.861   14.676  1.00 21.67 ? 204 BME A O1  1 
HETATM 1368 S S2  . BME E 3 .   ? -8.886  4.926   15.478  1.00 30.40 ? 204 BME A S2  1 
HETATM 1369 C C   . TRS F 4 .   ? -0.952  2.087   5.985   1.00 14.28 ? 205 TRS A C   1 
HETATM 1370 C C1  . TRS F 4 .   ? -0.917  0.640   6.469   1.00 17.33 ? 205 TRS A C1  1 
HETATM 1371 C C2  . TRS F 4 .   ? -0.830  2.123   4.466   1.00 16.14 ? 205 TRS A C2  1 
HETATM 1372 C C3  . TRS F 4 .   ? -2.276  2.681   6.457   1.00 16.45 ? 205 TRS A C3  1 
HETATM 1373 N N   . TRS F 4 .   ? 0.167   2.842   6.526   1.00 16.68 ? 205 TRS A N   1 
HETATM 1374 O O1  . TRS F 4 .   ? 0.372   0.137   6.274   1.00 19.89 ? 205 TRS A O1  1 
HETATM 1375 O O2  . TRS F 4 .   ? -1.936  1.465   3.926   1.00 14.86 ? 205 TRS A O2  1 
HETATM 1376 O O3  . TRS F 4 .   ? -2.347  4.038   6.131   1.00 17.57 ? 205 TRS A O3  1 
HETATM 1377 O O   . HOH G 5 .   ? -4.447  11.403  -14.300 1.00 27.50 ? 301 HOH A O   1 
HETATM 1378 O O   . HOH G 5 .   ? -15.629 -9.260  -3.778  1.00 27.61 ? 302 HOH A O   1 
HETATM 1379 O O   . HOH G 5 .   ? 4.876   -0.296  -16.431 1.00 23.94 ? 303 HOH A O   1 
HETATM 1380 O O   . HOH G 5 .   ? 13.553  12.793  -0.154  1.00 19.41 ? 304 HOH A O   1 
HETATM 1381 O O   . HOH G 5 .   ? 4.094   18.964  -2.839  1.00 29.26 ? 305 HOH A O   1 
HETATM 1382 O O   . HOH G 5 .   ? 2.503   13.029  23.273  1.00 30.50 ? 306 HOH A O   1 
HETATM 1383 O O   . HOH G 5 .   ? 8.783   -11.893 -15.127 1.00 25.07 ? 307 HOH A O   1 
HETATM 1384 O O   . HOH G 5 .   ? 6.362   4.309   7.551   1.00 27.87 ? 308 HOH A O   1 
HETATM 1385 O O   . HOH G 5 .   ? 8.587   5.101   11.606  1.00 20.27 ? 309 HOH A O   1 
HETATM 1386 O O   . HOH G 5 .   ? 13.403  13.642  3.342   1.00 16.12 ? 310 HOH A O   1 
HETATM 1387 O O   . HOH G 5 .   ? -0.247  3.066   9.135   1.00 16.74 ? 311 HOH A O   1 
HETATM 1388 O O   . HOH G 5 .   ? -4.648  6.507   5.494   1.00 15.92 ? 312 HOH A O   1 
HETATM 1389 O O   . HOH G 5 .   ? -13.317 -10.560 -15.431 1.00 25.85 ? 313 HOH A O   1 
HETATM 1390 O O   . HOH G 5 .   ? -1.304  12.868  -11.006 1.00 26.81 ? 314 HOH A O   1 
HETATM 1391 O O   . HOH G 5 .   ? 5.935   22.934  4.388   1.00 26.00 ? 315 HOH A O   1 
HETATM 1392 O O   . HOH G 5 .   ? 9.850   20.600  5.972   1.00 21.09 ? 316 HOH A O   1 
HETATM 1393 O O   . HOH G 5 .   ? 12.103  12.663  19.804  1.00 26.12 ? 317 HOH A O   1 
HETATM 1394 O O   . HOH G 5 .   ? -3.714  -2.721  -18.366 1.00 18.07 ? 318 HOH A O   1 
HETATM 1395 O O   . HOH G 5 .   ? 0.715   2.845   16.886  1.00 17.09 ? 319 HOH A O   1 
HETATM 1396 O O   . HOH G 5 .   ? -10.440 -5.469  -18.960 1.00 23.57 ? 320 HOH A O   1 
HETATM 1397 O O   . HOH G 5 .   ? -12.515 -3.264  9.327   1.00 16.98 ? 321 HOH A O   1 
HETATM 1398 O O   . HOH G 5 .   ? 1.244   -11.080 -15.278 1.00 15.01 ? 322 HOH A O   1 
HETATM 1399 O O   . HOH G 5 .   ? -1.295  -1.056  9.569   1.00 26.07 ? 323 HOH A O   1 
HETATM 1400 O O   . HOH G 5 .   ? -9.792  -0.350  -11.220 1.00 15.26 ? 324 HOH A O   1 
HETATM 1401 O O   . HOH G 5 .   ? -15.223 1.542   -6.709  1.00 20.32 ? 325 HOH A O   1 
HETATM 1402 O O   . HOH G 5 .   ? -17.338 -4.115  0.866   1.00 24.25 ? 326 HOH A O   1 
HETATM 1403 O O   . HOH G 5 .   ? -7.367  0.695   3.376   1.00 25.96 ? 327 HOH A O   1 
HETATM 1404 O O   . HOH G 5 .   ? -4.697  5.759   22.119  1.00 33.49 ? 328 HOH A O   1 
HETATM 1405 O O   . HOH G 5 .   ? 8.340   7.221   9.877   1.00 23.40 ? 329 HOH A O   1 
HETATM 1406 O O   . HOH G 5 .   ? -9.536  3.194   1.476   1.00 20.78 ? 330 HOH A O   1 
HETATM 1407 O O   . HOH G 5 .   ? 5.979   15.229  16.311  1.00 17.51 ? 331 HOH A O   1 
HETATM 1408 O O   . HOH G 5 .   ? -9.675  -9.540  -17.469 1.00 18.38 ? 332 HOH A O   1 
HETATM 1409 O O   . HOH G 5 .   ? -5.903  -0.068  -19.083 1.00 22.59 ? 333 HOH A O   1 
HETATM 1410 O O   . HOH G 5 .   ? -15.529 -10.281 6.996   1.00 20.56 ? 334 HOH A O   1 
HETATM 1411 O O   . HOH G 5 .   ? -1.275  -17.486 -1.385  1.00 20.13 ? 335 HOH A O   1 
HETATM 1412 O O   . HOH G 5 .   ? 13.794  -13.760 -9.097  1.00 33.07 ? 336 HOH A O   1 
HETATM 1413 O O   . HOH G 5 .   ? -0.788  21.710  9.035   1.00 24.46 ? 337 HOH A O   1 
HETATM 1414 O O   . HOH G 5 .   ? 2.788   8.605   2.819   1.00 12.71 ? 338 HOH A O   1 
HETATM 1415 O O   . HOH G 5 .   ? -12.969 -8.145  -9.031  1.00 24.14 ? 339 HOH A O   1 
HETATM 1416 O O   . HOH G 5 .   ? -4.910  1.955   18.926  1.00 23.96 ? 340 HOH A O   1 
HETATM 1417 O O   . HOH G 5 .   ? -4.413  -4.424  14.547  1.00 31.03 ? 341 HOH A O   1 
HETATM 1418 O O   . HOH G 5 .   ? -9.524  9.679   -0.012  1.00 26.65 ? 342 HOH A O   1 
HETATM 1419 O O   . HOH G 5 .   ? 2.352   -22.439 -3.343  1.00 25.47 ? 343 HOH A O   1 
HETATM 1420 O O   . HOH G 5 .   ? -3.865  -2.733  -1.081  1.00 11.55 ? 344 HOH A O   1 
HETATM 1421 O O   . HOH G 5 .   ? 16.124  -5.293  -9.369  1.00 31.52 ? 345 HOH A O   1 
HETATM 1422 O O   . HOH G 5 .   ? 10.941  17.928  5.480   1.00 25.72 ? 346 HOH A O   1 
HETATM 1423 O O   . HOH G 5 .   ? -2.269  -21.267 -10.440 1.00 32.36 ? 347 HOH A O   1 
HETATM 1424 O O   . HOH G 5 .   ? 3.994   0.416   6.390   1.00 32.83 ? 348 HOH A O   1 
HETATM 1425 O O   . HOH G 5 .   ? 6.362   17.896  -1.431  1.00 18.50 ? 349 HOH A O   1 
HETATM 1426 O O   . HOH G 5 .   ? -9.738  -4.075  11.314  1.00 23.04 ? 350 HOH A O   1 
HETATM 1427 O O   . HOH G 5 .   ? -15.517 -7.723  5.451   1.00 20.05 ? 351 HOH A O   1 
HETATM 1428 O O   . HOH G 5 .   ? -9.067  -18.907 -7.785  1.00 19.21 ? 352 HOH A O   1 
HETATM 1429 O O   . HOH G 5 .   ? -6.235  12.911  14.404  1.00 28.62 ? 353 HOH A O   1 
HETATM 1430 O O   . HOH G 5 .   ? 6.771   2.256   1.710   1.00 29.90 ? 354 HOH A O   1 
HETATM 1431 O O   . HOH G 5 .   ? -1.546  2.516   18.734  1.00 30.41 ? 355 HOH A O   1 
HETATM 1432 O O   . HOH G 5 .   ? 3.646   -13.597 -17.502 1.00 21.22 ? 356 HOH A O   1 
HETATM 1433 O O   . HOH G 5 .   ? 9.008   22.978  13.515  1.00 22.79 ? 357 HOH A O   1 
HETATM 1434 O O   . HOH G 5 .   ? -0.579  10.693  -14.583 1.00 19.62 ? 358 HOH A O   1 
HETATM 1435 O O   . HOH G 5 .   ? -12.708 -11.380 -5.721  1.00 19.29 ? 359 HOH A O   1 
HETATM 1436 O O   . HOH G 5 .   ? 2.300   11.171  3.768   1.00 11.44 ? 360 HOH A O   1 
HETATM 1437 O O   . HOH G 5 .   ? -14.926 -1.068  -3.403  1.00 18.72 ? 361 HOH A O   1 
HETATM 1438 O O   . HOH G 5 .   ? -13.115 -15.265 -3.145  1.00 18.56 ? 362 HOH A O   1 
HETATM 1439 O O   . HOH G 5 .   ? -0.702  8.260   -15.804 1.00 16.61 ? 363 HOH A O   1 
HETATM 1440 O O   . HOH G 5 .   ? 11.835  10.886  5.711   1.00 14.21 ? 364 HOH A O   1 
HETATM 1441 O O   . HOH G 5 .   ? 0.892   20.873  -1.584  1.00 30.96 ? 365 HOH A O   1 
HETATM 1442 O O   . HOH G 5 .   ? -5.094  10.236  5.540   1.00 16.24 ? 366 HOH A O   1 
HETATM 1443 O O   . HOH G 5 .   ? 11.268  14.590  4.936   1.00 19.95 ? 367 HOH A O   1 
HETATM 1444 O O   . HOH G 5 .   ? -8.641  -2.053  14.367  1.00 18.70 ? 368 HOH A O   1 
HETATM 1445 O O   . HOH G 5 .   ? 9.459   9.413   22.409  1.00 28.55 ? 369 HOH A O   1 
HETATM 1446 O O   . HOH G 5 .   ? 9.056   8.614   4.005   1.00 19.19 ? 370 HOH A O   1 
HETATM 1447 O O   . HOH G 5 .   ? 16.207  13.126  9.956   1.00 13.17 ? 371 HOH A O   1 
HETATM 1448 O O   . HOH G 5 .   ? -8.294  5.232   9.911   1.00 30.35 ? 372 HOH A O   1 
HETATM 1449 O O   . HOH G 5 .   ? 7.791   5.881   24.004  1.00 33.31 ? 373 HOH A O   1 
HETATM 1450 O O   . HOH G 5 .   ? -12.203 -14.381 2.782   1.00 23.79 ? 374 HOH A O   1 
HETATM 1451 O O   . HOH G 5 .   ? -0.840  15.793  20.785  1.00 34.84 ? 375 HOH A O   1 
HETATM 1452 O O   . HOH G 5 .   ? 4.322   21.490  13.043  1.00 19.42 ? 376 HOH A O   1 
HETATM 1453 O O   . HOH G 5 .   ? 8.462   0.286   -11.876 1.00 28.09 ? 377 HOH A O   1 
HETATM 1454 O O   . HOH G 5 .   ? 12.248  6.416   -0.920  1.00 23.89 ? 378 HOH A O   1 
HETATM 1455 O O   . HOH G 5 .   ? 2.130   22.805  2.295   1.00 21.60 ? 379 HOH A O   1 
HETATM 1456 O O   . HOH G 5 .   ? -14.986 1.588   -3.986  1.00 16.68 ? 380 HOH A O   1 
HETATM 1457 O O   . HOH G 5 .   ? -5.842  17.345  8.074   1.00 23.79 ? 381 HOH A O   1 
HETATM 1458 O O   . HOH G 5 .   ? -8.610  2.302   -17.431 1.00 18.85 ? 382 HOH A O   1 
HETATM 1459 O O   . HOH G 5 .   ? 0.448   7.201   24.369  1.00 29.27 ? 383 HOH A O   1 
HETATM 1460 O O   . HOH G 5 .   ? 2.965   8.906   24.815  1.00 25.55 ? 384 HOH A O   1 
HETATM 1461 O O   . HOH G 5 .   ? 6.730   -0.035  15.241  1.00 25.53 ? 385 HOH A O   1 
HETATM 1462 O O   . HOH G 5 .   ? -0.429  22.720  4.534   1.00 25.11 ? 386 HOH A O   1 
HETATM 1463 O O   . HOH G 5 .   ? 12.344  22.235  14.823  1.00 25.36 ? 387 HOH A O   1 
HETATM 1464 O O   . HOH G 5 .   ? -6.319  11.105  -6.242  1.00 26.88 ? 388 HOH A O   1 
HETATM 1465 O O   . HOH G 5 .   ? -6.611  -5.104  5.664   1.00 18.97 ? 389 HOH A O   1 
HETATM 1466 O O   . HOH G 5 .   ? -13.440 -6.686  -6.663  1.00 20.55 ? 390 HOH A O   1 
HETATM 1467 O O   . HOH G 5 .   ? -13.093 -13.119 -10.257 1.00 22.85 ? 391 HOH A O   1 
HETATM 1468 O O   . HOH G 5 .   ? -4.480  -1.873  6.588   1.00 26.61 ? 392 HOH A O   1 
HETATM 1469 O O   . HOH G 5 .   ? 8.037   14.790  -3.782  1.00 25.82 ? 393 HOH A O   1 
HETATM 1470 O O   . HOH G 5 .   ? -2.373  15.203  -2.000  1.00 30.47 ? 394 HOH A O   1 
HETATM 1471 O O   . HOH G 5 .   ? -8.758  12.199  3.828   1.00 27.52 ? 395 HOH A O   1 
HETATM 1472 O O   . HOH G 5 .   ? -10.496 -12.174 -17.043 1.00 19.37 ? 396 HOH A O   1 
HETATM 1473 O O   . HOH G 5 .   ? 0.202   -12.880 4.442   1.00 32.91 ? 397 HOH A O   1 
HETATM 1474 O O   . HOH G 5 .   ? -3.867  -8.397  6.997   1.00 27.77 ? 398 HOH A O   1 
HETATM 1475 O O   . HOH G 5 .   ? 9.806   -15.788 -13.786 1.00 35.88 ? 399 HOH A O   1 
HETATM 1476 O O   . HOH G 5 .   ? -8.631  -19.613 -4.907  1.00 12.24 ? 400 HOH A O   1 
HETATM 1477 O O   . HOH G 5 .   ? 8.243   12.801  21.540  1.00 30.16 ? 401 HOH A O   1 
HETATM 1478 O O   . HOH G 5 .   ? -10.316 -22.211 -1.205  1.00 32.82 ? 402 HOH A O   1 
HETATM 1479 O O   . HOH G 5 .   ? 3.006   22.290  10.590  1.00 26.01 ? 403 HOH A O   1 
HETATM 1480 O O   . HOH G 5 .   ? -3.747  11.169  18.442  1.00 35.63 ? 404 HOH A O   1 
HETATM 1481 O O   . HOH G 5 .   ? -12.060 -0.621  3.138   1.00 9.54  ? 405 HOH A O   1 
HETATM 1482 O O   . HOH G 5 .   ? -4.784  16.460  -2.257  1.00 35.33 ? 406 HOH A O   1 
HETATM 1483 O O   . HOH G 5 .   ? 8.250   19.288  2.027   1.00 29.56 ? 407 HOH A O   1 
HETATM 1484 O O   . HOH G 5 .   ? 12.512  20.551  7.936   1.00 31.45 ? 408 HOH A O   1 
HETATM 1485 O O   . HOH G 5 .   ? -12.460 -17.740 -11.110 1.00 28.27 ? 409 HOH A O   1 
HETATM 1486 O O   . HOH G 5 .   ? -7.328  8.634   7.085   1.00 32.69 ? 410 HOH A O   1 
HETATM 1487 O O   . HOH G 5 .   ? -14.559 -1.484  -6.261  1.00 26.60 ? 411 HOH A O   1 
HETATM 1488 O O   . HOH G 5 .   ? -10.299 -16.621 3.904   1.00 11.27 ? 412 HOH A O   1 
HETATM 1489 O O   . HOH G 5 .   ? -14.069 -14.790 -0.536  1.00 32.12 ? 413 HOH A O   1 
HETATM 1490 O O   . HOH G 5 .   ? 9.205   16.549  3.988   1.00 24.70 ? 414 HOH A O   1 
HETATM 1491 O O   . HOH G 5 .   ? -13.314 -8.741  -4.883  1.00 21.99 ? 415 HOH A O   1 
HETATM 1492 O O   . HOH G 5 .   ? 8.851   19.109  -0.769  1.00 19.96 ? 416 HOH A O   1 
HETATM 1493 O O   . HOH G 5 .   ? -8.085  12.421  -4.589  1.00 32.87 ? 417 HOH A O   1 
HETATM 1494 O O   . HOH G 5 .   ? -13.571 -11.065 -8.317  1.00 26.97 ? 418 HOH A O   1 
HETATM 1495 O O   . HOH G 5 .   ? 0.623   23.370  10.464  1.00 27.00 ? 419 HOH A O   1 
HETATM 1496 O O   . HOH G 5 .   ? -14.373 -13.299 -4.619  1.00 26.45 ? 420 HOH A O   1 
HETATM 1497 O O   . HOH G 5 .   ? -11.533 -19.446 -8.995  1.00 26.58 ? 421 HOH A O   1 
HETATM 1498 O O   . HOH G 5 .   ? -9.758  1.461   3.636   1.00 22.48 ? 422 HOH A O   1 
# 
loop_
_pdbx_poly_seq_scheme.asym_id 
_pdbx_poly_seq_scheme.entity_id 
_pdbx_poly_seq_scheme.seq_id 
_pdbx_poly_seq_scheme.mon_id 
_pdbx_poly_seq_scheme.ndb_seq_num 
_pdbx_poly_seq_scheme.pdb_seq_num 
_pdbx_poly_seq_scheme.auth_seq_num 
_pdbx_poly_seq_scheme.pdb_mon_id 
_pdbx_poly_seq_scheme.auth_mon_id 
_pdbx_poly_seq_scheme.pdb_strand_id 
_pdbx_poly_seq_scheme.pdb_ins_code 
_pdbx_poly_seq_scheme.hetero 
A 1 1   MET 1   1   1   MET MET A . n 
A 1 2   ASN 2   2   2   ASN ASN A . n 
A 1 3   ILE 3   3   3   ILE ILE A . n 
A 1 4   PHE 4   4   4   PHE PHE A . n 
A 1 5   GLU 5   5   5   GLU GLU A . n 
A 1 6   MET 6   6   6   MET MET A . n 
A 1 7   LEU 7   7   7   LEU LEU A . n 
A 1 8   ARG 8   8   8   ARG ARG A . n 
A 1 9   ILE 9   9   9   ILE ILE A . n 
A 1 10  ASP 10  10  10  ASP ASP A . n 
A 1 11  GLU 11  11  11  GLU GLU A . n 
A 1 12  GLY 12  12  12  GLY GLY A . n 
A 1 13  LEU 13  13  13  LEU LEU A . n 
A 1 14  ARG 14  14  14  ARG ARG A . n 
A 1 15  LEU 15  15  15  LEU LEU A . n 
A 1 16  LYS 16  16  16  LYS LYS A . n 
A 1 17  ILE 17  17  17  ILE ILE A . n 
A 1 18  TYR 18  18  18  TYR TYR A . n 
A 1 19  LYS 19  19  19  LYS LYS A . n 
A 1 20  ASP 20  20  20  ASP ASP A . n 
A 1 21  THR 21  21  21  THR THR A . n 
A 1 22  GLU 22  22  22  GLU GLU A . n 
A 1 23  GLY 23  23  23  GLY GLY A . n 
A 1 24  TYR 24  24  24  TYR TYR A . n 
A 1 25  TYR 25  25  25  TYR TYR A . n 
A 1 26  THR 26  26  26  THR THR A . n 
A 1 27  ILE 27  27  27  ILE ILE A . n 
A 1 28  GLY 28  28  28  GLY GLY A . n 
A 1 29  ILE 29  29  29  ILE ILE A . n 
A 1 30  GLY 30  30  30  GLY GLY A . n 
A 1 31  HIS 31  31  31  HIS HIS A . n 
A 1 32  LEU 32  32  32  LEU LEU A . n 
A 1 33  LEU 33  33  33  LEU LEU A . n 
A 1 34  THR 34  34  34  THR THR A . n 
A 1 35  LYS 35  35  35  LYS LYS A . n 
A 1 36  SER 36  36  36  SER SER A . n 
A 1 37  PRO 37  37  37  PRO PRO A . n 
A 1 38  SER 38  38  38  SER SER A . n 
A 1 39  LEU 39  39  39  LEU LEU A . n 
A 1 40  ASN 40  40  40  ASN ASN A . n 
A 1 41  ALA 41  41  41  ALA ALA A . n 
A 1 42  ALA 42  42  42  ALA ALA A . n 
A 1 43  LYS 43  43  43  LYS LYS A . n 
A 1 44  SER 44  44  44  SER SER A . n 
A 1 45  GLU 45  45  45  GLU GLU A . n 
A 1 46  LEU 46  46  46  LEU LEU A . n 
A 1 47  ASP 47  47  47  ASP ASP A . n 
A 1 48  LYS 48  48  48  LYS LYS A . n 
A 1 49  ALA 49  49  49  ALA ALA A . n 
A 1 50  ILE 50  50  50  ILE ILE A . n 
A 1 51  GLY 51  51  51  GLY GLY A . n 
A 1 52  ARG 52  52  52  ARG ARG A . n 
A 1 53  ASN 53  53  53  ASN ASN A . n 
A 1 54  CYS 54  54  54  CYS CYS A . n 
A 1 55  ASN 55  55  55  ASN ASN A . n 
A 1 56  GLY 56  56  56  GLY GLY A . n 
A 1 57  VAL 57  57  57  VAL VAL A . n 
A 1 58  ILE 58  58  58  ILE ILE A . n 
A 1 59  THR 59  59  59  THR THR A . n 
A 1 60  LYS 60  60  60  LYS LYS A . n 
A 1 61  ASP 61  61  61  ASP ASP A . n 
A 1 62  GLU 62  62  62  GLU GLU A . n 
A 1 63  ALA 63  63  63  ALA ALA A . n 
A 1 64  GLU 64  64  64  GLU GLU A . n 
A 1 65  LYS 65  65  65  LYS LYS A . n 
A 1 66  LEU 66  66  66  LEU LEU A . n 
A 1 67  PHE 67  67  67  PHE PHE A . n 
A 1 68  ASN 68  68  68  ASN ASN A . n 
A 1 69  GLN 69  69  69  GLN GLN A . n 
A 1 70  ASP 70  70  70  ASP ASP A . n 
A 1 71  VAL 71  71  71  VAL VAL A . n 
A 1 72  ASP 72  72  72  ASP ASP A . n 
A 1 73  ALA 73  73  73  ALA ALA A . n 
A 1 74  ALA 74  74  74  ALA ALA A . n 
A 1 75  VAL 75  75  75  VAL VAL A . n 
A 1 76  ARG 76  76  76  ARG ARG A . n 
A 1 77  GLY 77  77  77  GLY GLY A . n 
A 1 78  ILE 78  78  78  ILE ILE A . n 
A 1 79  LEU 79  79  79  LEU LEU A . n 
A 1 80  ARG 80  80  80  ARG ARG A . n 
A 1 81  ASN 81  81  81  ASN ASN A . n 
A 1 82  ALA 82  82  82  ALA ALA A . n 
A 1 83  LYS 83  83  83  LYS LYS A . n 
A 1 84  LEU 84  84  84  LEU LEU A . n 
A 1 85  LYS 85  85  85  LYS LYS A . n 
A 1 86  PRO 86  86  86  PRO PRO A . n 
A 1 87  VAL 87  87  87  VAL VAL A . n 
A 1 88  TYR 88  88  88  TYR TYR A . n 
A 1 89  ASP 89  89  89  ASP ASP A . n 
A 1 90  SER 90  90  90  SER SER A . n 
A 1 91  LEU 91  91  91  LEU LEU A . n 
A 1 92  ASP 92  92  92  ASP ASP A . n 
A 1 93  ALA 93  93  93  ALA ALA A . n 
A 1 94  VAL 94  94  94  VAL VAL A . n 
A 1 95  ARG 95  95  95  ARG ARG A . n 
A 1 96  ARG 96  96  96  ARG ARG A . n 
A 1 97  CYS 97  97  97  CYS CYS A . n 
A 1 98  ALA 98  98  98  ALA ALA A . n 
A 1 99  ALA 99  99  99  ALA ALA A . n 
A 1 100 ILE 100 100 100 ILE ILE A . n 
A 1 101 ASN 101 101 101 ASN ASN A . n 
A 1 102 MET 102 102 102 MET MET A . n 
A 1 103 VAL 103 103 103 VAL VAL A . n 
A 1 104 PHE 104 104 104 PHE PHE A . n 
A 1 105 GLN 105 105 105 GLN GLN A . n 
A 1 106 MET 106 106 106 MET MET A . n 
A 1 107 GLY 107 107 107 GLY GLY A . n 
A 1 108 GLU 108 108 108 GLU GLU A . n 
A 1 109 THR 109 109 109 THR THR A . n 
A 1 110 GLY 110 110 110 GLY GLY A . n 
A 1 111 VAL 111 111 111 VAL VAL A . n 
A 1 112 ALA 112 112 112 ALA ALA A . n 
A 1 113 GLY 113 113 113 GLY GLY A . n 
A 1 114 PHE 114 114 114 PHE PHE A . n 
A 1 115 THR 115 115 115 THR THR A . n 
A 1 116 ASN 116 116 116 ASN ASN A . n 
A 1 117 SER 117 117 117 SER SER A . n 
A 1 118 LEU 118 118 118 LEU LEU A . n 
A 1 119 ARG 119 119 119 ARG ARG A . n 
A 1 120 MET 120 120 120 MET MET A . n 
A 1 121 LEU 121 121 121 LEU LEU A . n 
A 1 122 GLN 122 122 122 GLN GLN A . n 
A 1 123 GLN 123 123 123 GLN GLN A . n 
A 1 124 LYS 124 124 124 LYS LYS A . n 
A 1 125 ARG 125 125 125 ARG ARG A . n 
A 1 126 TRP 126 126 126 TRP TRP A . n 
A 1 127 ASP 127 127 127 ASP ASP A . n 
A 1 128 GLU 128 128 128 GLU GLU A . n 
A 1 129 ALA 129 129 129 ALA ALA A . n 
A 1 130 ALA 130 130 130 ALA ALA A . n 
A 1 131 VAL 131 131 131 VAL VAL A . n 
A 1 132 ASN 132 132 132 ASN ASN A . n 
A 1 133 LEU 133 133 133 LEU LEU A . n 
A 1 134 ALA 134 134 134 ALA ALA A . n 
A 1 135 LYS 135 135 135 LYS LYS A . n 
A 1 136 SER 136 136 136 SER SER A . n 
A 1 137 ARG 137 137 137 ARG ARG A . n 
A 1 138 TRP 138 138 138 TRP TRP A . n 
A 1 139 TYR 139 139 139 TYR TYR A . n 
A 1 140 ASN 140 140 140 ASN ASN A . n 
A 1 141 GLN 141 141 141 GLN GLN A . n 
A 1 142 THR 142 142 142 THR THR A . n 
A 1 143 PRO 143 143 143 PRO PRO A . n 
A 1 144 ASN 144 144 144 ASN ASN A . n 
A 1 145 ARG 145 145 145 ARG ARG A . n 
A 1 146 ALA 146 146 146 ALA ALA A . n 
A 1 147 LYS 147 147 147 LYS LYS A . n 
A 1 148 ARG 148 148 148 ARG ARG A . n 
A 1 149 VAL 149 149 149 VAL VAL A . n 
A 1 150 ILE 150 150 150 ILE ILE A . n 
A 1 151 THR 151 151 151 THR THR A . n 
A 1 152 THR 152 152 152 THR THR A . n 
A 1 153 PHE 153 153 153 PHE PHE A . n 
A 1 154 ARG 154 154 154 ARG ARG A . n 
A 1 155 THR 155 155 155 THR THR A . n 
A 1 156 GLY 156 156 156 GLY GLY A . n 
A 1 157 THR 157 157 157 THR THR A . n 
A 1 158 TRP 158 158 158 TRP TRP A . n 
A 1 159 ASP 159 159 159 ASP ASP A . n 
A 1 160 ALA 160 160 160 ALA ALA A . n 
A 1 161 TYR 161 161 161 TYR TYR A . n 
A 1 162 LYS 162 162 162 LYS LYS A . n 
A 1 163 ASN 163 163 163 ASN ASN A . n 
A 1 164 LEU 164 164 ?   ?   ?   A . n 
A 1 165 LEU 165 165 ?   ?   ?   A . n 
A 1 166 GLU 166 166 ?   ?   ?   A . n 
A 1 167 HIS 167 167 ?   ?   ?   A . n 
A 1 168 HIS 168 168 ?   ?   ?   A . n 
A 1 169 HIS 169 169 ?   ?   ?   A . n 
A 1 170 HIS 170 170 ?   ?   ?   A . n 
A 1 171 HIS 171 171 ?   ?   ?   A . n 
A 1 172 HIS 172 172 ?   ?   ?   A . n 
# 
loop_
_pdbx_nonpoly_scheme.asym_id 
_pdbx_nonpoly_scheme.entity_id 
_pdbx_nonpoly_scheme.mon_id 
_pdbx_nonpoly_scheme.ndb_seq_num 
_pdbx_nonpoly_scheme.pdb_seq_num 
_pdbx_nonpoly_scheme.auth_seq_num 
_pdbx_nonpoly_scheme.pdb_mon_id 
_pdbx_nonpoly_scheme.auth_mon_id 
_pdbx_nonpoly_scheme.pdb_strand_id 
_pdbx_nonpoly_scheme.pdb_ins_code 
B 2 Y7V 1   201 200 Y7V LIG A . 
C 3 BME 1   202 202 BME BME A . 
D 3 BME 1   203 204 BME BME A . 
E 3 BME 1   204 205 BME BME A . 
F 4 TRS 1   205 210 TRS TRS A . 
G 5 HOH 1   301 63  HOH HOH A . 
G 5 HOH 2   302 115 HOH HOH A . 
G 5 HOH 3   303 97  HOH HOH A . 
G 5 HOH 4   304 61  HOH HOH A . 
G 5 HOH 5   305 112 HOH HOH A . 
G 5 HOH 6   306 102 HOH HOH A . 
G 5 HOH 7   307 58  HOH HOH A . 
G 5 HOH 8   308 100 HOH HOH A . 
G 5 HOH 9   309 36  HOH HOH A . 
G 5 HOH 10  310 28  HOH HOH A . 
G 5 HOH 11  311 35  HOH HOH A . 
G 5 HOH 12  312 19  HOH HOH A . 
G 5 HOH 13  313 86  HOH HOH A . 
G 5 HOH 14  314 121 HOH HOH A . 
G 5 HOH 15  315 54  HOH HOH A . 
G 5 HOH 16  316 32  HOH HOH A . 
G 5 HOH 17  317 111 HOH HOH A . 
G 5 HOH 18  318 40  HOH HOH A . 
G 5 HOH 19  319 20  HOH HOH A . 
G 5 HOH 20  320 44  HOH HOH A . 
G 5 HOH 21  321 15  HOH HOH A . 
G 5 HOH 22  322 8   HOH HOH A . 
G 5 HOH 23  323 59  HOH HOH A . 
G 5 HOH 24  324 3   HOH HOH A . 
G 5 HOH 25  325 16  HOH HOH A . 
G 5 HOH 26  326 66  HOH HOH A . 
G 5 HOH 27  327 48  HOH HOH A . 
G 5 HOH 28  328 127 HOH HOH A . 
G 5 HOH 29  329 71  HOH HOH A . 
G 5 HOH 30  330 25  HOH HOH A . 
G 5 HOH 31  331 11  HOH HOH A . 
G 5 HOH 32  332 21  HOH HOH A . 
G 5 HOH 33  333 64  HOH HOH A . 
G 5 HOH 34  334 43  HOH HOH A . 
G 5 HOH 35  335 23  HOH HOH A . 
G 5 HOH 36  336 74  HOH HOH A . 
G 5 HOH 37  337 46  HOH HOH A . 
G 5 HOH 38  338 4   HOH HOH A . 
G 5 HOH 39  339 73  HOH HOH A . 
G 5 HOH 40  340 53  HOH HOH A . 
G 5 HOH 41  341 92  HOH HOH A . 
G 5 HOH 42  342 101 HOH HOH A . 
G 5 HOH 43  343 132 HOH HOH A . 
G 5 HOH 44  344 12  HOH HOH A . 
G 5 HOH 45  345 120 HOH HOH A . 
G 5 HOH 46  346 69  HOH HOH A . 
G 5 HOH 47  347 118 HOH HOH A . 
G 5 HOH 48  348 105 HOH HOH A . 
G 5 HOH 49  349 62  HOH HOH A . 
G 5 HOH 50  350 82  HOH HOH A . 
G 5 HOH 51  351 31  HOH HOH A . 
G 5 HOH 52  352 17  HOH HOH A . 
G 5 HOH 53  353 88  HOH HOH A . 
G 5 HOH 54  354 77  HOH HOH A . 
G 5 HOH 55  355 99  HOH HOH A . 
G 5 HOH 56  356 45  HOH HOH A . 
G 5 HOH 57  357 104 HOH HOH A . 
G 5 HOH 58  358 56  HOH HOH A . 
G 5 HOH 59  359 27  HOH HOH A . 
G 5 HOH 60  360 5   HOH HOH A . 
G 5 HOH 61  361 38  HOH HOH A . 
G 5 HOH 62  362 14  HOH HOH A . 
G 5 HOH 63  363 24  HOH HOH A . 
G 5 HOH 64  364 2   HOH HOH A . 
G 5 HOH 65  365 123 HOH HOH A . 
G 5 HOH 66  366 42  HOH HOH A . 
G 5 HOH 67  367 10  HOH HOH A . 
G 5 HOH 68  368 13  HOH HOH A . 
G 5 HOH 69  369 94  HOH HOH A . 
G 5 HOH 70  370 18  HOH HOH A . 
G 5 HOH 71  371 9   HOH HOH A . 
G 5 HOH 72  372 72  HOH HOH A . 
G 5 HOH 73  373 107 HOH HOH A . 
G 5 HOH 74  374 51  HOH HOH A . 
G 5 HOH 75  375 103 HOH HOH A . 
G 5 HOH 76  376 39  HOH HOH A . 
G 5 HOH 77  377 95  HOH HOH A . 
G 5 HOH 78  378 49  HOH HOH A . 
G 5 HOH 79  379 22  HOH HOH A . 
G 5 HOH 80  380 7   HOH HOH A . 
G 5 HOH 81  381 26  HOH HOH A . 
G 5 HOH 82  382 6   HOH HOH A . 
G 5 HOH 83  383 110 HOH HOH A . 
G 5 HOH 84  384 96  HOH HOH A . 
G 5 HOH 85  385 41  HOH HOH A . 
G 5 HOH 86  386 50  HOH HOH A . 
G 5 HOH 87  387 34  HOH HOH A . 
G 5 HOH 88  388 117 HOH HOH A . 
G 5 HOH 89  389 55  HOH HOH A . 
G 5 HOH 90  390 57  HOH HOH A . 
G 5 HOH 91  391 29  HOH HOH A . 
G 5 HOH 92  392 106 HOH HOH A . 
G 5 HOH 93  393 114 HOH HOH A . 
G 5 HOH 94  394 108 HOH HOH A . 
G 5 HOH 95  395 37  HOH HOH A . 
G 5 HOH 96  396 30  HOH HOH A . 
G 5 HOH 97  397 124 HOH HOH A . 
G 5 HOH 98  398 52  HOH HOH A . 
G 5 HOH 99  399 84  HOH HOH A . 
G 5 HOH 100 400 1   HOH HOH A . 
G 5 HOH 101 401 89  HOH HOH A . 
G 5 HOH 102 402 65  HOH HOH A . 
G 5 HOH 103 403 70  HOH HOH A . 
G 5 HOH 104 404 113 HOH HOH A . 
G 5 HOH 105 405 128 HOH HOH A . 
G 5 HOH 106 406 109 HOH HOH A . 
G 5 HOH 107 407 133 HOH HOH A . 
G 5 HOH 108 408 33  HOH HOH A . 
G 5 HOH 109 409 131 HOH HOH A . 
G 5 HOH 110 410 81  HOH HOH A . 
G 5 HOH 111 411 98  HOH HOH A . 
G 5 HOH 112 412 129 HOH HOH A . 
G 5 HOH 113 413 76  HOH HOH A . 
G 5 HOH 114 414 93  HOH HOH A . 
G 5 HOH 115 415 85  HOH HOH A . 
G 5 HOH 116 416 130 HOH HOH A . 
G 5 HOH 117 417 134 HOH HOH A . 
G 5 HOH 118 418 80  HOH HOH A . 
G 5 HOH 119 419 87  HOH HOH A . 
G 5 HOH 120 420 90  HOH HOH A . 
G 5 HOH 121 421 116 HOH HOH A . 
G 5 HOH 122 422 60  HOH HOH A . 
# 
_pdbx_struct_assembly.id                   1 
_pdbx_struct_assembly.details              author_and_software_defined_assembly 
_pdbx_struct_assembly.method_details       PISA 
_pdbx_struct_assembly.oligomeric_details   monomeric 
_pdbx_struct_assembly.oligomeric_count     1 
# 
_pdbx_struct_assembly_gen.assembly_id       1 
_pdbx_struct_assembly_gen.oper_expression   1 
_pdbx_struct_assembly_gen.asym_id_list      A,B,C,D,E,F,G 
# 
_pdbx_struct_oper_list.id                   1 
_pdbx_struct_oper_list.type                 'identity operation' 
_pdbx_struct_oper_list.name                 1_555 
_pdbx_struct_oper_list.symmetry_operation   x,y,z 
_pdbx_struct_oper_list.matrix[1][1]         1.0000000000 
_pdbx_struct_oper_list.matrix[1][2]         0.0000000000 
_pdbx_struct_oper_list.matrix[1][3]         0.0000000000 
_pdbx_struct_oper_list.vector[1]            0.0000000000 
_pdbx_struct_oper_list.matrix[2][1]         0.0000000000 
_pdbx_struct_oper_list.matrix[2][2]         1.0000000000 
_pdbx_struct_oper_list.matrix[2][3]         0.0000000000 
_pdbx_struct_oper_list.vector[2]            0.0000000000 
_pdbx_struct_oper_list.matrix[3][1]         0.0000000000 
_pdbx_struct_oper_list.matrix[3][2]         0.0000000000 
_pdbx_struct_oper_list.matrix[3][3]         1.0000000000 
_pdbx_struct_oper_list.vector[3]            0.0000000000 
# 
loop_
_pdbx_audit_revision_history.ordinal 
_pdbx_audit_revision_history.data_content_type 
_pdbx_audit_revision_history.major_revision 
_pdbx_audit_revision_history.minor_revision 
_pdbx_audit_revision_history.revision_date 
1 'Structure model' 1 0 2021-05-19 
2 'Structure model' 1 1 2021-12-08 
3 'Structure model' 1 2 2023-10-18 
# 
_pdbx_audit_revision_details.ordinal             1 
_pdbx_audit_revision_details.revision_ordinal    1 
_pdbx_audit_revision_details.data_content_type   'Structure model' 
_pdbx_audit_revision_details.provider            repository 
_pdbx_audit_revision_details.type                'Initial release' 
_pdbx_audit_revision_details.description         ? 
_pdbx_audit_revision_details.details             ? 
# 
loop_
_pdbx_audit_revision_group.ordinal 
_pdbx_audit_revision_group.revision_ordinal 
_pdbx_audit_revision_group.data_content_type 
_pdbx_audit_revision_group.group 
1 2 'Structure model' 'Database references'    
2 3 'Structure model' 'Data collection'        
3 3 'Structure model' 'Refinement description' 
# 
loop_
_pdbx_audit_revision_category.ordinal 
_pdbx_audit_revision_category.revision_ordinal 
_pdbx_audit_revision_category.data_content_type 
_pdbx_audit_revision_category.category 
1 2 'Structure model' citation                      
2 2 'Structure model' citation_author               
3 2 'Structure model' database_2                    
4 3 'Structure model' chem_comp_atom                
5 3 'Structure model' chem_comp_bond                
6 3 'Structure model' pdbx_initial_refinement_model 
# 
loop_
_pdbx_audit_revision_item.ordinal 
_pdbx_audit_revision_item.revision_ordinal 
_pdbx_audit_revision_item.data_content_type 
_pdbx_audit_revision_item.item 
1  2 'Structure model' '_citation.country'                   
2  2 'Structure model' '_citation.journal_abbrev'            
3  2 'Structure model' '_citation.journal_id_ASTM'           
4  2 'Structure model' '_citation.journal_id_CSD'            
5  2 'Structure model' '_citation.journal_id_ISSN'           
6  2 'Structure model' '_citation.journal_volume'            
7  2 'Structure model' '_citation.pdbx_database_id_DOI'      
8  2 'Structure model' '_citation.pdbx_database_id_PubMed'   
9  2 'Structure model' '_citation.title'                     
10 2 'Structure model' '_citation.year'                      
11 2 'Structure model' '_citation_author.identifier_ORCID'   
12 2 'Structure model' '_database_2.pdbx_DOI'                
13 2 'Structure model' '_database_2.pdbx_database_accession' 
# 
_phasing.method   MR 
# 
loop_
_software.citation_id 
_software.classification 
_software.compiler_name 
_software.compiler_version 
_software.contact_author 
_software.contact_author_email 
_software.date 
_software.description 
_software.dependencies 
_software.hardware 
_software.language 
_software.location 
_software.mods 
_software.name 
_software.os 
_software.os_version 
_software.type 
_software.version 
_software.pdbx_ordinal 
? 'data reduction'  ? ? 'Wolfgang Kabsch' Wolfgang.Kabsch@mpimf-heidelberg.mpg.de ?               ? ? ? ?          
http://www.mpimf-heidelberg.mpg.de/~kabsch/xds/     ? XDS         ? ? package .           1 
? 'data scaling'    ? ? 'Phil Evans'      ?                                       29/03/17        ? ? ? ?          
http://www.mrc-lmb.cam.ac.uk/harry/pre/aimless.html ? Aimless     ? ? program 0.5.32      2 
? phasing           ? ? 'Alexei Vaguine'  alexei@ysbl.york.ac.uk                  ?               ? ? ? Fortran_77 
http://www.ccp4.ac.uk/dist/html/molrep.html         ? MOLREP      ? ? program .           3 
? refinement        ? ? 'Paul D. Adams'   PDAdams@lbl.gov                         ?               ? ? ? C++        
http://www.phenix-online.org/                       ? PHENIX      ? ? package 1.11.1_2575 4 
? 'data extraction' ? ? PDB               deposit@deposit.rcsb.org                'Oct. 31, 2020' ? ? ? C++        
http://sw-tools.pdb.org/apps/PDB_EXTRACT/           ? PDB_EXTRACT ? ? package 3.27        5 
# 
_pdbx_entry_details.entry_id                 7LOA 
_pdbx_entry_details.has_ligand_of_interest   Y 
_pdbx_entry_details.compound_details         ? 
_pdbx_entry_details.source_details           ? 
_pdbx_entry_details.nonpolymer_details       ? 
_pdbx_entry_details.sequence_details         ? 
# 
_pdbx_validate_torsion.id              1 
_pdbx_validate_torsion.PDB_model_num   1 
_pdbx_validate_torsion.auth_comp_id    PHE 
_pdbx_validate_torsion.auth_asym_id    A 
_pdbx_validate_torsion.auth_seq_id     114 
_pdbx_validate_torsion.PDB_ins_code    ? 
_pdbx_validate_torsion.label_alt_id    C 
_pdbx_validate_torsion.phi             -71.55 
_pdbx_validate_torsion.psi             48.45 
# 
loop_
_pdbx_unobs_or_zero_occ_residues.id 
_pdbx_unobs_or_zero_occ_residues.PDB_model_num 
_pdbx_unobs_or_zero_occ_residues.polymer_flag 
_pdbx_unobs_or_zero_occ_residues.occupancy_flag 
_pdbx_unobs_or_zero_occ_residues.auth_asym_id 
_pdbx_unobs_or_zero_occ_residues.auth_comp_id 
_pdbx_unobs_or_zero_occ_residues.auth_seq_id 
_pdbx_unobs_or_zero_occ_residues.PDB_ins_code 
_pdbx_unobs_or_zero_occ_residues.label_asym_id 
_pdbx_unobs_or_zero_occ_residues.label_comp_id 
_pdbx_unobs_or_zero_occ_residues.label_seq_id 
1 1 Y 1 A LEU 164 ? A LEU 164 
2 1 Y 1 A LEU 165 ? A LEU 165 
3 1 Y 1 A GLU 166 ? A GLU 166 
4 1 Y 1 A HIS 167 ? A HIS 167 
5 1 Y 1 A HIS 168 ? A HIS 168 
6 1 Y 1 A HIS 169 ? A HIS 169 
7 1 Y 1 A HIS 170 ? A HIS 170 
8 1 Y 1 A HIS 171 ? A HIS 171 
9 1 Y 1 A HIS 172 ? A HIS 172 
# 
loop_
_chem_comp_atom.comp_id 
_chem_comp_atom.atom_id 
_chem_comp_atom.type_symbol 
_chem_comp_atom.pdbx_aromatic_flag 
_chem_comp_atom.pdbx_stereo_config 
_chem_comp_atom.pdbx_ordinal 
ALA N    N N N 1   
ALA CA   C N S 2   
ALA C    C N N 3   
ALA O    O N N 4   
ALA CB   C N N 5   
ALA OXT  O N N 6   
ALA H    H N N 7   
ALA H2   H N N 8   
ALA HA   H N N 9   
ALA HB1  H N N 10  
ALA HB2  H N N 11  
ALA HB3  H N N 12  
ALA HXT  H N N 13  
ARG N    N N N 14  
ARG CA   C N S 15  
ARG C    C N N 16  
ARG O    O N N 17  
ARG CB   C N N 18  
ARG CG   C N N 19  
ARG CD   C N N 20  
ARG NE   N N N 21  
ARG CZ   C N N 22  
ARG NH1  N N N 23  
ARG NH2  N N N 24  
ARG OXT  O N N 25  
ARG H    H N N 26  
ARG H2   H N N 27  
ARG HA   H N N 28  
ARG HB2  H N N 29  
ARG HB3  H N N 30  
ARG HG2  H N N 31  
ARG HG3  H N N 32  
ARG HD2  H N N 33  
ARG HD3  H N N 34  
ARG HE   H N N 35  
ARG HH11 H N N 36  
ARG HH12 H N N 37  
ARG HH21 H N N 38  
ARG HH22 H N N 39  
ARG HXT  H N N 40  
ASN N    N N N 41  
ASN CA   C N S 42  
ASN C    C N N 43  
ASN O    O N N 44  
ASN CB   C N N 45  
ASN CG   C N N 46  
ASN OD1  O N N 47  
ASN ND2  N N N 48  
ASN OXT  O N N 49  
ASN H    H N N 50  
ASN H2   H N N 51  
ASN HA   H N N 52  
ASN HB2  H N N 53  
ASN HB3  H N N 54  
ASN HD21 H N N 55  
ASN HD22 H N N 56  
ASN HXT  H N N 57  
ASP N    N N N 58  
ASP CA   C N S 59  
ASP C    C N N 60  
ASP O    O N N 61  
ASP CB   C N N 62  
ASP CG   C N N 63  
ASP OD1  O N N 64  
ASP OD2  O N N 65  
ASP OXT  O N N 66  
ASP H    H N N 67  
ASP H2   H N N 68  
ASP HA   H N N 69  
ASP HB2  H N N 70  
ASP HB3  H N N 71  
ASP HD2  H N N 72  
ASP HXT  H N N 73  
BME C1   C N N 74  
BME C2   C N N 75  
BME O1   O N N 76  
BME S2   S N N 77  
BME H11  H N N 78  
BME H12  H N N 79  
BME H21  H N N 80  
BME H22  H N N 81  
BME HO1  H N N 82  
BME HS2  H N N 83  
CYS N    N N N 84  
CYS CA   C N R 85  
CYS C    C N N 86  
CYS O    O N N 87  
CYS CB   C N N 88  
CYS SG   S N N 89  
CYS OXT  O N N 90  
CYS H    H N N 91  
CYS H2   H N N 92  
CYS HA   H N N 93  
CYS HB2  H N N 94  
CYS HB3  H N N 95  
CYS HG   H N N 96  
CYS HXT  H N N 97  
GLN N    N N N 98  
GLN CA   C N S 99  
GLN C    C N N 100 
GLN O    O N N 101 
GLN CB   C N N 102 
GLN CG   C N N 103 
GLN CD   C N N 104 
GLN OE1  O N N 105 
GLN NE2  N N N 106 
GLN OXT  O N N 107 
GLN H    H N N 108 
GLN H2   H N N 109 
GLN HA   H N N 110 
GLN HB2  H N N 111 
GLN HB3  H N N 112 
GLN HG2  H N N 113 
GLN HG3  H N N 114 
GLN HE21 H N N 115 
GLN HE22 H N N 116 
GLN HXT  H N N 117 
GLU N    N N N 118 
GLU CA   C N S 119 
GLU C    C N N 120 
GLU O    O N N 121 
GLU CB   C N N 122 
GLU CG   C N N 123 
GLU CD   C N N 124 
GLU OE1  O N N 125 
GLU OE2  O N N 126 
GLU OXT  O N N 127 
GLU H    H N N 128 
GLU H2   H N N 129 
GLU HA   H N N 130 
GLU HB2  H N N 131 
GLU HB3  H N N 132 
GLU HG2  H N N 133 
GLU HG3  H N N 134 
GLU HE2  H N N 135 
GLU HXT  H N N 136 
GLY N    N N N 137 
GLY CA   C N N 138 
GLY C    C N N 139 
GLY O    O N N 140 
GLY OXT  O N N 141 
GLY H    H N N 142 
GLY H2   H N N 143 
GLY HA2  H N N 144 
GLY HA3  H N N 145 
GLY HXT  H N N 146 
HIS N    N N N 147 
HIS CA   C N S 148 
HIS C    C N N 149 
HIS O    O N N 150 
HIS CB   C N N 151 
HIS CG   C Y N 152 
HIS ND1  N Y N 153 
HIS CD2  C Y N 154 
HIS CE1  C Y N 155 
HIS NE2  N Y N 156 
HIS OXT  O N N 157 
HIS H    H N N 158 
HIS H2   H N N 159 
HIS HA   H N N 160 
HIS HB2  H N N 161 
HIS HB3  H N N 162 
HIS HD1  H N N 163 
HIS HD2  H N N 164 
HIS HE1  H N N 165 
HIS HE2  H N N 166 
HIS HXT  H N N 167 
HOH O    O N N 168 
HOH H1   H N N 169 
HOH H2   H N N 170 
ILE N    N N N 171 
ILE CA   C N S 172 
ILE C    C N N 173 
ILE O    O N N 174 
ILE CB   C N S 175 
ILE CG1  C N N 176 
ILE CG2  C N N 177 
ILE CD1  C N N 178 
ILE OXT  O N N 179 
ILE H    H N N 180 
ILE H2   H N N 181 
ILE HA   H N N 182 
ILE HB   H N N 183 
ILE HG12 H N N 184 
ILE HG13 H N N 185 
ILE HG21 H N N 186 
ILE HG22 H N N 187 
ILE HG23 H N N 188 
ILE HD11 H N N 189 
ILE HD12 H N N 190 
ILE HD13 H N N 191 
ILE HXT  H N N 192 
LEU N    N N N 193 
LEU CA   C N S 194 
LEU C    C N N 195 
LEU O    O N N 196 
LEU CB   C N N 197 
LEU CG   C N N 198 
LEU CD1  C N N 199 
LEU CD2  C N N 200 
LEU OXT  O N N 201 
LEU H    H N N 202 
LEU H2   H N N 203 
LEU HA   H N N 204 
LEU HB2  H N N 205 
LEU HB3  H N N 206 
LEU HG   H N N 207 
LEU HD11 H N N 208 
LEU HD12 H N N 209 
LEU HD13 H N N 210 
LEU HD21 H N N 211 
LEU HD22 H N N 212 
LEU HD23 H N N 213 
LEU HXT  H N N 214 
LYS N    N N N 215 
LYS CA   C N S 216 
LYS C    C N N 217 
LYS O    O N N 218 
LYS CB   C N N 219 
LYS CG   C N N 220 
LYS CD   C N N 221 
LYS CE   C N N 222 
LYS NZ   N N N 223 
LYS OXT  O N N 224 
LYS H    H N N 225 
LYS H2   H N N 226 
LYS HA   H N N 227 
LYS HB2  H N N 228 
LYS HB3  H N N 229 
LYS HG2  H N N 230 
LYS HG3  H N N 231 
LYS HD2  H N N 232 
LYS HD3  H N N 233 
LYS HE2  H N N 234 
LYS HE3  H N N 235 
LYS HZ1  H N N 236 
LYS HZ2  H N N 237 
LYS HZ3  H N N 238 
LYS HXT  H N N 239 
MET N    N N N 240 
MET CA   C N S 241 
MET C    C N N 242 
MET O    O N N 243 
MET CB   C N N 244 
MET CG   C N N 245 
MET SD   S N N 246 
MET CE   C N N 247 
MET OXT  O N N 248 
MET H    H N N 249 
MET H2   H N N 250 
MET HA   H N N 251 
MET HB2  H N N 252 
MET HB3  H N N 253 
MET HG2  H N N 254 
MET HG3  H N N 255 
MET HE1  H N N 256 
MET HE2  H N N 257 
MET HE3  H N N 258 
MET HXT  H N N 259 
PHE N    N N N 260 
PHE CA   C N S 261 
PHE C    C N N 262 
PHE O    O N N 263 
PHE CB   C N N 264 
PHE CG   C Y N 265 
PHE CD1  C Y N 266 
PHE CD2  C Y N 267 
PHE CE1  C Y N 268 
PHE CE2  C Y N 269 
PHE CZ   C Y N 270 
PHE OXT  O N N 271 
PHE H    H N N 272 
PHE H2   H N N 273 
PHE HA   H N N 274 
PHE HB2  H N N 275 
PHE HB3  H N N 276 
PHE HD1  H N N 277 
PHE HD2  H N N 278 
PHE HE1  H N N 279 
PHE HE2  H N N 280 
PHE HZ   H N N 281 
PHE HXT  H N N 282 
PRO N    N N N 283 
PRO CA   C N S 284 
PRO C    C N N 285 
PRO O    O N N 286 
PRO CB   C N N 287 
PRO CG   C N N 288 
PRO CD   C N N 289 
PRO OXT  O N N 290 
PRO H    H N N 291 
PRO HA   H N N 292 
PRO HB2  H N N 293 
PRO HB3  H N N 294 
PRO HG2  H N N 295 
PRO HG3  H N N 296 
PRO HD2  H N N 297 
PRO HD3  H N N 298 
PRO HXT  H N N 299 
SER N    N N N 300 
SER CA   C N S 301 
SER C    C N N 302 
SER O    O N N 303 
SER CB   C N N 304 
SER OG   O N N 305 
SER OXT  O N N 306 
SER H    H N N 307 
SER H2   H N N 308 
SER HA   H N N 309 
SER HB2  H N N 310 
SER HB3  H N N 311 
SER HG   H N N 312 
SER HXT  H N N 313 
THR N    N N N 314 
THR CA   C N S 315 
THR C    C N N 316 
THR O    O N N 317 
THR CB   C N R 318 
THR OG1  O N N 319 
THR CG2  C N N 320 
THR OXT  O N N 321 
THR H    H N N 322 
THR H2   H N N 323 
THR HA   H N N 324 
THR HB   H N N 325 
THR HG1  H N N 326 
THR HG21 H N N 327 
THR HG22 H N N 328 
THR HG23 H N N 329 
THR HXT  H N N 330 
TRP N    N N N 331 
TRP CA   C N S 332 
TRP C    C N N 333 
TRP O    O N N 334 
TRP CB   C N N 335 
TRP CG   C Y N 336 
TRP CD1  C Y N 337 
TRP CD2  C Y N 338 
TRP NE1  N Y N 339 
TRP CE2  C Y N 340 
TRP CE3  C Y N 341 
TRP CZ2  C Y N 342 
TRP CZ3  C Y N 343 
TRP CH2  C Y N 344 
TRP OXT  O N N 345 
TRP H    H N N 346 
TRP H2   H N N 347 
TRP HA   H N N 348 
TRP HB2  H N N 349 
TRP HB3  H N N 350 
TRP HD1  H N N 351 
TRP HE1  H N N 352 
TRP HE3  H N N 353 
TRP HZ2  H N N 354 
TRP HZ3  H N N 355 
TRP HH2  H N N 356 
TRP HXT  H N N 357 
TRS C    C N N 358 
TRS C1   C N N 359 
TRS C2   C N N 360 
TRS C3   C N N 361 
TRS N    N N N 362 
TRS O1   O N N 363 
TRS O2   O N N 364 
TRS O3   O N N 365 
TRS H11  H N N 366 
TRS H12  H N N 367 
TRS H21  H N N 368 
TRS H22  H N N 369 
TRS H31  H N N 370 
TRS H32  H N N 371 
TRS HN1  H N N 372 
TRS HN2  H N N 373 
TRS HN3  H N N 374 
TRS HO1  H N N 375 
TRS HO2  H N N 376 
TRS HO3  H N N 377 
TYR N    N N N 378 
TYR CA   C N S 379 
TYR C    C N N 380 
TYR O    O N N 381 
TYR CB   C N N 382 
TYR CG   C Y N 383 
TYR CD1  C Y N 384 
TYR CD2  C Y N 385 
TYR CE1  C Y N 386 
TYR CE2  C Y N 387 
TYR CZ   C Y N 388 
TYR OH   O N N 389 
TYR OXT  O N N 390 
TYR H    H N N 391 
TYR H2   H N N 392 
TYR HA   H N N 393 
TYR HB2  H N N 394 
TYR HB3  H N N 395 
TYR HD1  H N N 396 
TYR HD2  H N N 397 
TYR HE1  H N N 398 
TYR HE2  H N N 399 
TYR HH   H N N 400 
TYR HXT  H N N 401 
VAL N    N N N 402 
VAL CA   C N S 403 
VAL C    C N N 404 
VAL O    O N N 405 
VAL CB   C N N 406 
VAL CG1  C N N 407 
VAL CG2  C N N 408 
VAL OXT  O N N 409 
VAL H    H N N 410 
VAL H2   H N N 411 
VAL HA   H N N 412 
VAL HB   H N N 413 
VAL HG11 H N N 414 
VAL HG12 H N N 415 
VAL HG13 H N N 416 
VAL HG21 H N N 417 
VAL HG22 H N N 418 
VAL HG23 H N N 419 
VAL HXT  H N N 420 
Y7V C02  C Y N 421 
Y7V C03  C Y N 422 
Y7V C04  C Y N 423 
Y7V C05  C Y N 424 
Y7V C06  C Y N 425 
Y7V C08  C Y N 426 
Y7V F01  F N N 427 
Y7V I07  I N N 428 
Y7V H1   H N N 429 
Y7V H2   H N N 430 
Y7V H3   H N N 431 
Y7V H4   H N N 432 
# 
loop_
_chem_comp_bond.comp_id 
_chem_comp_bond.atom_id_1 
_chem_comp_bond.atom_id_2 
_chem_comp_bond.value_order 
_chem_comp_bond.pdbx_aromatic_flag 
_chem_comp_bond.pdbx_stereo_config 
_chem_comp_bond.pdbx_ordinal 
ALA N   CA   sing N N 1   
ALA N   H    sing N N 2   
ALA N   H2   sing N N 3   
ALA CA  C    sing N N 4   
ALA CA  CB   sing N N 5   
ALA CA  HA   sing N N 6   
ALA C   O    doub N N 7   
ALA C   OXT  sing N N 8   
ALA CB  HB1  sing N N 9   
ALA CB  HB2  sing N N 10  
ALA CB  HB3  sing N N 11  
ALA OXT HXT  sing N N 12  
ARG N   CA   sing N N 13  
ARG N   H    sing N N 14  
ARG N   H2   sing N N 15  
ARG CA  C    sing N N 16  
ARG CA  CB   sing N N 17  
ARG CA  HA   sing N N 18  
ARG C   O    doub N N 19  
ARG C   OXT  sing N N 20  
ARG CB  CG   sing N N 21  
ARG CB  HB2  sing N N 22  
ARG CB  HB3  sing N N 23  
ARG CG  CD   sing N N 24  
ARG CG  HG2  sing N N 25  
ARG CG  HG3  sing N N 26  
ARG CD  NE   sing N N 27  
ARG CD  HD2  sing N N 28  
ARG CD  HD3  sing N N 29  
ARG NE  CZ   sing N N 30  
ARG NE  HE   sing N N 31  
ARG CZ  NH1  sing N N 32  
ARG CZ  NH2  doub N N 33  
ARG NH1 HH11 sing N N 34  
ARG NH1 HH12 sing N N 35  
ARG NH2 HH21 sing N N 36  
ARG NH2 HH22 sing N N 37  
ARG OXT HXT  sing N N 38  
ASN N   CA   sing N N 39  
ASN N   H    sing N N 40  
ASN N   H2   sing N N 41  
ASN CA  C    sing N N 42  
ASN CA  CB   sing N N 43  
ASN CA  HA   sing N N 44  
ASN C   O    doub N N 45  
ASN C   OXT  sing N N 46  
ASN CB  CG   sing N N 47  
ASN CB  HB2  sing N N 48  
ASN CB  HB3  sing N N 49  
ASN CG  OD1  doub N N 50  
ASN CG  ND2  sing N N 51  
ASN ND2 HD21 sing N N 52  
ASN ND2 HD22 sing N N 53  
ASN OXT HXT  sing N N 54  
ASP N   CA   sing N N 55  
ASP N   H    sing N N 56  
ASP N   H2   sing N N 57  
ASP CA  C    sing N N 58  
ASP CA  CB   sing N N 59  
ASP CA  HA   sing N N 60  
ASP C   O    doub N N 61  
ASP C   OXT  sing N N 62  
ASP CB  CG   sing N N 63  
ASP CB  HB2  sing N N 64  
ASP CB  HB3  sing N N 65  
ASP CG  OD1  doub N N 66  
ASP CG  OD2  sing N N 67  
ASP OD2 HD2  sing N N 68  
ASP OXT HXT  sing N N 69  
BME C1  C2   sing N N 70  
BME C1  O1   sing N N 71  
BME C1  H11  sing N N 72  
BME C1  H12  sing N N 73  
BME C2  S2   sing N N 74  
BME C2  H21  sing N N 75  
BME C2  H22  sing N N 76  
BME O1  HO1  sing N N 77  
BME S2  HS2  sing N N 78  
CYS N   CA   sing N N 79  
CYS N   H    sing N N 80  
CYS N   H2   sing N N 81  
CYS CA  C    sing N N 82  
CYS CA  CB   sing N N 83  
CYS CA  HA   sing N N 84  
CYS C   O    doub N N 85  
CYS C   OXT  sing N N 86  
CYS CB  SG   sing N N 87  
CYS CB  HB2  sing N N 88  
CYS CB  HB3  sing N N 89  
CYS SG  HG   sing N N 90  
CYS OXT HXT  sing N N 91  
GLN N   CA   sing N N 92  
GLN N   H    sing N N 93  
GLN N   H2   sing N N 94  
GLN CA  C    sing N N 95  
GLN CA  CB   sing N N 96  
GLN CA  HA   sing N N 97  
GLN C   O    doub N N 98  
GLN C   OXT  sing N N 99  
GLN CB  CG   sing N N 100 
GLN CB  HB2  sing N N 101 
GLN CB  HB3  sing N N 102 
GLN CG  CD   sing N N 103 
GLN CG  HG2  sing N N 104 
GLN CG  HG3  sing N N 105 
GLN CD  OE1  doub N N 106 
GLN CD  NE2  sing N N 107 
GLN NE2 HE21 sing N N 108 
GLN NE2 HE22 sing N N 109 
GLN OXT HXT  sing N N 110 
GLU N   CA   sing N N 111 
GLU N   H    sing N N 112 
GLU N   H2   sing N N 113 
GLU CA  C    sing N N 114 
GLU CA  CB   sing N N 115 
GLU CA  HA   sing N N 116 
GLU C   O    doub N N 117 
GLU C   OXT  sing N N 118 
GLU CB  CG   sing N N 119 
GLU CB  HB2  sing N N 120 
GLU CB  HB3  sing N N 121 
GLU CG  CD   sing N N 122 
GLU CG  HG2  sing N N 123 
GLU CG  HG3  sing N N 124 
GLU CD  OE1  doub N N 125 
GLU CD  OE2  sing N N 126 
GLU OE2 HE2  sing N N 127 
GLU OXT HXT  sing N N 128 
GLY N   CA   sing N N 129 
GLY N   H    sing N N 130 
GLY N   H2   sing N N 131 
GLY CA  C    sing N N 132 
GLY CA  HA2  sing N N 133 
GLY CA  HA3  sing N N 134 
GLY C   O    doub N N 135 
GLY C   OXT  sing N N 136 
GLY OXT HXT  sing N N 137 
HIS N   CA   sing N N 138 
HIS N   H    sing N N 139 
HIS N   H2   sing N N 140 
HIS CA  C    sing N N 141 
HIS CA  CB   sing N N 142 
HIS CA  HA   sing N N 143 
HIS C   O    doub N N 144 
HIS C   OXT  sing N N 145 
HIS CB  CG   sing N N 146 
HIS CB  HB2  sing N N 147 
HIS CB  HB3  sing N N 148 
HIS CG  ND1  sing Y N 149 
HIS CG  CD2  doub Y N 150 
HIS ND1 CE1  doub Y N 151 
HIS ND1 HD1  sing N N 152 
HIS CD2 NE2  sing Y N 153 
HIS CD2 HD2  sing N N 154 
HIS CE1 NE2  sing Y N 155 
HIS CE1 HE1  sing N N 156 
HIS NE2 HE2  sing N N 157 
HIS OXT HXT  sing N N 158 
HOH O   H1   sing N N 159 
HOH O   H2   sing N N 160 
ILE N   CA   sing N N 161 
ILE N   H    sing N N 162 
ILE N   H2   sing N N 163 
ILE CA  C    sing N N 164 
ILE CA  CB   sing N N 165 
ILE CA  HA   sing N N 166 
ILE C   O    doub N N 167 
ILE C   OXT  sing N N 168 
ILE CB  CG1  sing N N 169 
ILE CB  CG2  sing N N 170 
ILE CB  HB   sing N N 171 
ILE CG1 CD1  sing N N 172 
ILE CG1 HG12 sing N N 173 
ILE CG1 HG13 sing N N 174 
ILE CG2 HG21 sing N N 175 
ILE CG2 HG22 sing N N 176 
ILE CG2 HG23 sing N N 177 
ILE CD1 HD11 sing N N 178 
ILE CD1 HD12 sing N N 179 
ILE CD1 HD13 sing N N 180 
ILE OXT HXT  sing N N 181 
LEU N   CA   sing N N 182 
LEU N   H    sing N N 183 
LEU N   H2   sing N N 184 
LEU CA  C    sing N N 185 
LEU CA  CB   sing N N 186 
LEU CA  HA   sing N N 187 
LEU C   O    doub N N 188 
LEU C   OXT  sing N N 189 
LEU CB  CG   sing N N 190 
LEU CB  HB2  sing N N 191 
LEU CB  HB3  sing N N 192 
LEU CG  CD1  sing N N 193 
LEU CG  CD2  sing N N 194 
LEU CG  HG   sing N N 195 
LEU CD1 HD11 sing N N 196 
LEU CD1 HD12 sing N N 197 
LEU CD1 HD13 sing N N 198 
LEU CD2 HD21 sing N N 199 
LEU CD2 HD22 sing N N 200 
LEU CD2 HD23 sing N N 201 
LEU OXT HXT  sing N N 202 
LYS N   CA   sing N N 203 
LYS N   H    sing N N 204 
LYS N   H2   sing N N 205 
LYS CA  C    sing N N 206 
LYS CA  CB   sing N N 207 
LYS CA  HA   sing N N 208 
LYS C   O    doub N N 209 
LYS C   OXT  sing N N 210 
LYS CB  CG   sing N N 211 
LYS CB  HB2  sing N N 212 
LYS CB  HB3  sing N N 213 
LYS CG  CD   sing N N 214 
LYS CG  HG2  sing N N 215 
LYS CG  HG3  sing N N 216 
LYS CD  CE   sing N N 217 
LYS CD  HD2  sing N N 218 
LYS CD  HD3  sing N N 219 
LYS CE  NZ   sing N N 220 
LYS CE  HE2  sing N N 221 
LYS CE  HE3  sing N N 222 
LYS NZ  HZ1  sing N N 223 
LYS NZ  HZ2  sing N N 224 
LYS NZ  HZ3  sing N N 225 
LYS OXT HXT  sing N N 226 
MET N   CA   sing N N 227 
MET N   H    sing N N 228 
MET N   H2   sing N N 229 
MET CA  C    sing N N 230 
MET CA  CB   sing N N 231 
MET CA  HA   sing N N 232 
MET C   O    doub N N 233 
MET C   OXT  sing N N 234 
MET CB  CG   sing N N 235 
MET CB  HB2  sing N N 236 
MET CB  HB3  sing N N 237 
MET CG  SD   sing N N 238 
MET CG  HG2  sing N N 239 
MET CG  HG3  sing N N 240 
MET SD  CE   sing N N 241 
MET CE  HE1  sing N N 242 
MET CE  HE2  sing N N 243 
MET CE  HE3  sing N N 244 
MET OXT HXT  sing N N 245 
PHE N   CA   sing N N 246 
PHE N   H    sing N N 247 
PHE N   H2   sing N N 248 
PHE CA  C    sing N N 249 
PHE CA  CB   sing N N 250 
PHE CA  HA   sing N N 251 
PHE C   O    doub N N 252 
PHE C   OXT  sing N N 253 
PHE CB  CG   sing N N 254 
PHE CB  HB2  sing N N 255 
PHE CB  HB3  sing N N 256 
PHE CG  CD1  doub Y N 257 
PHE CG  CD2  sing Y N 258 
PHE CD1 CE1  sing Y N 259 
PHE CD1 HD1  sing N N 260 
PHE CD2 CE2  doub Y N 261 
PHE CD2 HD2  sing N N 262 
PHE CE1 CZ   doub Y N 263 
PHE CE1 HE1  sing N N 264 
PHE CE2 CZ   sing Y N 265 
PHE CE2 HE2  sing N N 266 
PHE CZ  HZ   sing N N 267 
PHE OXT HXT  sing N N 268 
PRO N   CA   sing N N 269 
PRO N   CD   sing N N 270 
PRO N   H    sing N N 271 
PRO CA  C    sing N N 272 
PRO CA  CB   sing N N 273 
PRO CA  HA   sing N N 274 
PRO C   O    doub N N 275 
PRO C   OXT  sing N N 276 
PRO CB  CG   sing N N 277 
PRO CB  HB2  sing N N 278 
PRO CB  HB3  sing N N 279 
PRO CG  CD   sing N N 280 
PRO CG  HG2  sing N N 281 
PRO CG  HG3  sing N N 282 
PRO CD  HD2  sing N N 283 
PRO CD  HD3  sing N N 284 
PRO OXT HXT  sing N N 285 
SER N   CA   sing N N 286 
SER N   H    sing N N 287 
SER N   H2   sing N N 288 
SER CA  C    sing N N 289 
SER CA  CB   sing N N 290 
SER CA  HA   sing N N 291 
SER C   O    doub N N 292 
SER C   OXT  sing N N 293 
SER CB  OG   sing N N 294 
SER CB  HB2  sing N N 295 
SER CB  HB3  sing N N 296 
SER OG  HG   sing N N 297 
SER OXT HXT  sing N N 298 
THR N   CA   sing N N 299 
THR N   H    sing N N 300 
THR N   H2   sing N N 301 
THR CA  C    sing N N 302 
THR CA  CB   sing N N 303 
THR CA  HA   sing N N 304 
THR C   O    doub N N 305 
THR C   OXT  sing N N 306 
THR CB  OG1  sing N N 307 
THR CB  CG2  sing N N 308 
THR CB  HB   sing N N 309 
THR OG1 HG1  sing N N 310 
THR CG2 HG21 sing N N 311 
THR CG2 HG22 sing N N 312 
THR CG2 HG23 sing N N 313 
THR OXT HXT  sing N N 314 
TRP N   CA   sing N N 315 
TRP N   H    sing N N 316 
TRP N   H2   sing N N 317 
TRP CA  C    sing N N 318 
TRP CA  CB   sing N N 319 
TRP CA  HA   sing N N 320 
TRP C   O    doub N N 321 
TRP C   OXT  sing N N 322 
TRP CB  CG   sing N N 323 
TRP CB  HB2  sing N N 324 
TRP CB  HB3  sing N N 325 
TRP CG  CD1  doub Y N 326 
TRP CG  CD2  sing Y N 327 
TRP CD1 NE1  sing Y N 328 
TRP CD1 HD1  sing N N 329 
TRP CD2 CE2  doub Y N 330 
TRP CD2 CE3  sing Y N 331 
TRP NE1 CE2  sing Y N 332 
TRP NE1 HE1  sing N N 333 
TRP CE2 CZ2  sing Y N 334 
TRP CE3 CZ3  doub Y N 335 
TRP CE3 HE3  sing N N 336 
TRP CZ2 CH2  doub Y N 337 
TRP CZ2 HZ2  sing N N 338 
TRP CZ3 CH2  sing Y N 339 
TRP CZ3 HZ3  sing N N 340 
TRP CH2 HH2  sing N N 341 
TRP OXT HXT  sing N N 342 
TRS C   C1   sing N N 343 
TRS C   C2   sing N N 344 
TRS C   C3   sing N N 345 
TRS C   N    sing N N 346 
TRS C1  O1   sing N N 347 
TRS C1  H11  sing N N 348 
TRS C1  H12  sing N N 349 
TRS C2  O2   sing N N 350 
TRS C2  H21  sing N N 351 
TRS C2  H22  sing N N 352 
TRS C3  O3   sing N N 353 
TRS C3  H31  sing N N 354 
TRS C3  H32  sing N N 355 
TRS N   HN1  sing N N 356 
TRS N   HN2  sing N N 357 
TRS N   HN3  sing N N 358 
TRS O1  HO1  sing N N 359 
TRS O2  HO2  sing N N 360 
TRS O3  HO3  sing N N 361 
TYR N   CA   sing N N 362 
TYR N   H    sing N N 363 
TYR N   H2   sing N N 364 
TYR CA  C    sing N N 365 
TYR CA  CB   sing N N 366 
TYR CA  HA   sing N N 367 
TYR C   O    doub N N 368 
TYR C   OXT  sing N N 369 
TYR CB  CG   sing N N 370 
TYR CB  HB2  sing N N 371 
TYR CB  HB3  sing N N 372 
TYR CG  CD1  doub Y N 373 
TYR CG  CD2  sing Y N 374 
TYR CD1 CE1  sing Y N 375 
TYR CD1 HD1  sing N N 376 
TYR CD2 CE2  doub Y N 377 
TYR CD2 HD2  sing N N 378 
TYR CE1 CZ   doub Y N 379 
TYR CE1 HE1  sing N N 380 
TYR CE2 CZ   sing Y N 381 
TYR CE2 HE2  sing N N 382 
TYR CZ  OH   sing N N 383 
TYR OH  HH   sing N N 384 
TYR OXT HXT  sing N N 385 
VAL N   CA   sing N N 386 
VAL N   H    sing N N 387 
VAL N   H2   sing N N 388 
VAL CA  C    sing N N 389 
VAL CA  CB   sing N N 390 
VAL CA  HA   sing N N 391 
VAL C   O    doub N N 392 
VAL C   OXT  sing N N 393 
VAL CB  CG1  sing N N 394 
VAL CB  CG2  sing N N 395 
VAL CB  HB   sing N N 396 
VAL CG1 HG11 sing N N 397 
VAL CG1 HG12 sing N N 398 
VAL CG1 HG13 sing N N 399 
VAL CG2 HG21 sing N N 400 
VAL CG2 HG22 sing N N 401 
VAL CG2 HG23 sing N N 402 
VAL OXT HXT  sing N N 403 
Y7V I07 C06  sing N N 404 
Y7V C05 C06  doub Y N 405 
Y7V C05 C04  sing Y N 406 
Y7V C06 C08  sing Y N 407 
Y7V C04 C03  doub Y N 408 
Y7V C08 C02  doub Y N 409 
Y7V C03 C02  sing Y N 410 
Y7V C02 F01  sing N N 411 
Y7V C03 H1   sing N N 412 
Y7V C04 H2   sing N N 413 
Y7V C05 H3   sing N N 414 
Y7V C08 H4   sing N N 415 
# 
_pdbx_audit_support.funding_organization   
'National Institutes of Health/National Institute of General Medical Sciences (NIH/NIGMS)' 
_pdbx_audit_support.country                'United States' 
_pdbx_audit_support.grant_number           ? 
_pdbx_audit_support.ordinal                1 
# 
_pdbx_entity_instance_feature.ordinal        1 
_pdbx_entity_instance_feature.comp_id        Y7V 
_pdbx_entity_instance_feature.asym_id        ? 
_pdbx_entity_instance_feature.seq_num        ? 
_pdbx_entity_instance_feature.auth_comp_id   Y7V 
_pdbx_entity_instance_feature.auth_asym_id   ? 
_pdbx_entity_instance_feature.auth_seq_num   ? 
_pdbx_entity_instance_feature.feature_type   'SUBJECT OF INVESTIGATION' 
_pdbx_entity_instance_feature.details        ? 
# 
loop_
_pdbx_entity_nonpoly.entity_id 
_pdbx_entity_nonpoly.name 
_pdbx_entity_nonpoly.comp_id 
2 1-fluoranyl-3-iodanyl-benzene            Y7V 
3 BETA-MERCAPTOETHANOL                     BME 
4 2-AMINO-2-HYDROXYMETHYL-PROPANE-1,3-DIOL TRS 
5 water                                    HOH 
# 
_pdbx_initial_refinement_model.id               1 
_pdbx_initial_refinement_model.entity_id_list   ? 
_pdbx_initial_refinement_model.type             'experimental model' 
_pdbx_initial_refinement_model.source_name      PDB 
_pdbx_initial_refinement_model.accession_code   4W57 
_pdbx_initial_refinement_model.details          ? 
# 
_pdbx_struct_assembly_auth_evidence.id                     1 
_pdbx_struct_assembly_auth_evidence.assembly_id            1 
_pdbx_struct_assembly_auth_evidence.experimental_support   none 
_pdbx_struct_assembly_auth_evidence.details                ? 
# 
